data_6E4N
# 
_entry.id   6E4N 
# 
_audit_conform.dict_name       mmcif_pdbx.dic 
_audit_conform.dict_version    5.379 
_audit_conform.dict_location   http://mmcif.pdb.org/dictionaries/ascii/mmcif_pdbx.dic 
# 
loop_
_database_2.database_id 
_database_2.database_code 
_database_2.pdbx_database_accession 
_database_2.pdbx_DOI 
PDB   6E4N         pdb_00006e4n 10.2210/pdb6e4n/pdb 
WWPDB D_1000235710 ?            ?                   
# 
_pdbx_database_status.status_code                     REL 
_pdbx_database_status.status_code_sf                  REL 
_pdbx_database_status.status_code_mr                  ? 
_pdbx_database_status.entry_id                        6E4N 
_pdbx_database_status.recvd_initial_deposition_date   2018-07-18 
_pdbx_database_status.SG_entry                        N 
_pdbx_database_status.deposit_site                    RCSB 
_pdbx_database_status.process_site                    RCSB 
_pdbx_database_status.status_code_cs                  ? 
_pdbx_database_status.methods_development_category    ? 
_pdbx_database_status.pdb_format_compatible           Y 
_pdbx_database_status.status_code_nmr_data            ? 
# 
_audit_author.name               'Schumacher, M.A.' 
_audit_author.pdbx_ordinal       1 
_audit_author.identifier_ORCID   ? 
# 
_citation.abstract                  ? 
_citation.abstract_id_CAS           ? 
_citation.book_id_ISBN              ? 
_citation.book_publisher            ? 
_citation.book_publisher_city       ? 
_citation.book_title                ? 
_citation.coordinate_linkage        ? 
_citation.country                   UK 
_citation.database_id_Medline       ? 
_citation.details                   ? 
_citation.id                        primary 
_citation.journal_abbrev            'Nucleic Acids Res.' 
_citation.journal_id_ASTM           NARHAD 
_citation.journal_id_CSD            0389 
_citation.journal_id_ISSN           1362-4962 
_citation.journal_full              ? 
_citation.journal_issue             ? 
_citation.journal_volume            47 
_citation.language                  ? 
_citation.page_first                2130 
_citation.page_last                 2142 
_citation.title                     'The RRM of the kRNA-editing protein TbRGG2 uses multiple surfaces to bind and remodel RNA.' 
_citation.year                      2019 
_citation.database_id_CSD           ? 
_citation.pdbx_database_id_DOI      10.1093/nar/gky1259 
_citation.pdbx_database_id_PubMed   30544166 
_citation.unpublished_flag          ? 
# 
loop_
_citation_author.citation_id 
_citation_author.name 
_citation_author.ordinal 
_citation_author.identifier_ORCID 
primary 'Travis, B.'       1 ? 
primary 'Shaw, P.L.R.'     2 ? 
primary 'Liu, B.'          3 ? 
primary 'Ravindra, K.'     4 ? 
primary 'Iliff, H.'        5 ? 
primary 'Al-Hashimi, H.M.' 6 ? 
primary 'Schumacher, M.A.' 7 ? 
# 
_cell.angle_alpha                  90.000 
_cell.angle_alpha_esd              ? 
_cell.angle_beta                   90.000 
_cell.angle_beta_esd               ? 
_cell.angle_gamma                  120.000 
_cell.angle_gamma_esd              ? 
_cell.entry_id                     6E4N 
_cell.details                      ? 
_cell.formula_units_Z              ? 
_cell.length_a                     59.871 
_cell.length_a_esd                 ? 
_cell.length_b                     59.871 
_cell.length_b_esd                 ? 
_cell.length_c                     57.571 
_cell.length_c_esd                 ? 
_cell.volume                       ? 
_cell.volume_esd                   ? 
_cell.Z_PDB                        9 
_cell.reciprocal_angle_alpha       ? 
_cell.reciprocal_angle_beta        ? 
_cell.reciprocal_angle_gamma       ? 
_cell.reciprocal_angle_alpha_esd   ? 
_cell.reciprocal_angle_beta_esd    ? 
_cell.reciprocal_angle_gamma_esd   ? 
_cell.reciprocal_length_a          ? 
_cell.reciprocal_length_b          ? 
_cell.reciprocal_length_c          ? 
_cell.reciprocal_length_a_esd      ? 
_cell.reciprocal_length_b_esd      ? 
_cell.reciprocal_length_c_esd      ? 
_cell.pdbx_unique_axis             ? 
# 
_symmetry.entry_id                         6E4N 
_symmetry.cell_setting                     ? 
_symmetry.Int_Tables_number                146 
_symmetry.space_group_name_Hall            ? 
_symmetry.space_group_name_H-M             'H 3' 
_symmetry.pdbx_full_space_group_name_H-M   ? 
# 
loop_
_entity.id 
_entity.type 
_entity.src_method 
_entity.pdbx_description 
_entity.formula_weight 
_entity.pdbx_number_of_molecules 
_entity.pdbx_ec 
_entity.pdbx_mutation 
_entity.pdbx_fragment 
_entity.details 
1 polymer man 'RNA-binding protein, putative' 7816.774 1  ? ? ? ? 
2 water   nat water                           18.015   93 ? ? ? ? 
# 
_entity_poly.entity_id                      1 
_entity_poly.type                           'polypeptide(L)' 
_entity_poly.nstd_linkage                   no 
_entity_poly.nstd_monomer                   no 
_entity_poly.pdbx_seq_one_letter_code       GSHMRVQVSGMSDETTWHTLKDHLRQAGEVTFCKVFSGGRAVVEFVTPEDAARAITELQASELEGATLFLR 
_entity_poly.pdbx_seq_one_letter_code_can   GSHMRVQVSGMSDETTWHTLKDHLRQAGEVTFCKVFSGGRAVVEFVTPEDAARAITELQASELEGATLFLR 
_entity_poly.pdbx_strand_id                 A 
_entity_poly.pdbx_target_identifier         ? 
# 
loop_
_entity_poly_seq.entity_id 
_entity_poly_seq.num 
_entity_poly_seq.mon_id 
_entity_poly_seq.hetero 
1 1  GLY n 
1 2  SER n 
1 3  HIS n 
1 4  MET n 
1 5  ARG n 
1 6  VAL n 
1 7  GLN n 
1 8  VAL n 
1 9  SER n 
1 10 GLY n 
1 11 MET n 
1 12 SER n 
1 13 ASP n 
1 14 GLU n 
1 15 THR n 
1 16 THR n 
1 17 TRP n 
1 18 HIS n 
1 19 THR n 
1 20 LEU n 
1 21 LYS n 
1 22 ASP n 
1 23 HIS n 
1 24 LEU n 
1 25 ARG n 
1 26 GLN n 
1 27 ALA n 
1 28 GLY n 
1 29 GLU n 
1 30 VAL n 
1 31 THR n 
1 32 PHE n 
1 33 CYS n 
1 34 LYS n 
1 35 VAL n 
1 36 PHE n 
1 37 SER n 
1 38 GLY n 
1 39 GLY n 
1 40 ARG n 
1 41 ALA n 
1 42 VAL n 
1 43 VAL n 
1 44 GLU n 
1 45 PHE n 
1 46 VAL n 
1 47 THR n 
1 48 PRO n 
1 49 GLU n 
1 50 ASP n 
1 51 ALA n 
1 52 ALA n 
1 53 ARG n 
1 54 ALA n 
1 55 ILE n 
1 56 THR n 
1 57 GLU n 
1 58 LEU n 
1 59 GLN n 
1 60 ALA n 
1 61 SER n 
1 62 GLU n 
1 63 LEU n 
1 64 GLU n 
1 65 GLY n 
1 66 ALA n 
1 67 THR n 
1 68 LEU n 
1 69 PHE n 
1 70 LEU n 
1 71 ARG n 
# 
_entity_src_gen.entity_id                          1 
_entity_src_gen.pdbx_src_id                        1 
_entity_src_gen.pdbx_alt_source_flag               sample 
_entity_src_gen.pdbx_seq_type                      'Biological sequence' 
_entity_src_gen.pdbx_beg_seq_num                   1 
_entity_src_gen.pdbx_end_seq_num                   71 
_entity_src_gen.gene_src_common_name               ? 
_entity_src_gen.gene_src_genus                     ? 
_entity_src_gen.pdbx_gene_src_gene                 ? 
_entity_src_gen.gene_src_species                   ? 
_entity_src_gen.gene_src_strain                    ? 
_entity_src_gen.gene_src_tissue                    ? 
_entity_src_gen.gene_src_tissue_fraction           ? 
_entity_src_gen.gene_src_details                   ? 
_entity_src_gen.pdbx_gene_src_fragment             ? 
_entity_src_gen.pdbx_gene_src_scientific_name      'Trypanosoma brucei' 
_entity_src_gen.pdbx_gene_src_ncbi_taxonomy_id     5691 
_entity_src_gen.pdbx_gene_src_variant              ? 
_entity_src_gen.pdbx_gene_src_cell_line            ? 
_entity_src_gen.pdbx_gene_src_atcc                 ? 
_entity_src_gen.pdbx_gene_src_organ                ? 
_entity_src_gen.pdbx_gene_src_organelle            ? 
_entity_src_gen.pdbx_gene_src_cell                 ? 
_entity_src_gen.pdbx_gene_src_cellular_location    ? 
_entity_src_gen.host_org_common_name               ? 
_entity_src_gen.pdbx_host_org_scientific_name      'Escherichia coli' 
_entity_src_gen.pdbx_host_org_ncbi_taxonomy_id     562 
_entity_src_gen.host_org_genus                     ? 
_entity_src_gen.pdbx_host_org_gene                 ? 
_entity_src_gen.pdbx_host_org_organ                ? 
_entity_src_gen.host_org_species                   ? 
_entity_src_gen.pdbx_host_org_tissue               ? 
_entity_src_gen.pdbx_host_org_tissue_fraction      ? 
_entity_src_gen.pdbx_host_org_strain               ? 
_entity_src_gen.pdbx_host_org_variant              ? 
_entity_src_gen.pdbx_host_org_cell_line            ? 
_entity_src_gen.pdbx_host_org_atcc                 ? 
_entity_src_gen.pdbx_host_org_culture_collection   ? 
_entity_src_gen.pdbx_host_org_cell                 ? 
_entity_src_gen.pdbx_host_org_organelle            ? 
_entity_src_gen.pdbx_host_org_cellular_location    ? 
_entity_src_gen.pdbx_host_org_vector_type          ? 
_entity_src_gen.pdbx_host_org_vector               ? 
_entity_src_gen.host_org_details                   ? 
_entity_src_gen.expression_system_id               ? 
_entity_src_gen.plasmid_name                       ? 
_entity_src_gen.plasmid_details                    ? 
_entity_src_gen.pdbx_description                   ? 
# 
_struct_ref.id                         1 
_struct_ref.db_name                    UNP 
_struct_ref.db_code                    Q389P7_TRYB2 
_struct_ref.pdbx_db_accession          Q389P7 
_struct_ref.pdbx_db_isoform            ? 
_struct_ref.entity_id                  1 
_struct_ref.pdbx_seq_one_letter_code   RVQVSGLSDETTWHTLKDHLRQAGEVTFCKVFSGGRAVVEFVTPEDAARAITELQASELEGATLFLR 
_struct_ref.pdbx_align_begin           193 
# 
_struct_ref_seq.align_id                      1 
_struct_ref_seq.ref_id                        1 
_struct_ref_seq.pdbx_PDB_id_code              6E4N 
_struct_ref_seq.pdbx_strand_id                A 
_struct_ref_seq.seq_align_beg                 5 
_struct_ref_seq.pdbx_seq_align_beg_ins_code   ? 
_struct_ref_seq.seq_align_end                 71 
_struct_ref_seq.pdbx_seq_align_end_ins_code   ? 
_struct_ref_seq.pdbx_db_accession             Q389P7 
_struct_ref_seq.db_align_beg                  193 
_struct_ref_seq.pdbx_db_align_beg_ins_code    ? 
_struct_ref_seq.db_align_end                  259 
_struct_ref_seq.pdbx_db_align_end_ins_code    ? 
_struct_ref_seq.pdbx_auth_seq_align_beg       203 
_struct_ref_seq.pdbx_auth_seq_align_end       269 
# 
loop_
_struct_ref_seq_dif.align_id 
_struct_ref_seq_dif.pdbx_pdb_id_code 
_struct_ref_seq_dif.mon_id 
_struct_ref_seq_dif.pdbx_pdb_strand_id 
_struct_ref_seq_dif.seq_num 
_struct_ref_seq_dif.pdbx_pdb_ins_code 
_struct_ref_seq_dif.pdbx_seq_db_name 
_struct_ref_seq_dif.pdbx_seq_db_accession_code 
_struct_ref_seq_dif.db_mon_id 
_struct_ref_seq_dif.pdbx_seq_db_seq_num 
_struct_ref_seq_dif.details 
_struct_ref_seq_dif.pdbx_auth_seq_num 
_struct_ref_seq_dif.pdbx_ordinal 
1 6E4N GLY A 1  ? UNP Q389P7 ?   ?   'expression tag'      199 1 
1 6E4N SER A 2  ? UNP Q389P7 ?   ?   'expression tag'      200 2 
1 6E4N HIS A 3  ? UNP Q389P7 ?   ?   'expression tag'      201 3 
1 6E4N MET A 4  ? UNP Q389P7 ?   ?   'expression tag'      202 4 
1 6E4N MET A 11 ? UNP Q389P7 LEU 199 'engineered mutation' 209 5 
# 
loop_
_chem_comp.id 
_chem_comp.type 
_chem_comp.mon_nstd_flag 
_chem_comp.name 
_chem_comp.pdbx_synonyms 
_chem_comp.formula 
_chem_comp.formula_weight 
ALA 'L-peptide linking' y ALANINE         ? 'C3 H7 N O2'     89.093  
ARG 'L-peptide linking' y ARGININE        ? 'C6 H15 N4 O2 1' 175.209 
ASP 'L-peptide linking' y 'ASPARTIC ACID' ? 'C4 H7 N O4'     133.103 
CYS 'L-peptide linking' y CYSTEINE        ? 'C3 H7 N O2 S'   121.158 
GLN 'L-peptide linking' y GLUTAMINE       ? 'C5 H10 N2 O3'   146.144 
GLU 'L-peptide linking' y 'GLUTAMIC ACID' ? 'C5 H9 N O4'     147.129 
GLY 'peptide linking'   y GLYCINE         ? 'C2 H5 N O2'     75.067  
HIS 'L-peptide linking' y HISTIDINE       ? 'C6 H10 N3 O2 1' 156.162 
HOH non-polymer         . WATER           ? 'H2 O'           18.015  
ILE 'L-peptide linking' y ISOLEUCINE      ? 'C6 H13 N O2'    131.173 
LEU 'L-peptide linking' y LEUCINE         ? 'C6 H13 N O2'    131.173 
LYS 'L-peptide linking' y LYSINE          ? 'C6 H15 N2 O2 1' 147.195 
MET 'L-peptide linking' y METHIONINE      ? 'C5 H11 N O2 S'  149.211 
PHE 'L-peptide linking' y PHENYLALANINE   ? 'C9 H11 N O2'    165.189 
PRO 'L-peptide linking' y PROLINE         ? 'C5 H9 N O2'     115.130 
SER 'L-peptide linking' y SERINE          ? 'C3 H7 N O3'     105.093 
THR 'L-peptide linking' y THREONINE       ? 'C4 H9 N O3'     119.119 
TRP 'L-peptide linking' y TRYPTOPHAN      ? 'C11 H12 N2 O2'  204.225 
VAL 'L-peptide linking' y VALINE          ? 'C5 H11 N O2'    117.146 
# 
_exptl.absorpt_coefficient_mu     ? 
_exptl.absorpt_correction_T_max   ? 
_exptl.absorpt_correction_T_min   ? 
_exptl.absorpt_correction_type    ? 
_exptl.absorpt_process_details    ? 
_exptl.entry_id                   6E4N 
_exptl.crystals_number            1 
_exptl.details                    ? 
_exptl.method                     'X-RAY DIFFRACTION' 
_exptl.method_details             ? 
# 
_exptl_crystal.colour                      ? 
_exptl_crystal.density_diffrn              ? 
_exptl_crystal.density_Matthews            2.54 
_exptl_crystal.density_method              ? 
_exptl_crystal.density_percent_sol         51.58 
_exptl_crystal.description                 ? 
_exptl_crystal.F_000                       ? 
_exptl_crystal.id                          1 
_exptl_crystal.preparation                 ? 
_exptl_crystal.size_max                    ? 
_exptl_crystal.size_mid                    ? 
_exptl_crystal.size_min                    ? 
_exptl_crystal.size_rad                    ? 
_exptl_crystal.colour_lustre               ? 
_exptl_crystal.colour_modifier             ? 
_exptl_crystal.colour_primary              ? 
_exptl_crystal.density_meas                ? 
_exptl_crystal.density_meas_esd            ? 
_exptl_crystal.density_meas_gt             ? 
_exptl_crystal.density_meas_lt             ? 
_exptl_crystal.density_meas_temp           ? 
_exptl_crystal.density_meas_temp_esd       ? 
_exptl_crystal.density_meas_temp_gt        ? 
_exptl_crystal.density_meas_temp_lt        ? 
_exptl_crystal.pdbx_crystal_image_url      ? 
_exptl_crystal.pdbx_crystal_image_format   ? 
_exptl_crystal.pdbx_mosaicity              ? 
_exptl_crystal.pdbx_mosaicity_esd          ? 
# 
_exptl_crystal_grow.apparatus       ? 
_exptl_crystal_grow.atmosphere      ? 
_exptl_crystal_grow.crystal_id      1 
_exptl_crystal_grow.details         ? 
_exptl_crystal_grow.method          'VAPOR DIFFUSION, HANGING DROP' 
_exptl_crystal_grow.method_ref      ? 
_exptl_crystal_grow.pH              ? 
_exptl_crystal_grow.pressure        ? 
_exptl_crystal_grow.pressure_esd    ? 
_exptl_crystal_grow.seeding         ? 
_exptl_crystal_grow.seeding_ref     ? 
_exptl_crystal_grow.temp            298 
_exptl_crystal_grow.temp_details    ? 
_exptl_crystal_grow.temp_esd        ? 
_exptl_crystal_grow.time            ? 
_exptl_crystal_grow.pdbx_details    '1.4 M  citrate, 0.1 M Bis-Tris pH 7 or HEPES' 
_exptl_crystal_grow.pdbx_pH_range   ? 
# 
_diffrn.ambient_environment    ? 
_diffrn.ambient_temp           100 
_diffrn.ambient_temp_details   ? 
_diffrn.ambient_temp_esd       ? 
_diffrn.crystal_id             1 
_diffrn.crystal_support        ? 
_diffrn.crystal_treatment      ? 
_diffrn.details                ? 
_diffrn.id                     1 
_diffrn.ambient_pressure       ? 
_diffrn.ambient_pressure_esd   ? 
_diffrn.ambient_pressure_gt    ? 
_diffrn.ambient_pressure_lt    ? 
_diffrn.ambient_temp_gt        ? 
_diffrn.ambient_temp_lt        ? 
# 
_diffrn_detector.details                      ? 
_diffrn_detector.detector                     CCD 
_diffrn_detector.diffrn_id                    1 
_diffrn_detector.type                         'ADSC QUANTUM 210r' 
_diffrn_detector.area_resol_mean              ? 
_diffrn_detector.dtime                        ? 
_diffrn_detector.pdbx_frames_total            ? 
_diffrn_detector.pdbx_collection_time_total   ? 
_diffrn_detector.pdbx_collection_date         2011-02-20 
# 
_diffrn_radiation.collimation                      ? 
_diffrn_radiation.diffrn_id                        1 
_diffrn_radiation.filter_edge                      ? 
_diffrn_radiation.inhomogeneity                    ? 
_diffrn_radiation.monochromator                    ? 
_diffrn_radiation.polarisn_norm                    ? 
_diffrn_radiation.polarisn_ratio                   ? 
_diffrn_radiation.probe                            ? 
_diffrn_radiation.type                             ? 
_diffrn_radiation.xray_symbol                      ? 
_diffrn_radiation.wavelength_id                    1 
_diffrn_radiation.pdbx_monochromatic_or_laue_m_l   M 
_diffrn_radiation.pdbx_wavelength_list             ? 
_diffrn_radiation.pdbx_wavelength                  ? 
_diffrn_radiation.pdbx_diffrn_protocol             'SINGLE WAVELENGTH' 
_diffrn_radiation.pdbx_analyzer                    ? 
_diffrn_radiation.pdbx_scattering_type             x-ray 
# 
_diffrn_radiation_wavelength.id           1 
_diffrn_radiation_wavelength.wavelength   1.0 
_diffrn_radiation_wavelength.wt           1.0 
# 
_diffrn_source.current                     ? 
_diffrn_source.details                     ? 
_diffrn_source.diffrn_id                   1 
_diffrn_source.power                       ? 
_diffrn_source.size                        ? 
_diffrn_source.source                      SYNCHROTRON 
_diffrn_source.target                      ? 
_diffrn_source.type                        'ALS BEAMLINE 8.3.1' 
_diffrn_source.voltage                     ? 
_diffrn_source.take-off_angle              ? 
_diffrn_source.pdbx_wavelength_list        1.0 
_diffrn_source.pdbx_wavelength             ? 
_diffrn_source.pdbx_synchrotron_beamline   8.3.1 
_diffrn_source.pdbx_synchrotron_site       ALS 
# 
_reflns.B_iso_Wilson_estimate            ? 
_reflns.entry_id                         6E4N 
_reflns.data_reduction_details           ? 
_reflns.data_reduction_method            ? 
_reflns.d_resolution_high                1.80 
_reflns.d_resolution_low                 19.264 
_reflns.details                          ? 
_reflns.limit_h_max                      ? 
_reflns.limit_h_min                      ? 
_reflns.limit_k_max                      ? 
_reflns.limit_k_min                      ? 
_reflns.limit_l_max                      ? 
_reflns.limit_l_min                      ? 
_reflns.number_all                       ? 
_reflns.number_obs                       7045 
_reflns.observed_criterion               ? 
_reflns.observed_criterion_F_max         ? 
_reflns.observed_criterion_F_min         ? 
_reflns.observed_criterion_I_max         ? 
_reflns.observed_criterion_I_min         ? 
_reflns.observed_criterion_sigma_F       ? 
_reflns.observed_criterion_sigma_I       ? 
_reflns.percent_possible_obs             99 
_reflns.R_free_details                   ? 
_reflns.Rmerge_F_all                     ? 
_reflns.Rmerge_F_obs                     ? 
_reflns.Friedel_coverage                 ? 
_reflns.number_gt                        ? 
_reflns.threshold_expression             ? 
_reflns.pdbx_redundancy                  1.7 
_reflns.pdbx_Rmerge_I_obs                ? 
_reflns.pdbx_Rmerge_I_all                ? 
_reflns.pdbx_Rsym_value                  0.07 
_reflns.pdbx_netI_over_av_sigmaI         ? 
_reflns.pdbx_netI_over_sigmaI            11.3 
_reflns.pdbx_res_netI_over_av_sigmaI_2   ? 
_reflns.pdbx_res_netI_over_sigmaI_2      ? 
_reflns.pdbx_chi_squared                 ? 
_reflns.pdbx_scaling_rejects             ? 
_reflns.pdbx_d_res_high_opt              ? 
_reflns.pdbx_d_res_low_opt               ? 
_reflns.pdbx_d_res_opt_method            ? 
_reflns.phase_calculation_details        ? 
_reflns.pdbx_Rrim_I_all                  ? 
_reflns.pdbx_Rpim_I_all                  0.04 
_reflns.pdbx_d_opt                       ? 
_reflns.pdbx_number_measured_all         ? 
_reflns.pdbx_diffrn_id                   1 
_reflns.pdbx_ordinal                     1 
_reflns.pdbx_CC_half                     0.994 
_reflns.pdbx_R_split                     ? 
# 
_reflns_shell.d_res_high                  1.8 
_reflns_shell.d_res_low                   1.99 
_reflns_shell.meanI_over_sigI_all         ? 
_reflns_shell.meanI_over_sigI_obs         ? 
_reflns_shell.number_measured_all         ? 
_reflns_shell.number_measured_obs         ? 
_reflns_shell.number_possible             ? 
_reflns_shell.number_unique_all           ? 
_reflns_shell.number_unique_obs           ? 
_reflns_shell.percent_possible_all        91.3 
_reflns_shell.percent_possible_obs        ? 
_reflns_shell.Rmerge_F_all                ? 
_reflns_shell.Rmerge_F_obs                ? 
_reflns_shell.Rmerge_I_all                ? 
_reflns_shell.Rmerge_I_obs                ? 
_reflns_shell.meanI_over_sigI_gt          ? 
_reflns_shell.meanI_over_uI_all           ? 
_reflns_shell.meanI_over_uI_gt            ? 
_reflns_shell.number_measured_gt          ? 
_reflns_shell.number_unique_gt            ? 
_reflns_shell.percent_possible_gt         ? 
_reflns_shell.Rmerge_F_gt                 ? 
_reflns_shell.Rmerge_I_gt                 ? 
_reflns_shell.pdbx_redundancy             1.7 
_reflns_shell.pdbx_Rsym_value             0.249 
_reflns_shell.pdbx_chi_squared            ? 
_reflns_shell.pdbx_netI_over_sigmaI_all   ? 
_reflns_shell.pdbx_netI_over_sigmaI_obs   ? 
_reflns_shell.pdbx_Rrim_I_all             ? 
_reflns_shell.pdbx_Rpim_I_all             0.161 
_reflns_shell.pdbx_rejects                ? 
_reflns_shell.pdbx_ordinal                1 
_reflns_shell.pdbx_diffrn_id              1 
_reflns_shell.pdbx_CC_half                0.96 
_reflns_shell.pdbx_R_split                ? 
# 
_refine.aniso_B[1][1]                            ? 
_refine.aniso_B[1][2]                            ? 
_refine.aniso_B[1][3]                            ? 
_refine.aniso_B[2][2]                            ? 
_refine.aniso_B[2][3]                            ? 
_refine.aniso_B[3][3]                            ? 
_refine.B_iso_max                                56.720 
_refine.B_iso_mean                               17.8000 
_refine.B_iso_min                                3.270 
_refine.correlation_coeff_Fo_to_Fc               ? 
_refine.correlation_coeff_Fo_to_Fc_free          ? 
_refine.details                                  ? 
_refine.diff_density_max                         ? 
_refine.diff_density_max_esd                     ? 
_refine.diff_density_min                         ? 
_refine.diff_density_min_esd                     ? 
_refine.diff_density_rms                         ? 
_refine.diff_density_rms_esd                     ? 
_refine.entry_id                                 6E4N 
_refine.pdbx_refine_id                           'X-RAY DIFFRACTION' 
_refine.ls_abs_structure_details                 ? 
_refine.ls_abs_structure_Flack                   ? 
_refine.ls_abs_structure_Flack_esd               ? 
_refine.ls_abs_structure_Rogers                  ? 
_refine.ls_abs_structure_Rogers_esd              ? 
_refine.ls_d_res_high                            1.8010 
_refine.ls_d_res_low                             19.2640 
_refine.ls_extinction_coef                       ? 
_refine.ls_extinction_coef_esd                   ? 
_refine.ls_extinction_expression                 ? 
_refine.ls_extinction_method                     ? 
_refine.ls_goodness_of_fit_all                   ? 
_refine.ls_goodness_of_fit_all_esd               ? 
_refine.ls_goodness_of_fit_obs                   ? 
_refine.ls_goodness_of_fit_obs_esd               ? 
_refine.ls_hydrogen_treatment                    ? 
_refine.ls_matrix_type                           ? 
_refine.ls_number_constraints                    ? 
_refine.ls_number_parameters                     ? 
_refine.ls_number_reflns_all                     ? 
_refine.ls_number_reflns_obs                     7045 
_refine.ls_number_reflns_R_free                  332 
_refine.ls_number_reflns_R_work                  ? 
_refine.ls_number_restraints                     ? 
_refine.ls_percent_reflns_obs                    99.0200 
_refine.ls_percent_reflns_R_free                 4.7100 
_refine.ls_R_factor_all                          ? 
_refine.ls_R_factor_obs                          0.1533 
_refine.ls_R_factor_R_free                       0.1875 
_refine.ls_R_factor_R_free_error                 ? 
_refine.ls_R_factor_R_free_error_details         ? 
_refine.ls_R_factor_R_work                       0.1516 
_refine.ls_R_Fsqd_factor_obs                     ? 
_refine.ls_R_I_factor_obs                        ? 
_refine.ls_redundancy_reflns_all                 ? 
_refine.ls_redundancy_reflns_obs                 ? 
_refine.ls_restrained_S_all                      ? 
_refine.ls_restrained_S_obs                      ? 
_refine.ls_shift_over_esd_max                    ? 
_refine.ls_shift_over_esd_mean                   ? 
_refine.ls_structure_factor_coef                 ? 
_refine.ls_weighting_details                     ? 
_refine.ls_weighting_scheme                      ? 
_refine.ls_wR_factor_all                         ? 
_refine.ls_wR_factor_obs                         ? 
_refine.ls_wR_factor_R_free                      ? 
_refine.ls_wR_factor_R_work                      ? 
_refine.occupancy_max                            ? 
_refine.occupancy_min                            ? 
_refine.solvent_model_details                    ? 
_refine.solvent_model_param_bsol                 ? 
_refine.solvent_model_param_ksol                 ? 
_refine.ls_R_factor_gt                           ? 
_refine.ls_goodness_of_fit_gt                    ? 
_refine.ls_goodness_of_fit_ref                   ? 
_refine.ls_shift_over_su_max                     ? 
_refine.ls_shift_over_su_max_lt                  ? 
_refine.ls_shift_over_su_mean                    ? 
_refine.ls_shift_over_su_mean_lt                 ? 
_refine.pdbx_ls_sigma_I                          ? 
_refine.pdbx_ls_sigma_F                          1.990 
_refine.pdbx_ls_sigma_Fsqd                       ? 
_refine.pdbx_data_cutoff_high_absF               ? 
_refine.pdbx_data_cutoff_high_rms_absF           ? 
_refine.pdbx_data_cutoff_low_absF                ? 
_refine.pdbx_isotropic_thermal_model             ? 
_refine.pdbx_ls_cross_valid_method               'FREE R-VALUE' 
_refine.pdbx_method_to_determine_struct          'MOLECULAR REPLACEMENT' 
_refine.pdbx_starting_model                      2M8D 
_refine.pdbx_stereochemistry_target_values       ? 
_refine.pdbx_R_Free_selection_details            ? 
_refine.pdbx_stereochem_target_val_spec_case     ? 
_refine.pdbx_overall_ESU_R                       ? 
_refine.pdbx_overall_ESU_R_Free                  ? 
_refine.pdbx_solvent_vdw_probe_radii             1.1100 
_refine.pdbx_solvent_ion_probe_radii             ? 
_refine.pdbx_solvent_shrinkage_radii             0.9000 
_refine.pdbx_real_space_R                        ? 
_refine.pdbx_density_correlation                 ? 
_refine.pdbx_pd_number_of_powder_patterns        ? 
_refine.pdbx_pd_number_of_points                 ? 
_refine.pdbx_pd_meas_number_of_points            ? 
_refine.pdbx_pd_proc_ls_prof_R_factor            ? 
_refine.pdbx_pd_proc_ls_prof_wR_factor           ? 
_refine.pdbx_pd_Marquardt_correlation_coeff      ? 
_refine.pdbx_pd_Fsqrd_R_factor                   ? 
_refine.pdbx_pd_ls_matrix_band_width             ? 
_refine.pdbx_overall_phase_error                 17.9800 
_refine.pdbx_overall_SU_R_free_Cruickshank_DPI   ? 
_refine.pdbx_overall_SU_R_free_Blow_DPI          ? 
_refine.pdbx_overall_SU_R_Blow_DPI               ? 
_refine.pdbx_TLS_residual_ADP_flag               ? 
_refine.pdbx_diffrn_id                           1 
_refine.overall_SU_B                             ? 
_refine.overall_SU_ML                            0.0800 
_refine.overall_SU_R_Cruickshank_DPI             ? 
_refine.overall_SU_R_free                        ? 
_refine.overall_FOM_free_R_set                   ? 
_refine.overall_FOM_work_R_set                   ? 
_refine.pdbx_average_fsc_overall                 ? 
_refine.pdbx_average_fsc_work                    ? 
_refine.pdbx_average_fsc_free                    ? 
# 
_refine_hist.cycle_id                         final 
_refine_hist.pdbx_refine_id                   'X-RAY DIFFRACTION' 
_refine_hist.d_res_high                       1.8010 
_refine_hist.d_res_low                        19.2640 
_refine_hist.pdbx_number_atoms_ligand         0 
_refine_hist.number_atoms_solvent             93 
_refine_hist.number_atoms_total               641 
_refine_hist.pdbx_number_residues_total       71 
_refine_hist.pdbx_B_iso_mean_solvent          28.63 
_refine_hist.pdbx_number_atoms_protein        548 
_refine_hist.pdbx_number_atoms_nucleic_acid   0 
# 
loop_
_refine_ls_restr.pdbx_refine_id 
_refine_ls_restr.criterion 
_refine_ls_restr.dev_ideal 
_refine_ls_restr.dev_ideal_target 
_refine_ls_restr.number 
_refine_ls_restr.rejects 
_refine_ls_restr.type 
_refine_ls_restr.weight 
_refine_ls_restr.pdbx_restraint_function 
'X-RAY DIFFRACTION' ? 0.004  ? 557 ? f_bond_d           ? ? 
'X-RAY DIFFRACTION' ? 0.763  ? 752 ? f_angle_d          ? ? 
'X-RAY DIFFRACTION' ? 0.028  ? 86  ? f_chiral_restr     ? ? 
'X-RAY DIFFRACTION' ? 0.003  ? 98  ? f_plane_restr      ? ? 
'X-RAY DIFFRACTION' ? 14.475 ? 199 ? f_dihedral_angle_d ? ? 
# 
loop_
_refine_ls_shell.pdbx_refine_id 
_refine_ls_shell.d_res_high 
_refine_ls_shell.d_res_low 
_refine_ls_shell.number_reflns_all 
_refine_ls_shell.number_reflns_obs 
_refine_ls_shell.number_reflns_R_free 
_refine_ls_shell.number_reflns_R_work 
_refine_ls_shell.percent_reflns_obs 
_refine_ls_shell.percent_reflns_R_free 
_refine_ls_shell.R_factor_all 
_refine_ls_shell.R_factor_obs 
_refine_ls_shell.R_factor_R_free 
_refine_ls_shell.R_factor_R_free_error 
_refine_ls_shell.R_factor_R_work 
_refine_ls_shell.redundancy_reflns_all 
_refine_ls_shell.redundancy_reflns_obs 
_refine_ls_shell.wR_factor_all 
_refine_ls_shell.wR_factor_obs 
_refine_ls_shell.wR_factor_R_free 
_refine_ls_shell.wR_factor_R_work 
_refine_ls_shell.pdbx_total_number_of_bins_used 
_refine_ls_shell.pdbx_phase_error 
_refine_ls_shell.pdbx_fsc_work 
_refine_ls_shell.pdbx_fsc_free 
'X-RAY DIFFRACTION' 1.8007 2.2682  3484 . 170 3314 98.0000  . . . 0.1985 0.0000 0.1565 . . . . . . 2 . . . 
'X-RAY DIFFRACTION' 2.2682 19.2649 3561 . 162 3399 100.0000 . . . 0.1817 0.0000 0.1495 . . . . . . 2 . . . 
# 
_struct.entry_id                     6E4N 
_struct.title                        'Structure of the T. brucei TbRGG2 RRM domain: apo R3 crystal form' 
_struct.pdbx_model_details           ? 
_struct.pdbx_formula_weight          ? 
_struct.pdbx_formula_weight_method   ? 
_struct.pdbx_model_type_details      ? 
_struct.pdbx_CASP_flag               N 
# 
_struct_keywords.entry_id        6E4N 
_struct_keywords.text            'RRM, TbRGG2, kRNA editing, RNA binding, RNA BINDING PROTEIN' 
_struct_keywords.pdbx_keywords   'RNA BINDING PROTEIN' 
# 
loop_
_struct_asym.id 
_struct_asym.pdbx_blank_PDB_chainid_flag 
_struct_asym.pdbx_modified 
_struct_asym.entity_id 
_struct_asym.details 
A N N 1 ? 
B N N 2 ? 
# 
loop_
_struct_conf.conf_type_id 
_struct_conf.id 
_struct_conf.pdbx_PDB_helix_id 
_struct_conf.beg_label_comp_id 
_struct_conf.beg_label_asym_id 
_struct_conf.beg_label_seq_id 
_struct_conf.pdbx_beg_PDB_ins_code 
_struct_conf.end_label_comp_id 
_struct_conf.end_label_asym_id 
_struct_conf.end_label_seq_id 
_struct_conf.pdbx_end_PDB_ins_code 
_struct_conf.beg_auth_comp_id 
_struct_conf.beg_auth_asym_id 
_struct_conf.beg_auth_seq_id 
_struct_conf.end_auth_comp_id 
_struct_conf.end_auth_asym_id 
_struct_conf.end_auth_seq_id 
_struct_conf.pdbx_PDB_helix_class 
_struct_conf.details 
_struct_conf.pdbx_PDB_helix_length 
HELX_P HELX_P1 AA1 GLY A 1  ? HIS A 3  ? GLY A 199 HIS A 201 5 ? 3  
HELX_P HELX_P2 AA2 THR A 16 ? ARG A 25 ? THR A 214 ARG A 223 1 ? 10 
HELX_P HELX_P3 AA3 THR A 47 ? LEU A 58 ? THR A 245 LEU A 256 1 ? 12 
# 
_struct_conf_type.id          HELX_P 
_struct_conf_type.criteria    ? 
_struct_conf_type.reference   ? 
# 
loop_
_struct_sheet.id 
_struct_sheet.type 
_struct_sheet.number_strands 
_struct_sheet.details 
AA1 ? 4 ? 
AA2 ? 2 ? 
# 
loop_
_struct_sheet_order.sheet_id 
_struct_sheet_order.range_id_1 
_struct_sheet_order.range_id_2 
_struct_sheet_order.offset 
_struct_sheet_order.sense 
AA1 1 2 ? anti-parallel 
AA1 2 3 ? anti-parallel 
AA1 3 4 ? anti-parallel 
AA2 1 2 ? anti-parallel 
# 
loop_
_struct_sheet_range.sheet_id 
_struct_sheet_range.id 
_struct_sheet_range.beg_label_comp_id 
_struct_sheet_range.beg_label_asym_id 
_struct_sheet_range.beg_label_seq_id 
_struct_sheet_range.pdbx_beg_PDB_ins_code 
_struct_sheet_range.end_label_comp_id 
_struct_sheet_range.end_label_asym_id 
_struct_sheet_range.end_label_seq_id 
_struct_sheet_range.pdbx_end_PDB_ins_code 
_struct_sheet_range.beg_auth_comp_id 
_struct_sheet_range.beg_auth_asym_id 
_struct_sheet_range.beg_auth_seq_id 
_struct_sheet_range.end_auth_comp_id 
_struct_sheet_range.end_auth_asym_id 
_struct_sheet_range.end_auth_seq_id 
AA1 1 VAL A 30 ? PHE A 36 ? VAL A 228 PHE A 234 
AA1 2 ARG A 40 ? PHE A 45 ? ARG A 238 PHE A 243 
AA1 3 ARG A 5  ? SER A 9  ? ARG A 203 SER A 207 
AA1 4 PHE A 69 ? ARG A 71 ? PHE A 267 ARG A 269 
AA2 1 GLU A 62 ? LEU A 63 ? GLU A 260 LEU A 261 
AA2 2 ALA A 66 ? THR A 67 ? ALA A 264 THR A 265 
# 
loop_
_pdbx_struct_sheet_hbond.sheet_id 
_pdbx_struct_sheet_hbond.range_id_1 
_pdbx_struct_sheet_hbond.range_id_2 
_pdbx_struct_sheet_hbond.range_1_label_atom_id 
_pdbx_struct_sheet_hbond.range_1_label_comp_id 
_pdbx_struct_sheet_hbond.range_1_label_asym_id 
_pdbx_struct_sheet_hbond.range_1_label_seq_id 
_pdbx_struct_sheet_hbond.range_1_PDB_ins_code 
_pdbx_struct_sheet_hbond.range_1_auth_atom_id 
_pdbx_struct_sheet_hbond.range_1_auth_comp_id 
_pdbx_struct_sheet_hbond.range_1_auth_asym_id 
_pdbx_struct_sheet_hbond.range_1_auth_seq_id 
_pdbx_struct_sheet_hbond.range_2_label_atom_id 
_pdbx_struct_sheet_hbond.range_2_label_comp_id 
_pdbx_struct_sheet_hbond.range_2_label_asym_id 
_pdbx_struct_sheet_hbond.range_2_label_seq_id 
_pdbx_struct_sheet_hbond.range_2_PDB_ins_code 
_pdbx_struct_sheet_hbond.range_2_auth_atom_id 
_pdbx_struct_sheet_hbond.range_2_auth_comp_id 
_pdbx_struct_sheet_hbond.range_2_auth_asym_id 
_pdbx_struct_sheet_hbond.range_2_auth_seq_id 
AA1 1 2 N PHE A 36 ? N PHE A 234 O ARG A 40 ? O ARG A 238 
AA1 2 3 O VAL A 43 ? O VAL A 241 N VAL A 6  ? N VAL A 204 
AA1 3 4 N GLN A 7  ? N GLN A 205 O ARG A 71 ? O ARG A 269 
AA2 1 2 N LEU A 63 ? N LEU A 261 O ALA A 66 ? O ALA A 264 
# 
_atom_sites.entry_id                    6E4N 
_atom_sites.fract_transf_matrix[1][1]   -0.00222922 
_atom_sites.fract_transf_matrix[1][2]   0.01761856 
_atom_sites.fract_transf_matrix[1][3]   0.00752295 
_atom_sites.fract_transf_matrix[2][1]   -0.01770317 
_atom_sites.fract_transf_matrix[2][2]   0.00712962 
_atom_sites.fract_transf_matrix[2][3]   0.00277777 
_atom_sites.fract_transf_matrix[3][1]   -0.00025318 
_atom_sites.fract_transf_matrix[3][2]   -0.00684739 
_atom_sites.fract_transf_matrix[3][3]   0.01596139 
_atom_sites.fract_transf_vector[1]      -0.207527 
_atom_sites.fract_transf_vector[2]      0.044421 
_atom_sites.fract_transf_vector[3]      -0.096494 
# 
loop_
_atom_type.symbol 
C 
N 
O 
S 
# 
loop_
_atom_site.group_PDB 
_atom_site.id 
_atom_site.type_symbol 
_atom_site.label_atom_id 
_atom_site.label_alt_id 
_atom_site.label_comp_id 
_atom_site.label_asym_id 
_atom_site.label_entity_id 
_atom_site.label_seq_id 
_atom_site.pdbx_PDB_ins_code 
_atom_site.Cartn_x 
_atom_site.Cartn_y 
_atom_site.Cartn_z 
_atom_site.occupancy 
_atom_site.B_iso_or_equiv 
_atom_site.pdbx_formal_charge 
_atom_site.auth_seq_id 
_atom_site.auth_comp_id 
_atom_site.auth_asym_id 
_atom_site.auth_atom_id 
_atom_site.pdbx_PDB_model_num 
ATOM   1   N N   . GLY A 1 1  ? 11.621  -4.017  8.752   1.00 26.19 ?  199 GLY A N   1 
ATOM   2   C CA  . GLY A 1 1  ? 11.939  -2.832  9.525   1.00 23.20 ?  199 GLY A CA  1 
ATOM   3   C C   . GLY A 1 1  ? 11.191  -1.616  9.016   1.00 18.49 ?  199 GLY A C   1 
ATOM   4   O O   . GLY A 1 1  ? 10.387  -1.716  8.090   1.00 17.17 ?  199 GLY A O   1 
ATOM   5   N N   . SER A 1 2  ? 11.459  -0.465  9.621   1.00 18.05 ?  200 SER A N   1 
ATOM   6   C CA  . SER A 1 2  ? 10.804  0.779   9.236   0.69 15.26 ?  200 SER A CA  1 
ATOM   7   C C   . SER A 1 2  ? 11.068  1.136   7.772   1.00 15.31 ?  200 SER A C   1 
ATOM   8   O O   . SER A 1 2  ? 10.203  1.695   7.094   1.00 15.53 ?  200 SER A O   1 
ATOM   9   C CB  . SER A 1 2  ? 11.260  1.920   10.152  0.79 13.97 ?  200 SER A CB  1 
ATOM   10  O OG  . SER A 1 2  ? 12.622  2.241   9.935   0.60 14.87 ?  200 SER A OG  1 
ATOM   11  N N   . HIS A 1 3  ? 12.256  0.798   7.280   1.00 12.47 ?  201 HIS A N   1 
ATOM   12  C CA  . HIS A 1 3  ? 12.634  1.125   5.907   1.00 13.37 ?  201 HIS A CA  1 
ATOM   13  C C   . HIS A 1 3  ? 11.815  0.354   4.875   1.00 14.18 ?  201 HIS A C   1 
ATOM   14  O O   . HIS A 1 3  ? 11.739  0.749   3.709   1.00 13.04 ?  201 HIS A O   1 
ATOM   15  C CB  . HIS A 1 3  ? 14.123  0.858   5.689   1.00 12.39 ?  201 HIS A CB  1 
ATOM   16  C CG  . HIS A 1 3  ? 15.019  1.747   6.492   1.00 10.75 ?  201 HIS A CG  1 
ATOM   17  N ND1 . HIS A 1 3  ? 15.328  1.498   7.814   1.00 13.97 ?  201 HIS A ND1 1 
ATOM   18  C CD2 . HIS A 1 3  ? 15.666  2.891   6.166   1.00 13.62 ?  201 HIS A CD2 1 
ATOM   19  C CE1 . HIS A 1 3  ? 16.125  2.448   8.265   1.00 13.56 ?  201 HIS A CE1 1 
ATOM   20  N NE2 . HIS A 1 3  ? 16.349  3.306   7.282   1.00 14.01 ?  201 HIS A NE2 1 
ATOM   21  N N   . MET A 1 4  ? 11.195  -0.739  5.312   1.00 12.79 ?  202 MET A N   1 
ATOM   22  C CA  . MET A 1 4  ? 10.418  -1.590  4.421   1.00 10.68 ?  202 MET A CA  1 
ATOM   23  C C   . MET A 1 4  ? 8.932   -1.261  4.512   1.00 11.82 ?  202 MET A C   1 
ATOM   24  O O   . MET A 1 4  ? 8.104   -1.869  3.829   1.00 12.71 ?  202 MET A O   1 
ATOM   25  C CB  . MET A 1 4  ? 10.647  -3.070  4.760   1.00 10.01 ?  202 MET A CB  1 
ATOM   26  C CG  . MET A 1 4  ? 12.067  -3.570  4.494   1.00 13.60 ?  202 MET A CG  1 
ATOM   27  S SD  . MET A 1 4  ? 13.235  -3.100  5.793   1.00 17.15 ?  202 MET A SD  1 
ATOM   28  C CE  . MET A 1 4  ? 14.405  -4.450  5.686   1.00 22.61 ?  202 MET A CE  1 
ATOM   29  N N   . ARG A 1 5  ? 8.601   -0.290  5.354   1.00 10.52 ?  203 ARG A N   1 
ATOM   30  C CA  . ARG A 1 5  ? 7.213   -0.032  5.713   1.00 13.06 ?  203 ARG A CA  1 
ATOM   31  C C   . ARG A 1 5  ? 6.650   1.212   5.023   1.00 14.02 ?  203 ARG A C   1 
ATOM   32  O O   . ARG A 1 5  ? 7.323   2.239   4.916   1.00 15.53 ?  203 ARG A O   1 
ATOM   33  C CB  . ARG A 1 5  ? 7.106   0.105   7.231   1.00 19.57 ?  203 ARG A CB  1 
ATOM   34  C CG  . ARG A 1 5  ? 5.720   -0.085  7.806   1.00 28.52 ?  203 ARG A CG  1 
ATOM   35  C CD  . ARG A 1 5  ? 5.811   -0.896  9.095   1.00 33.49 ?  203 ARG A CD  1 
ATOM   36  N NE  . ARG A 1 5  ? 6.661   -0.233  10.080  1.00 35.81 ?  203 ARG A NE  1 
ATOM   37  C CZ  . ARG A 1 5  ? 7.619   -0.839  10.776  1.00 38.96 ?  203 ARG A CZ  1 
ATOM   38  N NH1 . ARG A 1 5  ? 7.856   -2.134  10.602  1.00 42.73 1  203 ARG A NH1 1 
ATOM   39  N NH2 . ARG A 1 5  ? 8.341   -0.146  11.647  1.00 38.76 ?  203 ARG A NH2 1 
ATOM   40  N N   . VAL A 1 6  ? 5.407   1.114   4.559   1.00 11.85 ?  204 VAL A N   1 
ATOM   41  C CA  . VAL A 1 6  ? 4.750   2.213   3.861   0.78 3.27  ?  204 VAL A CA  1 
ATOM   42  C C   . VAL A 1 6  ? 3.349   2.441   4.419   1.00 14.64 ?  204 VAL A C   1 
ATOM   43  O O   . VAL A 1 6  ? 2.612   1.484   4.667   1.00 13.08 ?  204 VAL A O   1 
ATOM   44  C CB  . VAL A 1 6  ? 4.648   1.939   2.339   0.67 3.31  ?  204 VAL A CB  1 
ATOM   45  C CG1 . VAL A 1 6  ? 3.890   3.057   1.635   0.55 4.64  ?  204 VAL A CG1 1 
ATOM   46  C CG2 . VAL A 1 6  ? 6.028   1.763   1.731   0.68 3.33  ?  204 VAL A CG2 1 
ATOM   47  N N   . GLN A 1 7  ? 2.990   3.705   4.628   1.00 12.75 ?  205 GLN A N   1 
ATOM   48  C CA  . GLN A 1 7  ? 1.637   4.061   5.048   1.00 13.74 ?  205 GLN A CA  1 
ATOM   49  C C   . GLN A 1 7  ? 0.761   4.363   3.837   1.00 11.47 ?  205 GLN A C   1 
ATOM   50  O O   . GLN A 1 7  ? 1.130   5.169   2.980   1.00 12.47 ?  205 GLN A O   1 
ATOM   51  C CB  . GLN A 1 7  ? 1.662   5.267   5.988   1.00 20.69 ?  205 GLN A CB  1 
ATOM   52  C CG  . GLN A 1 7  ? 2.802   5.249   6.980   1.00 26.83 ?  205 GLN A CG  1 
ATOM   53  C CD  . GLN A 1 7  ? 2.558   4.277   8.114   1.00 32.12 ?  205 GLN A CD  1 
ATOM   54  O OE1 . GLN A 1 7  ? 1.504   4.300   8.750   1.00 35.66 ?  205 GLN A OE1 1 
ATOM   55  N NE2 . GLN A 1 7  ? 3.538   3.420   8.381   1.00 35.16 ?  205 GLN A NE2 1 
ATOM   56  N N   . VAL A 1 8  ? -0.395  3.712   3.775   1.00 9.01  ?  206 VAL A N   1 
ATOM   57  C CA  . VAL A 1 8  ? -1.340  3.908   2.687   1.00 9.13  ?  206 VAL A CA  1 
ATOM   58  C C   . VAL A 1 8  ? -2.595  4.583   3.210   1.00 7.90  ?  206 VAL A C   1 
ATOM   59  O O   . VAL A 1 8  ? -3.112  4.204   4.258   1.00 10.82 ?  206 VAL A O   1 
ATOM   60  C CB  . VAL A 1 8  ? -1.732  2.568   2.034   1.00 13.24 ?  206 VAL A CB  1 
ATOM   61  C CG1 . VAL A 1 8  ? -2.719  2.798   0.892   1.00 16.96 ?  206 VAL A CG1 1 
ATOM   62  C CG2 . VAL A 1 8  ? -0.478  1.814   1.571   1.00 12.49 ?  206 VAL A CG2 1 
ATOM   63  N N   . SER A 1 9  ? -3.083  5.588   2.492   1.00 9.89  ?  207 SER A N   1 
ATOM   64  C CA  . SER A 1 9  ? -4.370  6.185   2.831   1.00 10.15 ?  207 SER A CA  1 
ATOM   65  C C   . SER A 1 9  ? -5.100  6.607   1.562   1.00 11.75 ?  207 SER A C   1 
ATOM   66  O O   . SER A 1 9  ? -4.518  6.626   0.475   1.00 13.79 ?  207 SER A O   1 
ATOM   67  C CB  . SER A 1 9  ? -4.191  7.376   3.779   1.00 11.75 ?  207 SER A CB  1 
ATOM   68  O OG  . SER A 1 9  ? -3.524  8.455   3.156   1.00 13.55 ?  207 SER A OG  1 
ATOM   69  N N   . GLY A 1 10 ? -6.379  6.932   1.707   1.00 13.34 ?  208 GLY A N   1 
ATOM   70  C CA  . GLY A 1 10 ? -7.180  7.396   0.590   1.00 13.07 ?  208 GLY A CA  1 
ATOM   71  C C   . GLY A 1 10 ? -7.964  6.294   -0.089  1.00 13.06 ?  208 GLY A C   1 
ATOM   72  O O   . GLY A 1 10 ? -8.686  6.546   -1.053  1.00 14.39 ?  208 GLY A O   1 
ATOM   73  N N   . MET A 1 11 ? -7.825  5.068   0.402   1.00 13.24 ?  209 MET A N   1 
ATOM   74  C CA  . MET A 1 11 ? -8.586  3.952   -0.145  1.00 13.81 ?  209 MET A CA  1 
ATOM   75  C C   . MET A 1 11 ? -10.080 4.137   0.049   1.00 14.60 ?  209 MET A C   1 
ATOM   76  O O   . MET A 1 11 ? -10.524 4.756   1.014   1.00 13.62 ?  209 MET A O   1 
ATOM   77  C CB  . MET A 1 11 ? -8.177  2.623   0.496   1.00 15.06 ?  209 MET A CB  1 
ATOM   78  C CG  . MET A 1 11 ? -6.756  2.177   0.234   1.00 15.39 ?  209 MET A CG  1 
ATOM   79  S SD  . MET A 1 11 ? -6.535  0.465   0.751   1.00 19.24 ?  209 MET A SD  1 
ATOM   80  C CE  . MET A 1 11 ? -6.743  0.644   2.522   1.00 14.92 ?  209 MET A CE  1 
ATOM   81  N N   . SER A 1 12 ? -10.852 3.586   -0.878  1.00 14.81 ?  210 SER A N   1 
ATOM   82  C CA  . SER A 1 12 ? -12.282 3.442   -0.680  1.00 18.26 ?  210 SER A CA  1 
ATOM   83  C C   . SER A 1 12 ? -12.531 2.671   0.609   1.00 19.28 ?  210 SER A C   1 
ATOM   84  O O   . SER A 1 12 ? -11.774 1.758   0.934   1.00 17.57 ?  210 SER A O   1 
ATOM   85  C CB  . SER A 1 12 ? -12.918 2.723   -1.870  1.00 24.00 ?  210 SER A CB  1 
ATOM   86  O OG  . SER A 1 12 ? -14.064 1.994   -1.474  1.00 30.46 ?  210 SER A OG  1 
ATOM   87  N N   . ASP A 1 13 ? -13.581 3.047   1.337   1.00 19.78 ?  211 ASP A N   1 
ATOM   88  C CA  . ASP A 1 13 ? -13.960 2.385   2.587   0.83 18.85 ?  211 ASP A CA  1 
ATOM   89  C C   . ASP A 1 13 ? -14.086 0.875   2.450   1.00 22.30 ?  211 ASP A C   1 
ATOM   90  O O   . ASP A 1 13 ? -13.810 0.129   3.388   1.00 24.98 ?  211 ASP A O   1 
ATOM   91  C CB  . ASP A 1 13 ? -15.291 2.941   3.101   0.90 20.21 ?  211 ASP A CB  1 
ATOM   92  C CG  . ASP A 1 13 ? -15.117 4.179   3.947   0.66 25.17 ?  211 ASP A CG  1 
ATOM   93  O OD1 . ASP A 1 13 ? -14.015 4.378   4.497   0.47 28.16 ?  211 ASP A OD1 1 
ATOM   94  O OD2 . ASP A 1 13 ? -16.088 4.957   4.061   0.54 25.72 -1 211 ASP A OD2 1 
ATOM   95  N N   . GLU A 1 14 ? -14.510 0.431   1.272   1.00 21.53 ?  212 GLU A N   1 
ATOM   96  C CA  . GLU A 1 14 ? -14.846 -0.970  1.060   1.00 22.13 ?  212 GLU A CA  1 
ATOM   97  C C   . GLU A 1 14 ? -13.681 -1.798  0.514   1.00 16.53 ?  212 GLU A C   1 
ATOM   98  O O   . GLU A 1 14 ? -13.782 -3.023  0.421   1.00 18.90 ?  212 GLU A O   1 
ATOM   99  C CB  . GLU A 1 14 ? -16.043 -1.085  0.114   1.00 31.16 ?  212 GLU A CB  1 
ATOM   100 C CG  . GLU A 1 14 ? -17.354 -0.523  0.669   1.00 40.21 ?  212 GLU A CG  1 
ATOM   101 C CD  . GLU A 1 14 ? -17.506 0.980   0.459   1.00 51.49 ?  212 GLU A CD  1 
ATOM   102 O OE1 . GLU A 1 14 ? -16.578 1.617   -0.095  1.00 56.72 ?  212 GLU A OE1 1 
ATOM   103 O OE2 . GLU A 1 14 ? -18.560 1.528   0.853   1.00 56.21 -1 212 GLU A OE2 1 
ATOM   104 N N   . THR A 1 15 ? -12.587 -1.140  0.140   1.00 15.34 ?  213 THR A N   1 
ATOM   105 C CA  . THR A 1 15 ? -11.413 -1.857  -0.352  0.69 7.99  ?  213 THR A CA  1 
ATOM   106 C C   . THR A 1 15 ? -10.832 -2.751  0.741   1.00 11.87 ?  213 THR A C   1 
ATOM   107 O O   . THR A 1 15 ? -10.631 -2.316  1.872   1.00 14.57 ?  213 THR A O   1 
ATOM   108 C CB  . THR A 1 15 ? -10.331 -0.894  -0.859  0.68 4.76  ?  213 THR A CB  1 
ATOM   109 O OG1 . THR A 1 15 ? -10.869 -0.085  -1.913  0.53 4.63  ?  213 THR A OG1 1 
ATOM   110 C CG2 . THR A 1 15 ? -9.132  -1.672  -1.387  0.67 3.39  ?  213 THR A CG2 1 
ATOM   111 N N   . THR A 1 16 ? -10.558 -4.003  0.391   1.00 11.04 ?  214 THR A N   1 
ATOM   112 C CA  . THR A 1 16 ? -10.115 -4.984  1.369   1.00 13.07 ?  214 THR A CA  1 
ATOM   113 C C   . THR A 1 16 ? -8.605  -5.193  1.403   1.00 14.14 ?  214 THR A C   1 
ATOM   114 O O   . THR A 1 16 ? -7.860  -4.736  0.531   1.00 15.28 ?  214 THR A O   1 
ATOM   115 C CB  . THR A 1 16 ? -10.761 -6.354  1.110   1.00 15.29 ?  214 THR A CB  1 
ATOM   116 O OG1 . THR A 1 16 ? -10.227 -6.904  -0.098  1.00 13.06 ?  214 THR A OG1 1 
ATOM   117 C CG2 . THR A 1 16 ? -12.272 -6.221  0.978   1.00 15.93 ?  214 THR A CG2 1 
ATOM   118 N N   . TRP A 1 17 ? -8.188  -5.905  2.442   1.00 12.27 ?  215 TRP A N   1 
ATOM   119 C CA  . TRP A 1 17 ? -6.827  -6.389  2.635   1.00 14.02 ?  215 TRP A CA  1 
ATOM   120 C C   . TRP A 1 17 ? -6.323  -7.160  1.409   1.00 14.90 ?  215 TRP A C   1 
ATOM   121 O O   . TRP A 1 17 ? -5.234  -6.887  0.903   1.00 11.83 ?  215 TRP A O   1 
ATOM   122 C CB  . TRP A 1 17 ? -6.808  -7.248  3.907   1.00 12.68 ?  215 TRP A CB  1 
ATOM   123 C CG  . TRP A 1 17 ? -5.518  -7.886  4.309   1.00 11.26 ?  215 TRP A CG  1 
ATOM   124 C CD1 . TRP A 1 17 ? -4.546  -7.352  5.105   1.00 12.61 ?  215 TRP A CD1 1 
ATOM   125 C CD2 . TRP A 1 17 ? -5.102  -9.220  4.007   1.00 12.72 ?  215 TRP A CD2 1 
ATOM   126 N NE1 . TRP A 1 17 ? -3.529  -8.267  5.291   1.00 13.77 ?  215 TRP A NE1 1 
ATOM   127 C CE2 . TRP A 1 17 ? -3.849  -9.419  4.623   1.00 15.83 ?  215 TRP A CE2 1 
ATOM   128 C CE3 . TRP A 1 17 ? -5.658  -10.259 3.258   1.00 15.17 ?  215 TRP A CE3 1 
ATOM   129 C CZ2 . TRP A 1 17 ? -3.150  -10.617 4.517   1.00 12.79 ?  215 TRP A CZ2 1 
ATOM   130 C CZ3 . TRP A 1 17 ? -4.964  -11.444 3.152   1.00 14.64 ?  215 TRP A CZ3 1 
ATOM   131 C CH2 . TRP A 1 17 ? -3.719  -11.614 3.776   1.00 17.57 ?  215 TRP A CH2 1 
ATOM   132 N N   . HIS A 1 18 ? -7.126  -8.101  0.916   1.00 14.36 ?  216 HIS A N   1 
ATOM   133 C CA  . HIS A 1 18 ? -6.772  -8.846  -0.294  1.00 14.52 ?  216 HIS A CA  1 
ATOM   134 C C   . HIS A 1 18 ? -6.522  -7.937  -1.489  1.00 12.90 ?  216 HIS A C   1 
ATOM   135 O O   . HIS A 1 18 ? -5.529  -8.095  -2.194  1.00 14.23 ?  216 HIS A O   1 
ATOM   136 C CB  . HIS A 1 18 ? -7.861  -9.856  -0.669  1.00 17.22 ?  216 HIS A CB  1 
ATOM   137 C CG  . HIS A 1 18 ? -7.822  -11.120 0.128   1.00 21.75 ?  216 HIS A CG  1 
ATOM   138 N ND1 . HIS A 1 18 ? -8.484  -11.267 1.329   1.00 22.42 ?  216 HIS A ND1 1 
ATOM   139 C CD2 . HIS A 1 18 ? -7.203  -12.302 -0.107  1.00 24.05 ?  216 HIS A CD2 1 
ATOM   140 C CE1 . HIS A 1 18 ? -8.275  -12.484 1.797   1.00 22.51 ?  216 HIS A CE1 1 
ATOM   141 N NE2 . HIS A 1 18 ? -7.504  -13.134 0.944   1.00 23.25 ?  216 HIS A NE2 1 
ATOM   142 N N   . THR A 1 19 ? -7.431  -6.995  -1.712  1.00 11.46 ?  217 THR A N   1 
ATOM   143 C CA  . THR A 1 19 ? -7.371  -6.129  -2.882  1.00 12.94 ?  217 THR A CA  1 
ATOM   144 C C   . THR A 1 19 ? -6.159  -5.205  -2.824  1.00 14.13 ?  217 THR A C   1 
ATOM   145 O O   . THR A 1 19 ? -5.476  -4.996  -3.833  1.00 13.41 ?  217 THR A O   1 
ATOM   146 C CB  . THR A 1 19 ? -8.665  -5.298  -3.018  1.00 14.07 ?  217 THR A CB  1 
ATOM   147 O OG1 . THR A 1 19 ? -9.760  -6.182  -3.294  1.00 16.22 ?  217 THR A OG1 1 
ATOM   148 C CG2 . THR A 1 19 ? -8.550  -4.279  -4.152  1.00 14.66 ?  217 THR A CG2 1 
ATOM   149 N N   . LEU A 1 20 ? -5.888  -4.656  -1.644  1.00 11.71 ?  218 LEU A N   1 
ATOM   150 C CA  . LEU A 1 20 ? -4.730  -3.784  -1.482  1.00 10.13 ?  218 LEU A CA  1 
ATOM   151 C C   . LEU A 1 20 ? -3.434  -4.553  -1.719  1.00 10.34 ?  218 LEU A C   1 
ATOM   152 O O   . LEU A 1 20 ? -2.541  -4.080  -2.419  1.00 11.97 ?  218 LEU A O   1 
ATOM   153 C CB  . LEU A 1 20 ? -4.717  -3.149  -0.089  1.00 10.46 ?  218 LEU A CB  1 
ATOM   154 C CG  . LEU A 1 20 ? -3.493  -2.274  0.184   1.00 14.30 ?  218 LEU A CG  1 
ATOM   155 C CD1 . LEU A 1 20 ? -3.341  -1.179  -0.864  1.00 16.66 ?  218 LEU A CD1 1 
ATOM   156 C CD2 . LEU A 1 20 ? -3.565  -1.689  1.581   1.00 14.67 ?  218 LEU A CD2 1 
ATOM   157 N N   . LYS A 1 21 ? -3.326  -5.734  -1.120  1.00 11.22 ?  219 LYS A N   1 
ATOM   158 C CA  . LYS A 1 21 ? -2.123  -6.540  -1.289  1.00 11.62 ?  219 LYS A CA  1 
ATOM   159 C C   . LYS A 1 21 ? -1.887  -6.855  -2.756  1.00 12.39 ?  219 LYS A C   1 
ATOM   160 O O   . LYS A 1 21 ? -0.758  -6.789  -3.240  1.00 13.49 ?  219 LYS A O   1 
ATOM   161 C CB  . LYS A 1 21 ? -2.212  -7.838  -0.493  1.00 14.41 ?  219 LYS A CB  1 
ATOM   162 C CG  . LYS A 1 21 ? -1.910  -7.692  0.977   1.00 16.17 ?  219 LYS A CG  1 
ATOM   163 C CD  . LYS A 1 21 ? -1.888  -9.066  1.626   1.00 21.42 ?  219 LYS A CD  1 
ATOM   164 C CE  . LYS A 1 21 ? -0.676  -9.858  1.150   1.00 23.57 ?  219 LYS A CE  1 
ATOM   165 N NZ  . LYS A 1 21 ? -0.629  -11.224 1.731   1.00 26.53 1  219 LYS A NZ  1 
ATOM   166 N N   . ASP A 1 22 ? -2.964  -7.181  -3.462  1.00 12.54 ?  220 ASP A N   1 
ATOM   167 C CA  . ASP A 1 22 ? -2.894  -7.493  -4.885  1.00 15.00 ?  220 ASP A CA  1 
ATOM   168 C C   . ASP A 1 22 ? -2.347  -6.300  -5.669  1.00 14.23 ?  220 ASP A C   1 
ATOM   169 O O   . ASP A 1 22 ? -1.486  -6.454  -6.532  1.00 12.90 ?  220 ASP A O   1 
ATOM   170 C CB  . ASP A 1 22 ? -4.275  -7.893  -5.405  1.00 17.86 ?  220 ASP A CB  1 
ATOM   171 C CG  . ASP A 1 22 ? -4.280  -8.181  -6.891  1.00 28.36 ?  220 ASP A CG  1 
ATOM   172 O OD1 . ASP A 1 22 ? -3.673  -9.192  -7.304  1.00 29.31 ?  220 ASP A OD1 1 
ATOM   173 O OD2 . ASP A 1 22 ? -4.896  -7.398  -7.643  1.00 33.93 -1 220 ASP A OD2 1 
ATOM   174 N N   . HIS A 1 23 ? -2.845  -5.115  -5.341  1.00 10.99 ?  221 HIS A N   1 
ATOM   175 C CA  . HIS A 1 23 ? -2.407  -3.873  -5.970  1.00 11.12 ?  221 HIS A CA  1 
ATOM   176 C C   . HIS A 1 23 ? -0.920  -3.600  -5.733  1.00 11.35 ?  221 HIS A C   1 
ATOM   177 O O   . HIS A 1 23 ? -0.193  -3.203  -6.650  1.00 10.47 ?  221 HIS A O   1 
ATOM   178 C CB  . HIS A 1 23 ? -3.250  -2.705  -5.449  1.00 11.41 ?  221 HIS A CB  1 
ATOM   179 C CG  . HIS A 1 23 ? -2.907  -1.383  -6.065  1.00 11.24 ?  221 HIS A CG  1 
ATOM   180 N ND1 . HIS A 1 23 ? -3.024  -1.138  -7.417  1.00 13.76 ?  221 HIS A ND1 1 
ATOM   181 C CD2 . HIS A 1 23 ? -2.459  -0.232  -5.510  1.00 12.52 ?  221 HIS A CD2 1 
ATOM   182 C CE1 . HIS A 1 23 ? -2.658  0.108   -7.668  1.00 14.44 ?  221 HIS A CE1 1 
ATOM   183 N NE2 . HIS A 1 23 ? -2.307  0.677   -6.529  1.00 13.33 ?  221 HIS A NE2 1 
ATOM   184 N N   . LEU A 1 24 ? -0.465  -3.821  -4.505  1.00 10.77 ?  222 LEU A N   1 
ATOM   185 C CA  . LEU A 1 24 ? 0.905   -3.472  -4.133  1.00 13.61 ?  222 LEU A CA  1 
ATOM   186 C C   . LEU A 1 24 ? 1.933   -4.501  -4.576  1.00 13.42 ?  222 LEU A C   1 
ATOM   187 O O   . LEU A 1 24 ? 3.134   -4.310  -4.384  1.00 13.53 ?  222 LEU A O   1 
ATOM   188 C CB  . LEU A 1 24 ? 1.006   -3.258  -2.622  1.00 14.56 ?  222 LEU A CB  1 
ATOM   189 C CG  . LEU A 1 24 ? 0.143   -2.108  -2.108  1.00 14.18 ?  222 LEU A CG  1 
ATOM   190 C CD1 . LEU A 1 24 ? 0.181   -2.066  -0.593  1.00 15.44 ?  222 LEU A CD1 1 
ATOM   191 C CD2 . LEU A 1 24 ? 0.605   -0.773  -2.697  1.00 14.80 ?  222 LEU A CD2 1 
ATOM   192 N N   . ARG A 1 25 ? 1.472   -5.587  -5.185  1.00 12.40 ?  223 ARG A N   1 
ATOM   193 C CA  . ARG A 1 25 ? 2.395   -6.540  -5.794  1.00 14.45 ?  223 ARG A CA  1 
ATOM   194 C C   . ARG A 1 25 ? 3.174   -5.856  -6.919  1.00 11.54 ?  223 ARG A C   1 
ATOM   195 O O   . ARG A 1 25 ? 4.244   -6.311  -7.318  1.00 13.55 ?  223 ARG A O   1 
ATOM   196 C CB  . ARG A 1 25 ? 1.645   -7.769  -6.312  1.00 21.18 ?  223 ARG A CB  1 
ATOM   197 C CG  . ARG A 1 25 ? 2.505   -9.020  -6.403  1.00 32.49 ?  223 ARG A CG  1 
ATOM   198 C CD  . ARG A 1 25 ? 1.662   -10.265 -6.641  1.00 37.74 ?  223 ARG A CD  1 
ATOM   199 N NE  . ARG A 1 25 ? 0.853   -10.172 -7.853  1.00 43.35 ?  223 ARG A NE  1 
ATOM   200 C CZ  . ARG A 1 25 ? 1.301   -10.451 -9.073  1.00 46.65 ?  223 ARG A CZ  1 
ATOM   201 N NH1 . ARG A 1 25 ? 2.559   -10.838 -9.247  1.00 46.39 1  223 ARG A NH1 1 
ATOM   202 N NH2 . ARG A 1 25 ? 0.489   -10.344 -10.117 1.00 47.31 ?  223 ARG A NH2 1 
ATOM   203 N N   . GLN A 1 26 ? 2.631   -4.747  -7.417  1.00 11.51 ?  224 GLN A N   1 
ATOM   204 C CA  . GLN A 1 26 ? 3.314   -3.919  -8.408  1.00 10.35 ?  224 GLN A CA  1 
ATOM   205 C C   . GLN A 1 26 ? 4.481   -3.121  -7.820  1.00 11.35 ?  224 GLN A C   1 
ATOM   206 O O   . GLN A 1 26 ? 5.224   -2.466  -8.551  1.00 13.44 ?  224 GLN A O   1 
ATOM   207 C CB  . GLN A 1 26 ? 2.316   -2.973  -9.071  1.00 11.25 ?  224 GLN A CB  1 
ATOM   208 C CG  . GLN A 1 26 ? 1.207   -3.703  -9.826  1.00 10.23 ?  224 GLN A CG  1 
ATOM   209 C CD  . GLN A 1 26 ? 0.115   -2.771  -10.294 1.00 16.43 ?  224 GLN A CD  1 
ATOM   210 O OE1 . GLN A 1 26 ? -0.683  -2.268  -9.497  1.00 18.11 ?  224 GLN A OE1 1 
ATOM   211 N NE2 . GLN A 1 26 ? 0.080   -2.520  -11.592 1.00 10.14 ?  224 GLN A NE2 1 
ATOM   212 N N   . ALA A 1 27 ? 4.635   -3.166  -6.501  1.00 12.21 ?  225 ALA A N   1 
ATOM   213 C CA  . ALA A 1 27 ? 5.776   -2.539  -5.847  1.00 10.00 ?  225 ALA A CA  1 
ATOM   214 C C   . ALA A 1 27 ? 6.791   -3.591  -5.409  1.00 11.33 ?  225 ALA A C   1 
ATOM   215 O O   . ALA A 1 27 ? 7.999   -3.353  -5.422  1.00 14.13 ?  225 ALA A O   1 
ATOM   216 C CB  . ALA A 1 27 ? 5.317   -1.720  -4.658  1.00 11.46 ?  225 ALA A CB  1 
ATOM   217 N N   . GLY A 1 28 ? 6.295   -4.756  -5.011  1.00 12.95 ?  226 GLY A N   1 
ATOM   218 C CA  . GLY A 1 28 ? 7.165   -5.830  -4.568  1.00 15.07 ?  226 GLY A CA  1 
ATOM   219 C C   . GLY A 1 28 ? 6.440   -6.828  -3.690  1.00 15.83 ?  226 GLY A C   1 
ATOM   220 O O   . GLY A 1 28 ? 5.211   -6.810  -3.605  1.00 15.55 ?  226 GLY A O   1 
ATOM   221 N N   . GLU A 1 29 ? 7.196   -7.707  -3.040  1.00 15.00 ?  227 GLU A N   1 
ATOM   222 C CA  . GLU A 1 29 ? 6.589   -8.740  -2.212  1.00 14.03 ?  227 GLU A CA  1 
ATOM   223 C C   . GLU A 1 29 ? 6.168   -8.192  -0.856  1.00 11.43 ?  227 GLU A C   1 
ATOM   224 O O   . GLU A 1 29 ? 6.991   -7.691  -0.097  1.00 12.63 ?  227 GLU A O   1 
ATOM   225 C CB  . GLU A 1 29 ? 7.537   -9.922  -2.019  1.00 15.03 ?  227 GLU A CB  1 
ATOM   226 C CG  . GLU A 1 29 ? 6.899   -11.055 -1.232  1.00 19.10 ?  227 GLU A CG  1 
ATOM   227 C CD  . GLU A 1 29 ? 7.827   -12.238 -1.034  1.00 27.13 ?  227 GLU A CD  1 
ATOM   228 O OE1 . GLU A 1 29 ? 8.884   -12.290 -1.699  1.00 26.05 ?  227 GLU A OE1 1 
ATOM   229 O OE2 . GLU A 1 29 ? 7.496   -13.118 -0.210  1.00 31.63 -1 227 GLU A OE2 1 
ATOM   230 N N   . VAL A 1 30 ? 4.877   -8.302  -0.564  1.00 12.74 ?  228 VAL A N   1 
ATOM   231 C CA  . VAL A 1 30 ? 4.318   -7.851  0.704   1.00 13.45 ?  228 VAL A CA  1 
ATOM   232 C C   . VAL A 1 30 ? 4.510   -8.904  1.793   1.00 15.80 ?  228 VAL A C   1 
ATOM   233 O O   . VAL A 1 30 ? 4.196   -10.074 1.592   1.00 17.16 ?  228 VAL A O   1 
ATOM   234 C CB  . VAL A 1 30 ? 2.816   -7.532  0.557   1.00 16.09 ?  228 VAL A CB  1 
ATOM   235 C CG1 . VAL A 1 30 ? 2.193   -7.169  1.907   1.00 13.00 ?  228 VAL A CG1 1 
ATOM   236 C CG2 . VAL A 1 30 ? 2.611   -6.413  -0.462  1.00 15.72 ?  228 VAL A CG2 1 
ATOM   237 N N   . THR A 1 31 ? 5.028   -8.487  2.946   1.00 12.48 ?  229 THR A N   1 
ATOM   238 C CA  . THR A 1 31 ? 5.216   -9.399  4.068   1.00 15.82 ?  229 THR A CA  1 
ATOM   239 C C   . THR A 1 31 ? 4.241   -9.116  5.201   1.00 16.89 ?  229 THR A C   1 
ATOM   240 O O   . THR A 1 31 ? 4.084   -9.923  6.117   1.00 14.72 ?  229 THR A O   1 
ATOM   241 C CB  . THR A 1 31 ? 6.633   -9.311  4.627   1.00 17.97 ?  229 THR A CB  1 
ATOM   242 O OG1 . THR A 1 31 ? 6.875   -7.971  5.071   1.00 17.50 ?  229 THR A OG1 1 
ATOM   243 C CG2 . THR A 1 31 ? 7.646   -9.678  3.566   1.00 18.84 ?  229 THR A CG2 1 
ATOM   244 N N   . PHE A 1 32 ? 3.596   -7.959  5.139   1.00 13.80 ?  230 PHE A N   1 
ATOM   245 C CA  . PHE A 1 32 ? 2.686   -7.540  6.189   1.00 12.57 ?  230 PHE A CA  1 
ATOM   246 C C   . PHE A 1 32 ? 1.721   -6.526  5.606   1.00 14.19 ?  230 PHE A C   1 
ATOM   247 O O   . PHE A 1 32 ? 2.132   -5.628  4.873   1.00 12.49 ?  230 PHE A O   1 
ATOM   248 C CB  . PHE A 1 32 ? 3.459   -6.935  7.367   1.00 12.71 ?  230 PHE A CB  1 
ATOM   249 C CG  . PHE A 1 32 ? 2.582   -6.434  8.485   1.00 14.17 ?  230 PHE A CG  1 
ATOM   250 C CD1 . PHE A 1 32 ? 2.086   -5.139  8.473   1.00 15.58 ?  230 PHE A CD1 1 
ATOM   251 C CD2 . PHE A 1 32 ? 2.273   -7.252  9.559   1.00 15.53 ?  230 PHE A CD2 1 
ATOM   252 C CE1 . PHE A 1 32 ? 1.286   -4.679  9.503   1.00 18.48 ?  230 PHE A CE1 1 
ATOM   253 C CE2 . PHE A 1 32 ? 1.473   -6.798  10.586  1.00 15.53 ?  230 PHE A CE2 1 
ATOM   254 C CZ  . PHE A 1 32 ? 0.981   -5.509  10.561  1.00 15.89 ?  230 PHE A CZ  1 
ATOM   255 N N   . CYS A 1 33 ? 0.441   -6.666  5.928   1.00 11.50 ?  231 CYS A N   1 
ATOM   256 C CA  . CYS A 1 33 ? -0.535  -5.655  5.547   1.00 11.87 ?  231 CYS A CA  1 
ATOM   257 C C   . CYS A 1 33 ? -1.638  -5.592  6.598   1.00 14.04 ?  231 CYS A C   1 
ATOM   258 O O   . CYS A 1 33 ? -2.230  -6.608  6.956   1.00 12.87 ?  231 CYS A O   1 
ATOM   259 C CB  . CYS A 1 33 ? -1.122  -5.946  4.164   1.00 10.16 ?  231 CYS A CB  1 
ATOM   260 S SG  . CYS A 1 33 ? -2.364  -4.740  3.605   1.00 17.17 ?  231 CYS A SG  1 
ATOM   261 N N   . LYS A 1 34 ? -1.892  -4.392  7.102   1.00 11.43 ?  232 LYS A N   1 
ATOM   262 C CA  . LYS A 1 34 ? -2.916  -4.183  8.115   1.00 10.53 ?  232 LYS A CA  1 
ATOM   263 C C   . LYS A 1 34 ? -3.828  -3.059  7.656   1.00 13.20 ?  232 LYS A C   1 
ATOM   264 O O   . LYS A 1 34 ? -3.365  -1.951  7.398   1.00 12.36 ?  232 LYS A O   1 
ATOM   265 C CB  . LYS A 1 34 ? -2.278  -3.853  9.467   1.00 10.41 ?  232 LYS A CB  1 
ATOM   266 C CG  . LYS A 1 34 ? -3.265  -3.718  10.616  1.00 12.39 ?  232 LYS A CG  1 
ATOM   267 C CD  . LYS A 1 34 ? -2.525  -3.613  11.945  1.00 13.38 ?  232 LYS A CD  1 
ATOM   268 C CE  . LYS A 1 34 ? -3.481  -3.438  13.106  1.00 16.65 ?  232 LYS A CE  1 
ATOM   269 N NZ  . LYS A 1 34 ? -2.741  -3.171  14.375  1.00 15.86 1  232 LYS A NZ  1 
ATOM   270 N N   . VAL A 1 35 ? -5.119  -3.348  7.546   1.00 12.96 ?  233 VAL A N   1 
ATOM   271 C CA  . VAL A 1 35 ? -6.074  -2.368  7.044   1.00 10.89 ?  233 VAL A CA  1 
ATOM   272 C C   . VAL A 1 35 ? -6.924  -1.794  8.174   1.00 12.67 ?  233 VAL A C   1 
ATOM   273 O O   . VAL A 1 35 ? -7.500  -2.537  8.968   1.00 13.91 ?  233 VAL A O   1 
ATOM   274 C CB  . VAL A 1 35 ? -7.000  -2.982  5.974   1.00 12.20 ?  233 VAL A CB  1 
ATOM   275 C CG1 . VAL A 1 35 ? -8.099  -2.004  5.582   1.00 12.35 ?  233 VAL A CG1 1 
ATOM   276 C CG2 . VAL A 1 35 ? -6.189  -3.397  4.751   1.00 11.33 ?  233 VAL A CG2 1 
ATOM   277 N N   . PHE A 1 36 ? -6.985  -0.469  8.241   1.00 10.28 ?  234 PHE A N   1 
ATOM   278 C CA  . PHE A 1 36 ? -7.793  0.230   9.234   1.00 14.35 ?  234 PHE A CA  1 
ATOM   279 C C   . PHE A 1 36 ? -9.031  0.834   8.578   1.00 14.24 ?  234 PHE A C   1 
ATOM   280 O O   . PHE A 1 36 ? -9.110  0.939   7.354   1.00 13.79 ?  234 PHE A O   1 
ATOM   281 C CB  . PHE A 1 36 ? -6.978  1.332   9.918   1.00 14.51 ?  234 PHE A CB  1 
ATOM   282 C CG  . PHE A 1 36 ? -5.721  0.841   10.575  1.00 15.26 ?  234 PHE A CG  1 
ATOM   283 C CD1 . PHE A 1 36 ? -5.716  0.472   11.909  1.00 18.91 ?  234 PHE A CD1 1 
ATOM   284 C CD2 . PHE A 1 36 ? -4.540  0.754   9.855   1.00 15.27 ?  234 PHE A CD2 1 
ATOM   285 C CE1 . PHE A 1 36 ? -4.556  0.022   12.515  1.00 19.29 ?  234 PHE A CE1 1 
ATOM   286 C CE2 . PHE A 1 36 ? -3.378  0.297   10.453  1.00 15.26 ?  234 PHE A CE2 1 
ATOM   287 C CZ  . PHE A 1 36 ? -3.384  -0.066  11.787  1.00 17.45 ?  234 PHE A CZ  1 
ATOM   288 N N   . SER A 1 37 ? -9.988  1.244   9.401   1.00 12.09 ?  235 SER A N   1 
ATOM   289 C CA  . SER A 1 37 ? -11.183 1.905   8.905   1.00 13.54 ?  235 SER A CA  1 
ATOM   290 C C   . SER A 1 37 ? -10.823 3.187   8.163   1.00 13.19 ?  235 SER A C   1 
ATOM   291 O O   . SER A 1 37 ? -9.776  3.789   8.415   1.00 15.82 ?  235 SER A O   1 
ATOM   292 C CB  . SER A 1 37 ? -12.138 2.221   10.061  1.00 16.21 ?  235 SER A CB  1 
ATOM   293 O OG  . SER A 1 37 ? -11.554 3.162   10.949  1.00 16.83 ?  235 SER A OG  1 
ATOM   294 N N   . GLY A 1 38 ? -11.693 3.598   7.246   1.00 13.79 ?  236 GLY A N   1 
ATOM   295 C CA  . GLY A 1 38 ? -11.519 4.859   6.548   1.00 17.32 ?  236 GLY A CA  1 
ATOM   296 C C   . GLY A 1 38 ? -10.449 4.843   5.476   1.00 13.90 ?  236 GLY A C   1 
ATOM   297 O O   . GLY A 1 38 ? -9.902  5.888   5.125   1.00 15.20 ?  236 GLY A O   1 
ATOM   298 N N   . GLY A 1 39 ? -10.138 3.658   4.964   1.00 12.64 ?  237 GLY A N   1 
ATOM   299 C CA  . GLY A 1 39 ? -9.230  3.534   3.841   1.00 10.91 ?  237 GLY A CA  1 
ATOM   300 C C   . GLY A 1 39 ? -7.763  3.716   4.180   1.00 12.32 ?  237 GLY A C   1 
ATOM   301 O O   . GLY A 1 39 ? -6.985  4.162   3.335   1.00 13.93 ?  237 GLY A O   1 
ATOM   302 N N   . ARG A 1 40 ? -7.387  3.361   5.408   1.00 11.81 ?  238 ARG A N   1 
ATOM   303 C CA  . ARG A 1 40 ? -5.997  3.443   5.862   1.00 12.68 ?  238 ARG A CA  1 
ATOM   304 C C   . ARG A 1 40 ? -5.361  2.067   5.921   1.00 12.99 ?  238 ARG A C   1 
ATOM   305 O O   . ARG A 1 40 ? -6.036  1.083   6.205   1.00 12.84 ?  238 ARG A O   1 
ATOM   306 C CB  . ARG A 1 40 ? -5.902  4.065   7.253   1.00 11.67 ?  238 ARG A CB  1 
ATOM   307 C CG  . ARG A 1 40 ? -6.365  5.498   7.371   1.00 12.45 ?  238 ARG A CG  1 
ATOM   308 C CD  . ARG A 1 40 ? -6.411  5.866   8.840   1.00 11.87 ?  238 ARG A CD  1 
ATOM   309 N NE  . ARG A 1 40 ? -7.513  5.185   9.509   1.00 13.44 ?  238 ARG A NE  1 
ATOM   310 C CZ  . ARG A 1 40 ? -7.595  4.984   10.821  1.00 15.99 ?  238 ARG A CZ  1 
ATOM   311 N NH1 . ARG A 1 40 ? -6.624  5.392   11.627  1.00 16.88 1  238 ARG A NH1 1 
ATOM   312 N NH2 . ARG A 1 40 ? -8.653  4.359   11.326  1.00 17.01 ?  238 ARG A NH2 1 
ATOM   313 N N   . ALA A 1 41 ? -4.056  2.002   5.692   1.00 11.32 ?  239 ALA A N   1 
ATOM   314 C CA  . ALA A 1 41 ? -3.340  0.750   5.861   1.00 11.37 ?  239 ALA A CA  1 
ATOM   315 C C   . ALA A 1 41 ? -1.867  0.962   6.151   1.00 11.53 ?  239 ALA A C   1 
ATOM   316 O O   . ALA A 1 41 ? -1.302  2.022   5.866   1.00 10.55 ?  239 ALA A O   1 
ATOM   317 C CB  . ALA A 1 41 ? -3.503  -0.114  4.629   1.00 10.12 ?  239 ALA A CB  1 
ATOM   318 N N   . VAL A 1 42 ? -1.258  -0.065  6.729   1.00 9.16  ?  240 VAL A N   1 
ATOM   319 C CA  . VAL A 1 42 ? 0.186   -0.118  6.898   1.00 11.40 ?  240 VAL A CA  1 
ATOM   320 C C   . VAL A 1 42 ? 0.679   -1.377  6.196   1.00 11.94 ?  240 VAL A C   1 
ATOM   321 O O   . VAL A 1 42 ? 0.140   -2.467  6.402   1.00 12.85 ?  240 VAL A O   1 
ATOM   322 C CB  . VAL A 1 42 ? 0.597   -0.136  8.374   1.00 12.83 ?  240 VAL A CB  1 
ATOM   323 C CG1 . VAL A 1 42 ? 2.107   -0.302  8.506   1.00 17.29 ?  240 VAL A CG1 1 
ATOM   324 C CG2 . VAL A 1 42 ? 0.123   1.136   9.069   1.00 15.04 ?  240 VAL A CG2 1 
ATOM   325 N N   . VAL A 1 43 ? 1.693   -1.221  5.355   1.00 10.02 ?  241 VAL A N   1 
ATOM   326 C CA  . VAL A 1 43 ? 2.210   -2.334  4.577   1.00 11.69 ?  241 VAL A CA  1 
ATOM   327 C C   . VAL A 1 43 ? 3.709   -2.464  4.776   1.00 13.72 ?  241 VAL A C   1 
ATOM   328 O O   . VAL A 1 43 ? 4.411   -1.462  4.900   1.00 16.10 ?  241 VAL A O   1 
ATOM   329 C CB  . VAL A 1 43 ? 1.877   -2.159  3.075   1.00 15.58 ?  241 VAL A CB  1 
ATOM   330 C CG1 . VAL A 1 43 ? 2.396   -3.337  2.254   1.00 14.46 ?  241 VAL A CG1 1 
ATOM   331 C CG2 . VAL A 1 43 ? 0.375   -2.016  2.896   1.00 19.18 ?  241 VAL A CG2 1 
ATOM   332 N N   . GLU A 1 44 ? 4.190   -3.700  4.838   1.00 11.82 ?  242 GLU A N   1 
ATOM   333 C CA  . GLU A 1 44 ? 5.622   -3.956  4.862   1.00 13.59 ?  242 GLU A CA  1 
ATOM   334 C C   . GLU A 1 44 ? 6.012   -4.818  3.671   1.00 14.05 ?  242 GLU A C   1 
ATOM   335 O O   . GLU A 1 44 ? 5.297   -5.759  3.315   1.00 14.50 ?  242 GLU A O   1 
ATOM   336 C CB  . GLU A 1 44 ? 6.027   -4.637  6.163   1.00 19.79 ?  242 GLU A CB  1 
ATOM   337 C CG  . GLU A 1 44 ? 7.516   -4.596  6.446   1.00 29.36 ?  242 GLU A CG  1 
ATOM   338 C CD  . GLU A 1 44 ? 7.837   -4.941  7.888   1.00 37.76 ?  242 GLU A CD  1 
ATOM   339 O OE1 . GLU A 1 44 ? 8.960   -5.427  8.153   1.00 40.62 ?  242 GLU A OE1 1 
ATOM   340 O OE2 . GLU A 1 44 ? 6.961   -4.730  8.758   1.00 40.08 -1 242 GLU A OE2 1 
ATOM   341 N N   . PHE A 1 45 ? 7.137   -4.482  3.049   1.00 10.33 ?  243 PHE A N   1 
ATOM   342 C CA  . PHE A 1 45 ? 7.669   -5.270  1.946   1.00 11.30 ?  243 PHE A CA  1 
ATOM   343 C C   . PHE A 1 45 ? 8.921   -6.039  2.371   1.00 11.64 ?  243 PHE A C   1 
ATOM   344 O O   . PHE A 1 45 ? 9.483   -5.781  3.434   1.00 13.63 ?  243 PHE A O   1 
ATOM   345 C CB  . PHE A 1 45 ? 7.991   -4.371  0.753   1.00 10.34 ?  243 PHE A CB  1 
ATOM   346 C CG  . PHE A 1 45 ? 6.793   -3.667  0.166   1.00 9.64  ?  243 PHE A CG  1 
ATOM   347 C CD1 . PHE A 1 45 ? 6.363   -2.448  0.673   1.00 11.08 ?  243 PHE A CD1 1 
ATOM   348 C CD2 . PHE A 1 45 ? 6.104   -4.221  -0.901  1.00 12.27 ?  243 PHE A CD2 1 
ATOM   349 C CE1 . PHE A 1 45 ? 5.263   -1.800  0.125   1.00 12.68 ?  243 PHE A CE1 1 
ATOM   350 C CE2 . PHE A 1 45 ? 5.009   -3.579  -1.449  1.00 12.71 ?  243 PHE A CE2 1 
ATOM   351 C CZ  . PHE A 1 45 ? 4.586   -2.365  -0.940  1.00 11.61 ?  243 PHE A CZ  1 
ATOM   352 N N   . VAL A 1 46 ? 9.355   -6.985  1.541   1.00 12.42 ?  244 VAL A N   1 
ATOM   353 C CA  . VAL A 1 46 ? 10.574  -7.739  1.825   1.00 14.26 ?  244 VAL A CA  1 
ATOM   354 C C   . VAL A 1 46 ? 11.789  -6.815  1.904   1.00 15.91 ?  244 VAL A C   1 
ATOM   355 O O   . VAL A 1 46 ? 12.618  -6.943  2.801   1.00 15.71 ?  244 VAL A O   1 
ATOM   356 C CB  . VAL A 1 46 ? 10.830  -8.823  0.758   1.00 15.68 ?  244 VAL A CB  1 
ATOM   357 C CG1 . VAL A 1 46 ? 12.192  -9.472  0.958   1.00 20.26 ?  244 VAL A CG1 1 
ATOM   358 C CG2 . VAL A 1 46 ? 9.744   -9.872  0.811   1.00 18.88 ?  244 VAL A CG2 1 
ATOM   359 N N   . THR A 1 47 ? 11.882  -5.876  0.968   1.00 14.36 ?  245 THR A N   1 
ATOM   360 C CA  . THR A 1 47 ? 13.046  -5.001  0.890   1.00 14.50 ?  245 THR A CA  1 
ATOM   361 C C   . THR A 1 47 ? 12.670  -3.524  0.976   1.00 13.77 ?  245 THR A C   1 
ATOM   362 O O   . THR A 1 47 ? 11.537  -3.145  0.669   1.00 9.94  ?  245 THR A O   1 
ATOM   363 C CB  . THR A 1 47 ? 13.830  -5.228  -0.425  1.00 13.41 ?  245 THR A CB  1 
ATOM   364 O OG1 . THR A 1 47 ? 13.104  -4.649  -1.514  1.00 14.39 ?  245 THR A OG1 1 
ATOM   365 C CG2 . THR A 1 47 ? 14.056  -6.714  -0.677  1.00 15.74 ?  245 THR A CG2 1 
ATOM   366 N N   . PRO A 1 48 ? 13.625  -2.680  1.402   1.00 11.50 ?  246 PRO A N   1 
ATOM   367 C CA  . PRO A 1 48 ? 13.441  -1.225  1.350   1.00 10.11 ?  246 PRO A CA  1 
ATOM   368 C C   . PRO A 1 48 ? 13.221  -0.726  -0.071  1.00 8.82  ?  246 PRO A C   1 
ATOM   369 O O   . PRO A 1 48 ? 12.573  0.294   -0.267  1.00 11.58 ?  246 PRO A O   1 
ATOM   370 C CB  . PRO A 1 48 ? 14.758  -0.680  1.918   1.00 12.45 ?  246 PRO A CB  1 
ATOM   371 C CG  . PRO A 1 48 ? 15.280  -1.782  2.761   1.00 14.38 ?  246 PRO A CG  1 
ATOM   372 C CD  . PRO A 1 48 ? 14.886  -3.049  2.069   1.00 11.95 ?  246 PRO A CD  1 
ATOM   373 N N   . GLU A 1 49 ? 13.757  -1.446  -1.049  1.00 10.46 ?  247 GLU A N   1 
ATOM   374 C CA  . GLU A 1 49 ? 13.652  -1.032  -2.444  1.00 13.22 ?  247 GLU A CA  1 
ATOM   375 C C   . GLU A 1 49 ? 12.218  -1.190  -2.930  1.00 11.61 ?  247 GLU A C   1 
ATOM   376 O O   . GLU A 1 49 ? 11.734  -0.396  -3.735  1.00 11.01 ?  247 GLU A O   1 
ATOM   377 C CB  . GLU A 1 49 ? 14.612  -1.840  -3.321  1.00 15.35 ?  247 GLU A CB  1 
ATOM   378 C CG  . GLU A 1 49 ? 16.082  -1.458  -3.144  1.00 20.22 ?  247 GLU A CG  1 
ATOM   379 C CD  . GLU A 1 49 ? 16.598  -1.698  -1.729  1.00 22.39 ?  247 GLU A CD  1 
ATOM   380 O OE1 . GLU A 1 49 ? 16.440  -2.825  -1.206  1.00 16.49 ?  247 GLU A OE1 1 
ATOM   381 O OE2 . GLU A 1 49 ? 17.149  -0.748  -1.134  1.00 27.04 -1 247 GLU A OE2 1 
ATOM   382 N N   . ASP A 1 50 ? 11.546  -2.223  -2.434  1.00 12.87 ?  248 ASP A N   1 
ATOM   383 C CA  . ASP A 1 50 ? 10.129  -2.422  -2.719  1.00 14.57 ?  248 ASP A CA  1 
ATOM   384 C C   . ASP A 1 50 ? 9.290   -1.280  -2.145  1.00 12.53 ?  248 ASP A C   1 
ATOM   385 O O   . ASP A 1 50 ? 8.369   -0.788  -2.799  1.00 11.80 ?  248 ASP A O   1 
ATOM   386 C CB  . ASP A 1 50 ? 9.639   -3.746  -2.143  1.00 13.76 ?  248 ASP A CB  1 
ATOM   387 C CG  . ASP A 1 50 ? 10.185  -4.954  -2.882  1.00 22.10 ?  248 ASP A CG  1 
ATOM   388 O OD1 . ASP A 1 50 ? 10.797  -4.789  -3.965  1.00 19.80 ?  248 ASP A OD1 1 
ATOM   389 O OD2 . ASP A 1 50 ? 9.997   -6.080  -2.369  1.00 26.07 -1 248 ASP A OD2 1 
ATOM   390 N N   . ALA A 1 51 ? 9.602   -0.883  -0.912  1.00 11.11 ?  249 ALA A N   1 
ATOM   391 C CA  . ALA A 1 51 ? 8.877   0.193   -0.241  1.00 11.48 ?  249 ALA A CA  1 
ATOM   392 C C   . ALA A 1 51 ? 9.086   1.509   -0.975  1.00 12.83 ?  249 ALA A C   1 
ATOM   393 O O   . ALA A 1 51 ? 8.149   2.281   -1.160  1.00 13.37 ?  249 ALA A O   1 
ATOM   394 C CB  . ALA A 1 51 ? 9.319   0.309   1.222   1.00 14.21 ?  249 ALA A CB  1 
ATOM   395 N N   . ALA A 1 52 ? 10.319  1.755   -1.402  1.00 10.80 ?  250 ALA A N   1 
ATOM   396 C CA  . ALA A 1 52 ? 10.625  2.951   -2.173  1.00 12.11 ?  250 ALA A CA  1 
ATOM   397 C C   . ALA A 1 52 ? 9.885   2.929   -3.508  1.00 12.59 ?  250 ALA A C   1 
ATOM   398 O O   . ALA A 1 52 ? 9.401   3.958   -3.974  1.00 13.38 ?  250 ALA A O   1 
ATOM   399 C CB  . ALA A 1 52 ? 12.128  3.076   -2.397  1.00 17.33 ?  250 ALA A CB  1 
ATOM   400 N N   . ARG A 1 53 ? 9.797   1.750   -4.118  1.00 11.88 ?  251 ARG A N   1 
ATOM   401 C CA  . ARG A 1 53 ? 9.086   1.608   -5.384  1.00 9.44  ?  251 ARG A CA  1 
ATOM   402 C C   . ARG A 1 53 ? 7.608   1.949   -5.211  1.00 12.34 ?  251 ARG A C   1 
ATOM   403 O O   . ARG A 1 53 ? 7.019   2.630   -6.057  1.00 12.03 ?  251 ARG A O   1 
ATOM   404 C CB  . ARG A 1 53 ? 9.247   0.192   -5.936  1.00 11.26 ?  251 ARG A CB  1 
ATOM   405 C CG  . ARG A 1 53 ? 8.714   0.010   -7.352  1.00 11.94 ?  251 ARG A CG  1 
ATOM   406 C CD  . ARG A 1 53 ? 8.989   -1.391  -7.875  1.00 13.04 ?  251 ARG A CD  1 
ATOM   407 N NE  . ARG A 1 53 ? 10.420  -1.618  -8.062  1.00 16.55 ?  251 ARG A NE  1 
ATOM   408 C CZ  . ARG A 1 53 ? 11.159  -2.405  -7.284  1.00 19.90 ?  251 ARG A CZ  1 
ATOM   409 N NH1 . ARG A 1 53 ? 10.604  -3.051  -6.270  1.00 20.05 1  251 ARG A NH1 1 
ATOM   410 N NH2 . ARG A 1 53 ? 12.452  -2.550  -7.524  1.00 20.56 ?  251 ARG A NH2 1 
ATOM   411 N N   . ALA A 1 54 ? 7.020   1.482   -4.109  1.00 11.20 ?  252 ALA A N   1 
ATOM   412 C CA  . ALA A 1 54 ? 5.625   1.775   -3.798  1.00 13.15 ?  252 ALA A CA  1 
ATOM   413 C C   . ALA A 1 54 ? 5.401   3.280   -3.710  1.00 13.06 ?  252 ALA A C   1 
ATOM   414 O O   . ALA A 1 54 ? 4.512   3.828   -4.364  1.00 12.58 ?  252 ALA A O   1 
ATOM   415 C CB  . ALA A 1 54 ? 5.211   1.098   -2.493  1.00 14.14 ?  252 ALA A CB  1 
ATOM   416 N N   . ILE A 1 55 ? 6.224   3.947   -2.909  1.00 14.88 ?  253 ILE A N   1 
ATOM   417 C CA  . ILE A 1 55 ? 6.070   5.381   -2.697  1.00 13.66 ?  253 ILE A CA  1 
ATOM   418 C C   . ILE A 1 55 ? 6.342   6.181   -3.969  1.00 14.00 ?  253 ILE A C   1 
ATOM   419 O O   . ILE A 1 55 ? 5.590   7.103   -4.297  1.00 15.54 ?  253 ILE A O   1 
ATOM   420 C CB  . ILE A 1 55 ? 6.982   5.873   -1.549  1.00 14.36 ?  253 ILE A CB  1 
ATOM   421 C CG1 . ILE A 1 55 ? 6.521   5.256   -0.226  1.00 15.36 ?  253 ILE A CG1 1 
ATOM   422 C CG2 . ILE A 1 55 ? 6.986   7.392   -1.457  1.00 16.01 ?  253 ILE A CG2 1 
ATOM   423 C CD1 . ILE A 1 55 ? 7.543   5.335   0.892   1.00 17.93 ?  253 ILE A CD1 1 
ATOM   424 N N   . THR A 1 56 ? 7.385   5.817   -4.706  1.00 14.06 ?  254 THR A N   1 
ATOM   425 C CA  . THR A 1 56 ? 7.754   6.599   -5.880  1.00 15.47 ?  254 THR A CA  1 
ATOM   426 C C   . THR A 1 56 ? 6.935   6.266   -7.132  1.00 18.18 ?  254 THR A C   1 
ATOM   427 O O   . THR A 1 56 ? 6.658   7.151   -7.936  1.00 22.53 ?  254 THR A O   1 
ATOM   428 C CB  . THR A 1 56 ? 9.254   6.438   -6.215  1.00 19.70 ?  254 THR A CB  1 
ATOM   429 O OG1 . THR A 1 56 ? 9.548   5.060   -6.469  1.00 20.95 ?  254 THR A OG1 1 
ATOM   430 C CG2 . THR A 1 56 ? 10.113  6.944   -5.071  1.00 18.83 ?  254 THR A CG2 1 
ATOM   431 N N   . GLU A 1 57 ? 6.546   5.005   -7.307  1.00 13.16 ?  255 GLU A N   1 
ATOM   432 C CA  . GLU A 1 57 ? 5.813   4.617   -8.518  1.00 11.97 ?  255 GLU A CA  1 
ATOM   433 C C   . GLU A 1 57 ? 4.299   4.541   -8.338  1.00 13.94 ?  255 GLU A C   1 
ATOM   434 O O   . GLU A 1 57 ? 3.550   4.833   -9.269  1.00 14.59 ?  255 GLU A O   1 
ATOM   435 C CB  . GLU A 1 57 ? 6.301   3.260   -9.050  1.00 11.35 ?  255 GLU A CB  1 
ATOM   436 C CG  . GLU A 1 57 ? 7.797   3.160   -9.334  1.00 14.96 ?  255 GLU A CG  1 
ATOM   437 C CD  . GLU A 1 57 ? 8.254   4.066   -10.471 1.00 21.82 ?  255 GLU A CD  1 
ATOM   438 O OE1 . GLU A 1 57 ? 7.390   4.646   -11.173 1.00 21.70 ?  255 GLU A OE1 1 
ATOM   439 O OE2 . GLU A 1 57 ? 9.483   4.185   -10.667 1.00 22.23 -1 255 GLU A OE2 1 
ATOM   440 N N   . LEU A 1 58 ? 3.843   4.123   -7.162  1.00 13.82 ?  256 LEU A N   1 
ATOM   441 C CA  . LEU A 1 58 ? 2.414   3.904   -6.960  1.00 12.40 ?  256 LEU A CA  1 
ATOM   442 C C   . LEU A 1 58 ? 1.742   5.068   -6.247  1.00 16.16 ?  256 LEU A C   1 
ATOM   443 O O   . LEU A 1 58 ? 0.588   4.962   -5.832  1.00 14.71 ?  256 LEU A O   1 
ATOM   444 C CB  . LEU A 1 58 ? 2.176   2.611   -6.178  1.00 12.67 ?  256 LEU A CB  1 
ATOM   445 C CG  . LEU A 1 58 ? 2.706   1.337   -6.845  1.00 12.33 ?  256 LEU A CG  1 
ATOM   446 C CD1 . LEU A 1 58 ? 2.243   0.115   -6.073  1.00 12.96 ?  256 LEU A CD1 1 
ATOM   447 C CD2 . LEU A 1 58 ? 2.265   1.257   -8.306  1.00 16.98 ?  256 LEU A CD2 1 
ATOM   448 N N   . GLN A 1 59 ? 2.462   6.177   -6.106  1.00 14.42 ?  257 GLN A N   1 
ATOM   449 C CA  . GLN A 1 59 ? 1.875   7.381   -5.534  1.00 13.54 ?  257 GLN A CA  1 
ATOM   450 C C   . GLN A 1 59 ? 0.725   7.839   -6.415  1.00 12.96 ?  257 GLN A C   1 
ATOM   451 O O   . GLN A 1 59 ? 0.865   7.908   -7.636  1.00 11.99 ?  257 GLN A O   1 
ATOM   452 C CB  . GLN A 1 59 ? 2.914   8.492   -5.397  1.00 10.38 ?  257 GLN A CB  1 
ATOM   453 C CG  . GLN A 1 59 ? 2.394   9.752   -4.721  1.00 12.30 ?  257 GLN A CG  1 
ATOM   454 C CD  . GLN A 1 59 ? 2.062   9.531   -3.258  1.00 15.91 ?  257 GLN A CD  1 
ATOM   455 O OE1 . GLN A 1 59 ? 1.024   8.961   -2.923  1.00 16.37 ?  257 GLN A OE1 1 
ATOM   456 N NE2 . GLN A 1 59 ? 2.951   9.975   -2.375  1.00 18.37 ?  257 GLN A NE2 1 
ATOM   457 N N   . ALA A 1 60 ? -0.412  8.124   -5.790  1.00 11.02 ?  258 ALA A N   1 
ATOM   458 C CA  . ALA A 1 60 ? -1.613  8.584   -6.488  1.00 12.45 ?  258 ALA A CA  1 
ATOM   459 C C   . ALA A 1 60 ? -2.132  7.571   -7.506  1.00 13.76 ?  258 ALA A C   1 
ATOM   460 O O   . ALA A 1 60 ? -2.851  7.933   -8.439  1.00 15.93 ?  258 ALA A O   1 
ATOM   461 C CB  . ALA A 1 60 ? -1.354  9.929   -7.163  1.00 15.29 ?  258 ALA A CB  1 
ATOM   462 N N   . SER A 1 61 ? -1.774  6.299   -7.329  1.00 11.67 ?  259 SER A N   1 
ATOM   463 C CA  . SER A 1 61 ? -2.349  5.250   -8.159  1.00 11.82 ?  259 SER A CA  1 
ATOM   464 C C   . SER A 1 61 ? -3.815  5.057   -7.785  1.00 12.51 ?  259 SER A C   1 
ATOM   465 O O   . SER A 1 61 ? -4.227  5.349   -6.659  1.00 14.01 ?  259 SER A O   1 
ATOM   466 C CB  . SER A 1 61 ? -1.585  3.933   -8.007  1.00 13.21 ?  259 SER A CB  1 
ATOM   467 O OG  . SER A 1 61 ? -1.585  3.482   -6.664  1.00 14.59 ?  259 SER A OG  1 
ATOM   468 N N   . GLU A 1 62 ? -4.600  4.559   -8.732  1.00 14.32 ?  260 GLU A N   1 
ATOM   469 C CA  . GLU A 1 62 ? -6.028  4.391   -8.525  1.00 15.83 ?  260 GLU A CA  1 
ATOM   470 C C   . GLU A 1 62 ? -6.345  2.958   -8.110  1.00 15.96 ?  260 GLU A C   1 
ATOM   471 O O   . GLU A 1 62 ? -5.891  2.005   -8.742  1.00 17.91 ?  260 GLU A O   1 
ATOM   472 C CB  . GLU A 1 62 ? -6.789  4.758   -9.798  1.00 20.56 ?  260 GLU A CB  1 
ATOM   473 C CG  . GLU A 1 62 ? -8.288  4.895   -9.622  1.00 30.18 ?  260 GLU A CG  1 
ATOM   474 C CD  . GLU A 1 62 ? -8.954  5.476   -10.857 1.00 38.85 ?  260 GLU A CD  1 
ATOM   475 O OE1 . GLU A 1 62 ? -8.500  6.541   -11.331 1.00 38.36 ?  260 GLU A OE1 1 
ATOM   476 O OE2 . GLU A 1 62 ? -9.918  4.860   -11.360 1.00 43.06 -1 260 GLU A OE2 1 
ATOM   477 N N   . LEU A 1 63 ? -7.118  2.813   -7.042  1.00 14.56 ?  261 LEU A N   1 
ATOM   478 C CA  . LEU A 1 63 ? -7.539  1.501   -6.570  1.00 14.31 ?  261 LEU A CA  1 
ATOM   479 C C   . LEU A 1 63 ? -9.030  1.528   -6.278  1.00 14.36 ?  261 LEU A C   1 
ATOM   480 O O   . LEU A 1 63 ? -9.482  2.253   -5.387  1.00 14.10 ?  261 LEU A O   1 
ATOM   481 C CB  . LEU A 1 63 ? -6.749  1.088   -5.322  1.00 13.09 ?  261 LEU A CB  1 
ATOM   482 C CG  . LEU A 1 63 ? -6.983  -0.327  -4.774  1.00 12.91 ?  261 LEU A CG  1 
ATOM   483 C CD1 . LEU A 1 63 ? -6.783  -1.390  -5.862  1.00 14.35 ?  261 LEU A CD1 1 
ATOM   484 C CD2 . LEU A 1 63 ? -6.082  -0.587  -3.571  1.00 11.11 ?  261 LEU A CD2 1 
ATOM   485 N N   . GLU A 1 64 ? -9.783  0.741   -7.046  1.00 14.33 ?  262 GLU A N   1 
ATOM   486 C CA  . GLU A 1 64 ? -11.244 0.705   -6.965  1.00 15.85 ?  262 GLU A CA  1 
ATOM   487 C C   . GLU A 1 64 ? -11.843 2.104   -6.938  1.00 18.40 ?  262 GLU A C   1 
ATOM   488 O O   . GLU A 1 64 ? -12.716 2.408   -6.124  1.00 20.12 ?  262 GLU A O   1 
ATOM   489 C CB  . GLU A 1 64 ? -11.701 -0.097  -5.741  1.00 20.44 ?  262 GLU A CB  1 
ATOM   490 C CG  . GLU A 1 64 ? -11.142 -1.512  -5.706  1.00 23.86 ?  262 GLU A CG  1 
ATOM   491 C CD  . GLU A 1 64 ? -11.826 -2.397  -4.679  1.00 26.31 ?  262 GLU A CD  1 
ATOM   492 O OE1 . GLU A 1 64 ? -12.067 -1.932  -3.546  1.00 27.68 ?  262 GLU A OE1 1 
ATOM   493 O OE2 . GLU A 1 64 ? -12.129 -3.562  -5.013  1.00 27.29 -1 262 GLU A OE2 1 
ATOM   494 N N   . GLY A 1 65 ? -11.346 2.956   -7.828  1.00 18.48 ?  263 GLY A N   1 
ATOM   495 C CA  . GLY A 1 65 ? -11.881 4.292   -7.996  1.00 18.97 ?  263 GLY A CA  1 
ATOM   496 C C   . GLY A 1 65 ? -11.260 5.351   -7.105  1.00 20.50 ?  263 GLY A C   1 
ATOM   497 O O   . GLY A 1 65 ? -11.498 6.538   -7.302  1.00 22.28 ?  263 GLY A O   1 
ATOM   498 N N   . ALA A 1 66 ? -10.463 4.934   -6.126  1.00 16.93 ?  264 ALA A N   1 
ATOM   499 C CA  . ALA A 1 66 ? -9.885  5.874   -5.168  1.00 16.59 ?  264 ALA A CA  1 
ATOM   500 C C   . ALA A 1 66 ? -8.410  6.152   -5.444  1.00 17.56 ?  264 ALA A C   1 
ATOM   501 O O   . ALA A 1 66 ? -7.662  5.258   -5.835  1.00 16.85 ?  264 ALA A O   1 
ATOM   502 C CB  . ALA A 1 66 ? -10.061 5.349   -3.751  1.00 19.59 ?  264 ALA A CB  1 
ATOM   503 N N   . THR A 1 67 ? -7.997  7.397   -5.226  1.00 15.47 ?  265 THR A N   1 
ATOM   504 C CA  . THR A 1 67 ? -6.602  7.792   -5.403  1.00 15.22 ?  265 THR A CA  1 
ATOM   505 C C   . THR A 1 67 ? -5.817  7.604   -4.107  1.00 14.04 ?  265 THR A C   1 
ATOM   506 O O   . THR A 1 67 ? -6.172  8.162   -3.070  1.00 14.82 ?  265 THR A O   1 
ATOM   507 C CB  . THR A 1 67 ? -6.489  9.257   -5.862  1.00 18.24 ?  265 THR A CB  1 
ATOM   508 O OG1 . THR A 1 67 ? -7.184  9.414   -7.104  1.00 21.77 ?  265 THR A OG1 1 
ATOM   509 C CG2 . THR A 1 67 ? -5.032  9.652   -6.051  1.00 16.71 ?  265 THR A CG2 1 
ATOM   510 N N   . LEU A 1 68 ? -4.745  6.823   -4.174  1.00 11.97 ?  266 LEU A N   1 
ATOM   511 C CA  . LEU A 1 68 ? -3.966  6.490   -2.982  1.00 10.38 ?  266 LEU A CA  1 
ATOM   512 C C   . LEU A 1 68 ? -2.919  7.535   -2.607  1.00 12.91 ?  266 LEU A C   1 
ATOM   513 O O   . LEU A 1 68 ? -2.307  8.157   -3.470  1.00 14.24 ?  266 LEU A O   1 
ATOM   514 C CB  . LEU A 1 68 ? -3.268  5.144   -3.175  1.00 13.52 ?  266 LEU A CB  1 
ATOM   515 C CG  . LEU A 1 68 ? -4.180  3.956   -3.486  1.00 15.43 ?  266 LEU A CG  1 
ATOM   516 C CD1 . LEU A 1 68 ? -3.359  2.660   -3.519  1.00 16.50 ?  266 LEU A CD1 1 
ATOM   517 C CD2 . LEU A 1 68 ? -5.318  3.881   -2.475  1.00 17.54 ?  266 LEU A CD2 1 
ATOM   518 N N   . PHE A 1 69 ? -2.703  7.709   -1.307  1.00 12.99 ?  267 PHE A N   1 
ATOM   519 C CA  . PHE A 1 69 ? -1.584  8.507   -0.823  1.00 12.09 ?  267 PHE A CA  1 
ATOM   520 C C   . PHE A 1 69 ? -0.641  7.608   -0.032  1.00 14.37 ?  267 PHE A C   1 
ATOM   521 O O   . PHE A 1 69 ? -1.048  6.952   0.929   1.00 13.68 ?  267 PHE A O   1 
ATOM   522 C CB  . PHE A 1 69 ? -2.058  9.680   0.037   1.00 11.29 ?  267 PHE A CB  1 
ATOM   523 C CG  . PHE A 1 69 ? -0.932  10.471  0.647   1.00 12.61 ?  267 PHE A CG  1 
ATOM   524 C CD1 . PHE A 1 69 ? -0.104  11.243  -0.151  1.00 15.08 ?  267 PHE A CD1 1 
ATOM   525 C CD2 . PHE A 1 69 ? -0.694  10.436  2.012   1.00 12.30 ?  267 PHE A CD2 1 
ATOM   526 C CE1 . PHE A 1 69 ? 0.938   11.964  0.398   1.00 15.06 ?  267 PHE A CE1 1 
ATOM   527 C CE2 . PHE A 1 69 ? 0.346   11.161  2.569   1.00 12.41 ?  267 PHE A CE2 1 
ATOM   528 C CZ  . PHE A 1 69 ? 1.162   11.923  1.760   1.00 14.82 ?  267 PHE A CZ  1 
ATOM   529 N N   . LEU A 1 70 ? 0.619   7.575   -0.452  1.00 11.53 ?  268 LEU A N   1 
ATOM   530 C CA  . LEU A 1 70 ? 1.618   6.713   0.156   0.73 3.32  ?  268 LEU A CA  1 
ATOM   531 C C   . LEU A 1 70 ? 2.755   7.544   0.740   1.00 12.73 ?  268 LEU A C   1 
ATOM   532 O O   . LEU A 1 70 ? 3.178   8.531   0.139   1.00 11.13 ?  268 LEU A O   1 
ATOM   533 C CB  . LEU A 1 70 ? 2.168   5.726   -0.877  0.66 3.35  ?  268 LEU A CB  1 
ATOM   534 C CG  . LEU A 1 70 ? 1.253   4.595   -1.365  0.77 6.95  ?  268 LEU A CG  1 
ATOM   535 C CD1 . LEU A 1 70 ? 0.398   5.058   -2.524  0.63 11.26 ?  268 LEU A CD1 1 
ATOM   536 C CD2 . LEU A 1 70 ? 2.092   3.406   -1.788  0.54 10.53 ?  268 LEU A CD2 1 
ATOM   537 N N   . ARG A 1 71 ? 3.249   7.150   1.910   1.00 13.38 ?  269 ARG A N   1 
ATOM   538 C CA  . ARG A 1 71 ? 4.448   7.776   2.474   1.00 15.13 ?  269 ARG A CA  1 
ATOM   539 C C   . ARG A 1 71 ? 5.184   6.842   3.434   1.00 15.74 ?  269 ARG A C   1 
ATOM   540 O O   . ARG A 1 71 ? 4.694   5.767   3.786   1.00 14.55 ?  269 ARG A O   1 
ATOM   541 C CB  . ARG A 1 71 ? 4.096   9.088   3.182   1.00 20.17 ?  269 ARG A CB  1 
ATOM   542 C CG  . ARG A 1 71 ? 3.145   8.944   4.345   1.00 18.25 ?  269 ARG A CG  1 
ATOM   543 C CD  . ARG A 1 71 ? 3.080   10.234  5.166   1.00 16.81 ?  269 ARG A CD  1 
ATOM   544 N NE  . ARG A 1 71 ? 1.898   10.254  6.024   1.00 16.34 ?  269 ARG A NE  1 
ATOM   545 C CZ  . ARG A 1 71 ? 1.681   11.140  6.993   1.00 15.63 ?  269 ARG A CZ  1 
ATOM   546 N NH1 . ARG A 1 71 ? 2.570   12.098  7.251   1.00 11.10 1  269 ARG A NH1 1 
ATOM   547 N NH2 . ARG A 1 71 ? 0.566   11.067  7.707   1.00 14.58 ?  269 ARG A NH2 1 
ATOM   548 O OXT . ARG A 1 71 ? 6.292   7.147   3.881   1.00 16.95 -1 269 ARG A OXT 1 
HETATM 549 O O   . HOH B 2 .  ? -12.804 -0.553  5.506   1.00 12.84 ?  301 HOH A O   1 
HETATM 550 O O   . HOH B 2 .  ? -5.654  8.521   -8.875  1.00 38.29 ?  302 HOH A O   1 
HETATM 551 O O   . HOH B 2 .  ? 10.700  -8.396  -3.063  1.00 35.84 ?  303 HOH A O   1 
HETATM 552 O O   . HOH B 2 .  ? 8.727   -4.494  10.710  1.00 39.68 ?  304 HOH A O   1 
HETATM 553 O O   . HOH B 2 .  ? -4.209  1.553   -10.560 1.00 21.50 ?  305 HOH A O   1 
HETATM 554 O O   . HOH B 2 .  ? -9.367  8.932   -1.604  1.00 27.61 ?  306 HOH A O   1 
HETATM 555 O O   . HOH B 2 .  ? 18.099  -0.355  1.201   1.00 16.00 ?  307 HOH A O   1 
HETATM 556 O O   . HOH B 2 .  ? -4.098  -5.365  -8.996  1.00 38.21 ?  308 HOH A O   1 
HETATM 557 O O   . HOH B 2 .  ? 5.159   -12.266 6.105   1.00 35.38 ?  309 HOH A O   1 
HETATM 558 O O   . HOH B 2 .  ? 8.511   3.350   8.150   1.00 22.64 ?  310 HOH A O   1 
HETATM 559 O O   . HOH B 2 .  ? -11.428 -8.970  -1.119  1.00 24.78 ?  311 HOH A O   1 
HETATM 560 O O   . HOH B 2 .  ? -10.999 -4.716  -7.050  1.00 31.70 ?  312 HOH A O   1 
HETATM 561 O O   . HOH B 2 .  ? -9.493  -9.174  2.529   1.00 15.95 ?  313 HOH A O   1 
HETATM 562 O O   . HOH B 2 .  ? 16.873  -4.704  -2.974  1.00 26.09 ?  314 HOH A O   1 
HETATM 563 O O   . HOH B 2 .  ? 2.104   9.819   -8.927  1.00 26.14 ?  315 HOH A O   1 
HETATM 564 O O   . HOH B 2 .  ? 0.878   6.830   8.491   1.00 20.85 ?  316 HOH A O   1 
HETATM 565 O O   . HOH B 2 .  ? 14.000  -5.624  -3.802  1.00 25.37 ?  317 HOH A O   1 
HETATM 566 O O   . HOH B 2 .  ? 6.281   -7.996  -7.085  1.00 19.03 ?  318 HOH A O   1 
HETATM 567 O O   . HOH B 2 .  ? 9.930   -6.741  5.869   1.00 39.52 ?  319 HOH A O   1 
HETATM 568 O O   . HOH B 2 .  ? 11.029  2.213   -9.772  1.00 21.66 ?  320 HOH A O   1 
HETATM 569 O O   . HOH B 2 .  ? -9.383  1.960   -2.740  1.00 14.77 ?  321 HOH A O   1 
HETATM 570 O O   . HOH B 2 .  ? -1.977  -1.990  -13.213 1.00 22.00 ?  322 HOH A O   1 
HETATM 571 O O   . HOH B 2 .  ? -11.817 -4.784  -2.321  1.00 15.06 ?  323 HOH A O   1 
HETATM 572 O O   . HOH B 2 .  ? -4.001  5.956   11.488  1.00 17.50 ?  324 HOH A O   1 
HETATM 573 O O   . HOH B 2 .  ? -13.423 7.208   -9.056  1.00 38.32 ?  325 HOH A O   1 
HETATM 574 O O   . HOH B 2 .  ? -10.881 0.882   5.329   1.00 14.52 ?  326 HOH A O   1 
HETATM 575 O O   . HOH B 2 .  ? 5.619   -12.705 1.677   1.00 33.08 ?  327 HOH A O   1 
HETATM 576 O O   . HOH B 2 .  ? 13.243  1.150   -5.346  1.00 13.24 ?  328 HOH A O   1 
HETATM 577 O O   . HOH B 2 .  ? 5.171   10.351  0.155   1.00 24.58 ?  329 HOH A O   1 
HETATM 578 O O   . HOH B 2 .  ? -7.286  10.326  -1.892  1.00 35.06 ?  330 HOH A O   1 
HETATM 579 O O   . HOH B 2 .  ? -0.074  8.413   6.257   1.00 23.90 ?  331 HOH A O   1 
HETATM 580 O O   . HOH B 2 .  ? -15.129 -4.009  2.553   1.00 36.33 ?  332 HOH A O   1 
HETATM 581 O O   . HOH B 2 .  ? -4.497  -2.729  16.394  1.00 22.70 ?  333 HOH A O   1 
HETATM 582 O O   . HOH B 2 .  ? 10.898  5.663   -12.461 1.00 18.02 ?  334 HOH A O   1 
HETATM 583 O O   . HOH B 2 .  ? -6.292  -5.176  -6.440  1.00 20.12 ?  335 HOH A O   1 
HETATM 584 O O   . HOH B 2 .  ? -15.028 0.179   -3.287  1.00 43.78 ?  336 HOH A O   1 
HETATM 585 O O   . HOH B 2 .  ? -2.886  10.443  4.934   1.00 19.09 ?  337 HOH A O   1 
HETATM 586 O O   . HOH B 2 .  ? 0.678   -8.920  -2.282  1.00 25.79 ?  338 HOH A O   1 
HETATM 587 O O   . HOH B 2 .  ? -9.789  8.760   -7.693  1.00 34.00 ?  339 HOH A O   1 
HETATM 588 O O   . HOH B 2 .  ? 11.183  5.642   -9.068  1.00 35.23 ?  340 HOH A O   1 
HETATM 589 O O   . HOH B 2 .  ? 3.192   -11.813 -0.292  1.00 35.55 ?  341 HOH A O   1 
HETATM 590 O O   . HOH B 2 .  ? -10.213 0.271   2.730   1.00 15.45 ?  342 HOH A O   1 
HETATM 591 O O   . HOH B 2 .  ? 6.073   9.807   -4.040  1.00 21.47 ?  343 HOH A O   1 
HETATM 592 O O   . HOH B 2 .  ? -5.444  10.073  2.007   1.00 16.16 ?  344 HOH A O   1 
HETATM 593 O O   . HOH B 2 .  ? -9.052  -1.217  -8.897  1.00 20.14 ?  345 HOH A O   1 
HETATM 594 O O   . HOH B 2 .  ? -10.041 9.036   -4.250  1.00 26.56 ?  346 HOH A O   1 
HETATM 595 O O   . HOH B 2 .  ? -10.818 8.505   5.583   1.00 22.09 ?  347 HOH A O   1 
HETATM 596 O O   . HOH B 2 .  ? -1.607  10.883  -3.563  1.00 23.99 ?  348 HOH A O   1 
HETATM 597 O O   . HOH B 2 .  ? -14.198 3.216   11.939  1.00 37.37 ?  349 HOH A O   1 
HETATM 598 O O   . HOH B 2 .  ? -4.228  -10.602 -2.152  1.00 26.60 ?  350 HOH A O   1 
HETATM 599 O O   . HOH B 2 .  ? 15.437  -6.984  3.196   1.00 35.29 ?  351 HOH A O   1 
HETATM 600 O O   . HOH B 2 .  ? 6.130   3.965   7.335   1.00 27.50 ?  352 HOH A O   1 
HETATM 601 O O   . HOH B 2 .  ? 6.031   -0.105  -9.937  1.00 14.92 ?  353 HOH A O   1 
HETATM 602 O O   . HOH B 2 .  ? 14.304  -4.289  -6.220  1.00 30.07 ?  354 HOH A O   1 
HETATM 603 O O   . HOH B 2 .  ? -4.415  -2.752  -9.328  1.00 25.78 ?  355 HOH A O   1 
HETATM 604 O O   . HOH B 2 .  ? -9.561  0.393   12.111  1.00 17.31 ?  356 HOH A O   1 
HETATM 605 O O   . HOH B 2 .  ? 12.382  4.972   -6.988  1.00 44.63 ?  357 HOH A O   1 
HETATM 606 O O   . HOH B 2 .  ? -0.723  7.200   3.854   1.00 13.87 ?  358 HOH A O   1 
HETATM 607 O O   . HOH B 2 .  ? -14.065 1.942   6.944   1.00 26.49 ?  359 HOH A O   1 
HETATM 608 O O   . HOH B 2 .  ? -9.932  2.126   -10.252 1.00 25.29 ?  360 HOH A O   1 
HETATM 609 O O   . HOH B 2 .  ? 8.412   7.324   -10.529 1.00 38.91 ?  361 HOH A O   1 
HETATM 610 O O   . HOH B 2 .  ? -0.962  -0.829  14.377  1.00 32.67 ?  362 HOH A O   1 
HETATM 611 O O   . HOH B 2 .  ? -11.865 5.993   10.192  1.00 39.40 ?  363 HOH A O   1 
HETATM 612 O O   . HOH B 2 .  ? -3.731  4.846   -11.541 1.00 19.63 ?  364 HOH A O   1 
HETATM 613 O O   . HOH B 2 .  ? -2.992  -0.951  -10.876 1.00 17.09 ?  365 HOH A O   1 
HETATM 614 O O   . HOH B 2 .  ? 3.198   -9.720  -2.627  1.00 30.31 ?  366 HOH A O   1 
HETATM 615 O O   . HOH B 2 .  ? -14.841 -1.763  5.516   1.00 26.13 ?  367 HOH A O   1 
HETATM 616 O O   . HOH B 2 .  ? -7.671  -7.931  -6.498  1.00 38.04 ?  368 HOH A O   1 
HETATM 617 O O   . HOH B 2 .  ? 11.698  2.863   -7.017  1.00 30.61 ?  369 HOH A O   1 
HETATM 618 O O   . HOH B 2 .  ? 7.751   2.864   10.842  1.00 39.38 ?  370 HOH A O   1 
HETATM 619 O O   . HOH B 2 .  ? 7.500   9.296   1.733   1.00 27.62 ?  371 HOH A O   1 
HETATM 620 O O   . HOH B 2 .  ? -8.536  2.320   14.025  1.00 32.43 ?  372 HOH A O   1 
HETATM 621 O O   . HOH B 2 .  ? 2.019   -12.260 4.357   1.00 44.32 ?  373 HOH A O   1 
HETATM 622 O O   . HOH B 2 .  ? 6.669   -10.084 -5.788  1.00 39.06 ?  374 HOH A O   1 
HETATM 623 O O   . HOH B 2 .  ? 10.816  7.633   -10.819 1.00 28.61 ?  375 HOH A O   1 
HETATM 624 O O   . HOH B 2 .  ? 10.114  5.286   8.068   1.00 34.46 ?  376 HOH A O   1 
HETATM 625 O O   . HOH B 2 .  ? 0.415   12.341  -4.393  1.00 30.17 ?  377 HOH A O   1 
HETATM 626 O O   . HOH B 2 .  ? 13.254  3.965   -10.504 1.00 27.16 ?  378 HOH A O   1 
HETATM 627 O O   . HOH B 2 .  ? -14.069 0.550   12.319  1.00 25.27 ?  379 HOH A O   1 
HETATM 628 O O   . HOH B 2 .  ? 15.242  0.315   -6.825  1.00 33.70 ?  380 HOH A O   1 
HETATM 629 O O   . HOH B 2 .  ? 7.585   11.199  3.605   0.33 31.16 ?  381 HOH A O   1 
HETATM 630 O O   . HOH B 2 .  ? -1.787  0.894   15.508  1.00 42.33 ?  382 HOH A O   1 
HETATM 631 O O   . HOH B 2 .  ? 16.612  -3.153  -6.328  1.00 42.27 ?  383 HOH A O   1 
HETATM 632 O O   . HOH B 2 .  ? 4.814   12.434  1.318   1.00 36.11 ?  384 HOH A O   1 
HETATM 633 O O   . HOH B 2 .  ? -5.613  11.571  -0.344  1.00 20.84 ?  385 HOH A O   1 
HETATM 634 O O   . HOH B 2 .  ? -11.251 -2.044  -10.160 1.00 39.12 ?  386 HOH A O   1 
HETATM 635 O O   . HOH B 2 .  ? 18.356  -3.542  -5.221  1.00 42.46 ?  387 HOH A O   1 
HETATM 636 O O   . HOH B 2 .  ? 17.015  -6.176  1.828   1.00 43.40 ?  388 HOH A O   1 
HETATM 637 O O   . HOH B 2 .  ? -3.433  12.423  -2.297  1.00 37.08 ?  389 HOH A O   1 
HETATM 638 O O   . HOH B 2 .  ? 4.566   -11.353 -4.211  1.00 35.40 ?  390 HOH A O   1 
HETATM 639 O O   . HOH B 2 .  ? 10.917  8.919   -8.854  1.00 34.26 ?  391 HOH A O   1 
HETATM 640 O O   . HOH B 2 .  ? -5.967  13.590  -5.303  1.00 39.75 ?  392 HOH A O   1 
HETATM 641 O O   . HOH B 2 .  ? -8.409  -3.994  -7.953  1.00 31.09 ?  393 HOH A O   1 
# 
loop_
_atom_site_anisotrop.id 
_atom_site_anisotrop.type_symbol 
_atom_site_anisotrop.pdbx_label_atom_id 
_atom_site_anisotrop.pdbx_label_alt_id 
_atom_site_anisotrop.pdbx_label_comp_id 
_atom_site_anisotrop.pdbx_label_asym_id 
_atom_site_anisotrop.pdbx_label_seq_id 
_atom_site_anisotrop.pdbx_PDB_ins_code 
_atom_site_anisotrop.U[1][1] 
_atom_site_anisotrop.U[2][2] 
_atom_site_anisotrop.U[3][3] 
_atom_site_anisotrop.U[1][2] 
_atom_site_anisotrop.U[1][3] 
_atom_site_anisotrop.U[2][3] 
_atom_site_anisotrop.pdbx_auth_seq_id 
_atom_site_anisotrop.pdbx_auth_comp_id 
_atom_site_anisotrop.pdbx_auth_asym_id 
_atom_site_anisotrop.pdbx_auth_atom_id 
1   N N   . GLY A 1  ? 0.3176 0.3474 0.3303 0.0064  0.0124  -0.0058 199 GLY A N   
2   C CA  . GLY A 1  ? 0.2785 0.3109 0.2922 0.0065  0.0128  -0.0065 199 GLY A CA  
3   C C   . GLY A 1  ? 0.2199 0.2503 0.2325 0.0059  0.0122  -0.0068 199 GLY A C   
4   O O   . GLY A 1  ? 0.2047 0.2319 0.2158 0.0053  0.0114  -0.0064 199 GLY A O   
5   N N   . SER A 2  ? 0.2134 0.2457 0.2266 0.0058  0.0126  -0.0075 200 SER A N   
6   C CA  . SER A 2  ? 0.1791 0.2097 0.1911 0.0053  0.0120  -0.0078 200 SER A CA  
7   C C   . SER A 2  ? 0.1820 0.2084 0.1911 0.0044  0.0122  -0.0084 200 SER A C   
8   O O   . SER A 2  ? 0.1861 0.2101 0.1940 0.0038  0.0113  -0.0083 200 SER A O   
9   C CB  . SER A 2  ? 0.1614 0.1948 0.1746 0.0053  0.0126  -0.0085 200 SER A CB  
10  O OG  . SER A 2  ? 0.1737 0.2056 0.1855 0.0049  0.0134  -0.0090 200 SER A OG  
11  N N   . HIS A 3  ? 0.1467 0.1724 0.1547 0.0041  0.0132  -0.0091 201 HIS A N   
12  C CA  . HIS A 3  ? 0.1603 0.1822 0.1656 0.0032  0.0135  -0.0097 201 HIS A CA  
13  C C   . HIS A 3  ? 0.1724 0.1906 0.1761 0.0029  0.0126  -0.0090 201 HIS A C   
14  O O   . HIS A 3  ? 0.1599 0.1745 0.1612 0.0022  0.0124  -0.0093 201 HIS A O   
15  C CB  . HIS A 3  ? 0.1480 0.1700 0.1526 0.0032  0.0149  -0.0106 201 HIS A CB  
16  C CG  . HIS A 3  ? 0.1258 0.1509 0.1315 0.0033  0.0160  -0.0115 201 HIS A CG  
17  N ND1 . HIS A 3  ? 0.1654 0.1926 0.1730 0.0040  0.0155  -0.0106 201 HIS A ND1 
18  C CD2 . HIS A 3  ? 0.1632 0.1868 0.1675 0.0027  0.0162  -0.0122 201 HIS A CD2 
19  C CE1 . HIS A 3  ? 0.1602 0.1872 0.1676 0.0039  0.0155  -0.0106 201 HIS A CE1 
20  N NE2 . HIS A 3  ? 0.1672 0.1923 0.1727 0.0031  0.0160  -0.0115 201 HIS A NE2 
21  N N   . MET A 4  ? 0.1538 0.1731 0.1589 0.0035  0.0119  -0.0079 202 MET A N   
22  C CA  . MET A 4  ? 0.1286 0.1447 0.1324 0.0032  0.0110  -0.0071 202 MET A CA  
23  C C   . MET A 4  ? 0.1431 0.1587 0.1474 0.0032  0.0095  -0.0063 202 MET A C   
24  O O   . MET A 4  ? 0.1556 0.1687 0.1589 0.0030  0.0087  -0.0055 202 MET A O   
25  C CB  . MET A 4  ? 0.1193 0.1366 0.1243 0.0039  0.0111  -0.0064 202 MET A CB  
26  C CG  . MET A 4  ? 0.1650 0.1823 0.1694 0.0039  0.0125  -0.0071 202 MET A CG  
27  S SD  . MET A 4  ? 0.2078 0.2297 0.2142 0.0045  0.0137  -0.0079 202 MET A SD  
28  C CE  . MET A 4  ? 0.2768 0.2992 0.2833 0.0047  0.0147  -0.0079 202 MET A CE  
29  N N   . ARG A 5  ? 0.1255 0.1433 0.1310 0.0035  0.0094  -0.0064 203 ARG A N   
30  C CA  . ARG A 5  ? 0.1573 0.1755 0.1637 0.0036  0.0081  -0.0057 203 ARG A CA  
31  C C   . ARG A 5  ? 0.1707 0.1864 0.1755 0.0029  0.0077  -0.0060 203 ARG A C   
32  O O   . ARG A 5  ? 0.1900 0.2058 0.1941 0.0025  0.0083  -0.0070 203 ARG A O   
33  C CB  . ARG A 5  ? 0.2372 0.2598 0.2465 0.0044  0.0083  -0.0054 203 ARG A CB  
34  C CG  . ARG A 5  ? 0.3497 0.3734 0.3606 0.0048  0.0070  -0.0043 203 ARG A CG  
35  C CD  . ARG A 5  ? 0.4105 0.4379 0.4241 0.0057  0.0072  -0.0037 203 ARG A CD  
36  N NE  . ARG A 5  ? 0.4382 0.4692 0.4532 0.0061  0.0081  -0.0045 203 ARG A NE  
37  C CZ  . ARG A 5  ? 0.4768 0.5102 0.4931 0.0066  0.0092  -0.0046 203 ARG A CZ  
38  N NH1 . ARG A 5  ? 0.5245 0.5578 0.5410 0.0069  0.0091  -0.0041 203 ARG A NH1 
39  N NH2 . ARG A 5  ? 0.4729 0.5094 0.4904 0.0069  0.0100  -0.0053 203 ARG A NH2 
40  N N   . VAL A 6  ? 0.1441 0.1579 0.1485 0.0027  0.0063  -0.0053 204 VAL A N   
41  C CA  . VAL A 6  ? 0.0368 0.0480 0.0395 0.0020  0.0058  -0.0056 204 VAL A CA  
42  C C   . VAL A 6  ? 0.1800 0.1922 0.1841 0.0023  0.0045  -0.0047 204 VAL A C   
43  O O   . VAL A 6  ? 0.1597 0.1724 0.1649 0.0027  0.0037  -0.0037 204 VAL A O   
44  C CB  . VAL A 6  ? 0.0397 0.0464 0.0396 0.0013  0.0054  -0.0056 204 VAL A CB  
45  C CG1 . VAL A 6  ? 0.0580 0.0621 0.0563 0.0006  0.0047  -0.0058 204 VAL A CG1 
46  C CG2 . VAL A 6  ? 0.0409 0.0465 0.0394 0.0010  0.0067  -0.0065 204 VAL A CG2 
47  N N   . GLN A 7  ? 0.1560 0.1684 0.1600 0.0021  0.0043  -0.0051 205 GLN A N   
48  C CA  . GLN A 7  ? 0.1679 0.1809 0.1731 0.0023  0.0031  -0.0043 205 GLN A CA  
49  C C   . GLN A 7  ? 0.1413 0.1503 0.1442 0.0016  0.0020  -0.0041 205 GLN A C   
50  O O   . GLN A 7  ? 0.1554 0.1620 0.1563 0.0010  0.0024  -0.0049 205 GLN A O   
51  C CB  . GLN A 7  ? 0.2545 0.2703 0.2610 0.0026  0.0033  -0.0048 205 GLN A CB  
52  C CG  . GLN A 7  ? 0.3308 0.3500 0.3388 0.0031  0.0046  -0.0055 205 GLN A CG  
53  C CD  . GLN A 7  ? 0.3957 0.4183 0.4064 0.0040  0.0044  -0.0045 205 GLN A CD  
54  O OE1 . GLN A 7  ? 0.4395 0.4636 0.4518 0.0043  0.0035  -0.0038 205 GLN A OE1 
55  N NE2 . GLN A 7  ? 0.4336 0.4575 0.4448 0.0042  0.0053  -0.0047 205 GLN A NE2 
56  N N   . VAL A 8  ? 0.1102 0.1186 0.1136 0.0019  0.0008  -0.0031 206 VAL A N   
57  C CA  . VAL A 8  ? 0.1136 0.1183 0.1151 0.0013  -0.0003 -0.0028 206 VAL A CA  
58  C C   . VAL A 8  ? 0.0973 0.1029 0.0999 0.0014  -0.0013 -0.0023 206 VAL A C   
59  O O   . VAL A 8  ? 0.1325 0.1411 0.1374 0.0021  -0.0016 -0.0016 206 VAL A O   
60  C CB  . VAL A 8  ? 0.1666 0.1692 0.1674 0.0012  -0.0008 -0.0019 206 VAL A CB  
61  C CG1 . VAL A 8  ? 0.2157 0.2145 0.2145 0.0006  -0.0019 -0.0016 206 VAL A CG1 
62  C CG2 . VAL A 8  ? 0.1576 0.1595 0.1575 0.0011  0.0002  -0.0025 206 VAL A CG2 
63  N N   . SER A 9  ? 0.1239 0.1270 0.1249 0.0009  -0.0018 -0.0026 207 SER A N   
64  C CA  . SER A 9  ? 0.1268 0.1303 0.1286 0.0010  -0.0029 -0.0020 207 SER A CA  
65  C C   . SER A 9  ? 0.1493 0.1486 0.1486 0.0002  -0.0038 -0.0019 207 SER A C   
66  O O   . SER A 9  ? 0.1768 0.1732 0.1739 -0.0004 -0.0034 -0.0025 207 SER A O   
67  C CB  . SER A 9  ? 0.1457 0.1520 0.1488 0.0012  -0.0025 -0.0025 207 SER A CB  
68  O OG  . SER A 9  ? 0.1698 0.1744 0.1709 0.0006  -0.0018 -0.0036 207 SER A OG  
69  N N   . GLY A 10 ? 0.1692 0.1684 0.1692 0.0004  -0.0050 -0.0012 208 GLY A N   
70  C CA  . GLY A 10 ? 0.1677 0.1633 0.1655 -0.0003 -0.0060 -0.0012 208 GLY A CA  
71  C C   . GLY A 10 ? 0.1685 0.1618 0.1658 -0.0004 -0.0070 -0.0002 208 GLY A C   
72  O O   . GLY A 10 ? 0.1869 0.1773 0.1825 -0.0009 -0.0078 -0.0001 208 GLY A O   
73  N N   . MET A 11 ? 0.1698 0.1648 0.1685 0.0000  -0.0069 0.0004  209 MET A N   
74  C CA  . MET A 11 ? 0.1776 0.1709 0.1760 0.0000  -0.0078 0.0013  209 MET A CA  
75  C C   . MET A 11 ? 0.1874 0.1807 0.1866 0.0002  -0.0092 0.0021  209 MET A C   
76  O O   . MET A 11 ? 0.1735 0.1693 0.1745 0.0006  -0.0094 0.0023  209 MET A O   
77  C CB  . MET A 11 ? 0.1923 0.1877 0.1923 0.0006  -0.0073 0.0018  209 MET A CB  
78  C CG  . MET A 11 ? 0.1969 0.1921 0.1960 0.0005  -0.0061 0.0011  209 MET A CG  
79  S SD  . MET A 11 ? 0.2444 0.2414 0.2452 0.0011  -0.0059 0.0020  209 MET A SD  
80  C CE  . MET A 11 ? 0.1868 0.1890 0.1911 0.0021  -0.0058 0.0022  209 MET A CE  
81  N N   . SER A 12 ? 0.1914 0.1819 0.1894 -0.0002 -0.0102 0.0028  210 SER A N   
82  C CA  . SER A 12 ? 0.2348 0.2253 0.2337 0.0000  -0.0116 0.0038  210 SER A CA  
83  C C   . SER A 12 ? 0.2455 0.2397 0.2473 0.0008  -0.0117 0.0045  210 SER A C   
84  O O   . SER A 12 ? 0.2232 0.2187 0.2258 0.0012  -0.0109 0.0045  210 SER A O   
85  C CB  . SER A 12 ? 0.3093 0.2962 0.3065 -0.0005 -0.0125 0.0043  210 SER A CB  
86  O OG  . SER A 12 ? 0.3903 0.3781 0.3890 -0.0001 -0.0136 0.0055  210 SER A OG  
87  N N   . ASP A 13 ? 0.2506 0.2467 0.2542 0.0012  -0.0125 0.0051  211 ASP A N   
88  C CA  . ASP A 13 ? 0.2368 0.2364 0.2432 0.0020  -0.0127 0.0058  211 ASP A CA  
89  C C   . ASP A 13 ? 0.2804 0.2797 0.2872 0.0022  -0.0129 0.0066  211 ASP A C   
90  O O   . ASP A 13 ? 0.3127 0.3149 0.3215 0.0028  -0.0125 0.0069  211 ASP A O   
91  C CB  . ASP A 13 ? 0.2533 0.2539 0.2610 0.0023  -0.0138 0.0064  211 ASP A CB  
92  C CG  . ASP A 13 ? 0.3148 0.3179 0.3236 0.0025  -0.0134 0.0059  211 ASP A CG  
93  O OD1 . ASP A 13 ? 0.3518 0.3569 0.3611 0.0027  -0.0121 0.0052  211 ASP A OD1 
94  O OD2 . ASP A 13 ? 0.3218 0.3248 0.3308 0.0025  -0.0142 0.0060  211 ASP A OD2 
95  N N   . GLU A 14 ? 0.2725 0.2682 0.2773 0.0016  -0.0136 0.0069  212 GLU A N   
96  C CA  . GLU A 14 ? 0.2802 0.2752 0.2853 0.0017  -0.0141 0.0078  212 GLU A CA  
97  C C   . GLU A 14 ? 0.2101 0.2039 0.2139 0.0015  -0.0131 0.0074  212 GLU A C   
98  O O   . GLU A 14 ? 0.2401 0.2336 0.2443 0.0017  -0.0133 0.0080  212 GLU A O   
99  C CB  . GLU A 14 ? 0.3961 0.3881 0.3998 0.0012  -0.0154 0.0083  212 GLU A CB  
100 C CG  . GLU A 14 ? 0.5097 0.5029 0.5149 0.0015  -0.0166 0.0090  212 GLU A CG  
101 C CD  . GLU A 14 ? 0.6533 0.6457 0.6576 0.0012  -0.0166 0.0083  212 GLU A CD  
102 O OE1 . GLU A 14 ? 0.7205 0.7116 0.7231 0.0008  -0.0159 0.0073  212 GLU A OE1 
103 O OE2 . GLU A 14 ? 0.7124 0.7057 0.7177 0.0014  -0.0176 0.0087  212 GLU A OE2 
104 N N   . THR A 15 ? 0.1958 0.1889 0.1981 0.0012  -0.0120 0.0063  213 THR A N   
105 C CA  . THR A 15 ? 0.1035 0.0955 0.1047 0.0011  -0.0110 0.0059  213 THR A CA  
106 C C   . THR A 15 ? 0.1507 0.1462 0.1542 0.0018  -0.0103 0.0061  213 THR A C   
107 O O   . THR A 15 ? 0.1832 0.1820 0.1887 0.0023  -0.0099 0.0060  213 THR A O   
108 C CB  . THR A 15 ? 0.0635 0.0545 0.0630 0.0006  -0.0100 0.0047  213 THR A CB  
109 O OG1 . THR A 15 ? 0.0637 0.0513 0.0610 -0.0001 -0.0107 0.0044  213 THR A OG1 
110 C CG2 . THR A 15 ? 0.0469 0.0367 0.0452 0.0004  -0.0090 0.0043  213 THR A CG2 
111 N N   . THR A 16 ? 0.1406 0.1352 0.1438 0.0018  -0.0102 0.0065  214 THR A N   
112 C CA  . THR A 16 ? 0.1646 0.1622 0.1699 0.0026  -0.0096 0.0069  214 THR A CA  
113 C C   . THR A 16 ? 0.1780 0.1764 0.1829 0.0025  -0.0081 0.0061  214 THR A C   
114 O O   . THR A 16 ? 0.1940 0.1899 0.1967 0.0020  -0.0076 0.0053  214 THR A O   
115 C CB  . THR A 16 ? 0.1929 0.1896 0.1984 0.0026  -0.0104 0.0080  214 THR A CB  
116 O OG1 . THR A 16 ? 0.1667 0.1600 0.1698 0.0020  -0.0101 0.0076  214 THR A OG1 
117 C CG2 . THR A 16 ? 0.2013 0.1970 0.2071 0.0025  -0.0119 0.0088  214 THR A CG2 
118 N N   . TRP A 17 ? 0.1525 0.1541 0.1596 0.0032  -0.0076 0.0064  215 TRP A N   
119 C CA  . TRP A 17 ? 0.1743 0.1769 0.1815 0.0034  -0.0063 0.0059  215 TRP A CA  
120 C C   . TRP A 17 ? 0.1874 0.1866 0.1922 0.0029  -0.0060 0.0057  215 TRP A C   
121 O O   . TRP A 17 ? 0.1494 0.1475 0.1527 0.0026  -0.0051 0.0048  215 TRP A O   
122 C CB  . TRP A 17 ? 0.1552 0.1615 0.1650 0.0044  -0.0061 0.0065  215 TRP A CB  
123 C CG  . TRP A 17 ? 0.1366 0.1445 0.1469 0.0047  -0.0048 0.0061  215 TRP A CG  
124 C CD1 . TRP A 17 ? 0.1524 0.1631 0.1638 0.0051  -0.0037 0.0054  215 TRP A CD1 
125 C CD2 . TRP A 17 ? 0.1553 0.1626 0.1654 0.0049  -0.0046 0.0065  215 TRP A CD2 
126 N NE1 . TRP A 17 ? 0.1666 0.1783 0.1783 0.0054  -0.0028 0.0053  215 TRP A NE1 
127 C CE2 . TRP A 17 ? 0.1937 0.2033 0.2046 0.0052  -0.0032 0.0060  215 TRP A CE2 
128 C CE3 . TRP A 17 ? 0.1874 0.1922 0.1966 0.0046  -0.0052 0.0072  215 TRP A CE3 
129 C CZ2 . TRP A 17 ? 0.1552 0.1646 0.1660 0.0055  -0.0027 0.0061  215 TRP A CZ2 
130 C CZ3 . TRP A 17 ? 0.1808 0.1855 0.1900 0.0048  -0.0046 0.0074  215 TRP A CZ3 
131 C CH2 . TRP A 17 ? 0.2169 0.2238 0.2269 0.0052  -0.0033 0.0068  215 TRP A CH2 
132 N N   . HIS A 18 ? 0.1813 0.1787 0.1857 0.0028  -0.0070 0.0066  216 HIS A N   
133 C CA  . HIS A 18 ? 0.1851 0.1791 0.1874 0.0023  -0.0068 0.0065  216 HIS A CA  
134 C C   . HIS A 18 ? 0.1668 0.1572 0.1662 0.0015  -0.0068 0.0057  216 HIS A C   
135 O O   . HIS A 18 ? 0.1847 0.1735 0.1825 0.0012  -0.0059 0.0050  216 HIS A O   
136 C CB  . HIS A 18 ? 0.2200 0.2123 0.2222 0.0022  -0.0080 0.0076  216 HIS A CB  
137 C CG  . HIS A 18 ? 0.2759 0.2704 0.2800 0.0030  -0.0079 0.0083  216 HIS A CG  
138 N ND1 . HIS A 18 ? 0.2824 0.2804 0.2891 0.0036  -0.0083 0.0090  216 HIS A ND1 
139 C CD2 . HIS A 18 ? 0.3053 0.2994 0.3090 0.0031  -0.0074 0.0085  216 HIS A CD2 
140 C CE1 . HIS A 18 ? 0.2827 0.2819 0.2907 0.0042  -0.0081 0.0096  216 HIS A CE1 
141 N NE2 . HIS A 18 ? 0.2934 0.2905 0.2996 0.0038  -0.0075 0.0093  216 HIS A NE2 
142 N N   . THR A 19 ? 0.1489 0.1385 0.1480 0.0012  -0.0077 0.0057  217 THR A N   
143 C CA  . THR A 19 ? 0.1698 0.1558 0.1660 0.0004  -0.0078 0.0051  217 THR A CA  
144 C C   . THR A 19 ? 0.1848 0.1715 0.1805 0.0003  -0.0066 0.0039  217 THR A C   
145 O O   . THR A 19 ? 0.1773 0.1613 0.1708 -0.0004 -0.0060 0.0032  217 THR A O   
146 C CB  . THR A 19 ? 0.1844 0.1696 0.1807 0.0001  -0.0090 0.0054  217 THR A CB  
147 O OG1 . THR A 19 ? 0.2119 0.1960 0.2085 0.0001  -0.0102 0.0065  217 THR A OG1 
148 C CG2 . THR A 19 ? 0.1939 0.1758 0.1874 -0.0007 -0.0090 0.0046  217 THR A CG2 
149 N N   . LEU A 20 ? 0.1522 0.1425 0.1500 0.0008  -0.0060 0.0037  218 LEU A N   
150 C CA  . LEU A 20 ? 0.1322 0.1234 0.1296 0.0006  -0.0048 0.0025  218 LEU A CA  
151 C C   . LEU A 20 ? 0.1350 0.1261 0.1318 0.0007  -0.0036 0.0021  218 LEU A C   
152 O O   . LEU A 20 ? 0.1568 0.1462 0.1518 0.0002  -0.0028 0.0012  218 LEU A O   
153 C CB  . LEU A 20 ? 0.1341 0.1295 0.1339 0.0013  -0.0045 0.0025  218 LEU A CB  
154 C CG  . LEU A 20 ? 0.1823 0.1790 0.1821 0.0013  -0.0032 0.0013  218 LEU A CG  
155 C CD1 . LEU A 20 ? 0.2141 0.2077 0.2113 0.0005  -0.0031 0.0005  218 LEU A CD1 
156 C CD2 . LEU A 20 ? 0.1848 0.1855 0.1870 0.0019  -0.0030 0.0013  218 LEU A CD2 
157 N N   . LYS A 21 ? 0.1450 0.1379 0.1434 0.0013  -0.0035 0.0028  219 LYS A N   
158 C CA  . LYS A 21 ? 0.1502 0.1431 0.1481 0.0014  -0.0023 0.0024  219 LYS A CA  
159 C C   . LYS A 21 ? 0.1623 0.1509 0.1574 0.0006  -0.0023 0.0021  219 LYS A C   
160 O O   . LYS A 21 ? 0.1771 0.1647 0.1709 0.0003  -0.0013 0.0013  219 LYS A O   
161 C CB  . LYS A 21 ? 0.1841 0.1793 0.1841 0.0021  -0.0024 0.0032  219 LYS A CB  
162 C CG  . LYS A 21 ? 0.2040 0.2038 0.2067 0.0029  -0.0018 0.0032  219 LYS A CG  
163 C CD  . LYS A 21 ? 0.2694 0.2709 0.2737 0.0036  -0.0018 0.0040  219 LYS A CD  
164 C CE  . LYS A 21 ? 0.2972 0.2978 0.3005 0.0035  -0.0007 0.0035  219 LYS A CE  
165 N NZ  . LYS A 21 ? 0.3336 0.3359 0.3385 0.0041  -0.0007 0.0044  219 LYS A NZ  
166 N N   . ASP A 22 ? 0.1654 0.1514 0.1595 0.0003  -0.0035 0.0028  220 ASP A N   
167 C CA  . ASP A 22 ? 0.1989 0.1807 0.1903 -0.0005 -0.0037 0.0026  220 ASP A CA  
168 C C   . ASP A 22 ? 0.1906 0.1704 0.1798 -0.0012 -0.0032 0.0016  220 ASP A C   
169 O O   . ASP A 22 ? 0.1751 0.1527 0.1623 -0.0016 -0.0025 0.0010  220 ASP A O   
170 C CB  . ASP A 22 ? 0.2360 0.2157 0.2269 -0.0007 -0.0052 0.0036  220 ASP A CB  
171 C CG  . ASP A 22 ? 0.3713 0.3466 0.3593 -0.0014 -0.0055 0.0035  220 ASP A CG  
172 O OD1 . ASP A 22 ? 0.3839 0.3583 0.3713 -0.0015 -0.0050 0.0035  220 ASP A OD1 
173 O OD2 . ASP A 22 ? 0.4432 0.4161 0.4297 -0.0020 -0.0062 0.0034  220 ASP A OD2 
174 N N   . HIS A 23 ? 0.1491 0.1296 0.1387 -0.0012 -0.0036 0.0014  221 HIS A N   
175 C CA  . HIS A 23 ? 0.1519 0.1308 0.1397 -0.0018 -0.0032 0.0004  221 HIS A CA  
176 C C   . HIS A 23 ? 0.1544 0.1346 0.1421 -0.0017 -0.0017 -0.0006 221 HIS A C   
177 O O   . HIS A 23 ? 0.1448 0.1225 0.1304 -0.0024 -0.0011 -0.0015 221 HIS A O   
178 C CB  . HIS A 23 ? 0.1549 0.1349 0.1436 -0.0018 -0.0039 0.0005  221 HIS A CB  
179 C CG  . HIS A 23 ? 0.1540 0.1323 0.1408 -0.0024 -0.0036 -0.0006 221 HIS A CG  
180 N ND1 . HIS A 23 ? 0.1881 0.1623 0.1722 -0.0032 -0.0039 -0.0008 221 HIS A ND1 
181 C CD2 . HIS A 23 ? 0.1695 0.1495 0.1567 -0.0023 -0.0029 -0.0013 221 HIS A CD2 
182 C CE1 . HIS A 23 ? 0.1975 0.1710 0.1804 -0.0036 -0.0035 -0.0017 221 HIS A CE1 
183 N NE2 . HIS A 23 ? 0.1816 0.1585 0.1664 -0.0030 -0.0029 -0.0021 221 HIS A NE2 
184 N N   . LEU A 24 ? 0.1450 0.1290 0.1351 -0.0010 -0.0011 -0.0006 222 LEU A N   
185 C CA  . LEU A 24 ? 0.1804 0.1661 0.1707 -0.0009 0.0004  -0.0016 222 LEU A CA  
186 C C   . LEU A 24 ? 0.1785 0.1633 0.1680 -0.0009 0.0013  -0.0018 222 LEU A C   
187 O O   . LEU A 24 ? 0.1795 0.1655 0.1689 -0.0009 0.0025  -0.0026 222 LEU A O   
188 C CB  . LEU A 24 ? 0.1898 0.1801 0.1830 -0.0001 0.0008  -0.0015 222 LEU A CB  
189 C CG  . LEU A 24 ? 0.1845 0.1758 0.1785 -0.0001 0.0000  -0.0014 222 LEU A CG  
190 C CD1 . LEU A 24 ? 0.1979 0.1939 0.1949 0.0008  0.0003  -0.0012 222 LEU A CD1 
191 C CD2 . LEU A 24 ? 0.1935 0.1832 0.1857 -0.0007 0.0005  -0.0025 222 LEU A CD2 
192 N N   . ARG A 25 ? 0.1664 0.1493 0.1553 -0.0010 0.0007  -0.0010 223 ARG A N   
193 C CA  . ARG A 25 ? 0.1933 0.1748 0.1810 -0.0012 0.0014  -0.0013 223 ARG A CA  
194 C C   . ARG A 25 ? 0.1585 0.1368 0.1433 -0.0019 0.0021  -0.0023 223 ARG A C   
195 O O   . ARG A 25 ? 0.1843 0.1622 0.1685 -0.0021 0.0031  -0.0028 223 ARG A O   
196 C CB  . ARG A 25 ? 0.2793 0.2589 0.2666 -0.0012 0.0006  -0.0003 223 ARG A CB  
197 C CG  . ARG A 25 ? 0.4226 0.4022 0.4099 -0.0010 0.0013  -0.0002 223 ARG A CG  
198 C CD  . ARG A 25 ? 0.4893 0.4679 0.4768 -0.0008 0.0004  0.0009  223 ARG A CD  
199 N NE  . ARG A 25 ? 0.5625 0.5370 0.5477 -0.0015 -0.0006 0.0011  223 ARG A NE  
200 C CZ  . ARG A 25 ? 0.6062 0.5773 0.5890 -0.0022 -0.0003 0.0007  223 ARG A CZ  
201 N NH1 . ARG A 25 ? 0.6032 0.5742 0.5854 -0.0022 0.0010  0.0001  223 ARG A NH1 
202 N NH2 . ARG A 25 ? 0.6163 0.5840 0.5971 -0.0028 -0.0012 0.0010  223 ARG A NH2 
203 N N   . GLN A 26 ? 0.1590 0.1356 0.1426 -0.0025 0.0016  -0.0026 224 GLN A N   
204 C CA  . GLN A 26 ? 0.1460 0.1200 0.1272 -0.0032 0.0022  -0.0036 224 GLN A CA  
205 C C   . GLN A 26 ? 0.1577 0.1340 0.1395 -0.0032 0.0034  -0.0046 224 GLN A C   
206 O O   . GLN A 26 ? 0.1854 0.1599 0.1652 -0.0037 0.0042  -0.0056 224 GLN A O   
207 C CB  . GLN A 26 ? 0.1588 0.1303 0.1385 -0.0038 0.0012  -0.0036 224 GLN A CB  
208 C CG  . GLN A 26 ? 0.1470 0.1158 0.1259 -0.0041 -0.0002 -0.0026 224 GLN A CG  
209 C CD  . GLN A 26 ? 0.2264 0.1934 0.2043 -0.0045 -0.0013 -0.0025 224 GLN A CD  
210 O OE1 . GLN A 26 ? 0.2466 0.2155 0.2261 -0.0041 -0.0019 -0.0021 224 GLN A OE1 
211 N NE2 . GLN A 26 ? 0.1491 0.1120 0.1242 -0.0053 -0.0015 -0.0028 224 GLN A NE2 
212 N N   . ALA A 27 ? 0.1664 0.1467 0.1508 -0.0023 0.0038  -0.0045 225 ALA A N   
213 C CA  . ALA A 27 ? 0.1373 0.1202 0.1225 -0.0022 0.0051  -0.0054 225 ALA A CA  
214 C C   . ALA A 27 ? 0.1532 0.1380 0.1394 -0.0017 0.0061  -0.0055 225 ALA A C   
215 O O   . ALA A 27 ? 0.1886 0.1739 0.1744 -0.0018 0.0073  -0.0063 225 ALA A O   
216 C CB  . ALA A 27 ? 0.1539 0.1401 0.1413 -0.0017 0.0049  -0.0053 225 ALA A CB  
217 N N   . GLY A 28 ? 0.1730 0.1586 0.1605 -0.0011 0.0055  -0.0045 226 GLY A N   
218 C CA  . GLY A 28 ? 0.1988 0.1862 0.1874 -0.0007 0.0064  -0.0044 226 GLY A CA  
219 C C   . GLY A 28 ? 0.2070 0.1967 0.1979 0.0001  0.0057  -0.0033 226 GLY A C   
220 O O   . GLY A 28 ? 0.2033 0.1927 0.1946 0.0002  0.0045  -0.0025 226 GLY A O   
221 N N   . GLU A 29 ? 0.1952 0.1872 0.1875 0.0008  0.0065  -0.0031 227 GLU A N   
222 C CA  . GLU A 29 ? 0.1815 0.1757 0.1759 0.0014  0.0059  -0.0021 227 GLU A CA  
223 C C   . GLU A 29 ? 0.1464 0.1445 0.1434 0.0020  0.0058  -0.0019 227 GLU A C   
224 O O   . GLU A 29 ? 0.1603 0.1611 0.1584 0.0024  0.0067  -0.0025 227 GLU A O   
225 C CB  . GLU A 29 ? 0.1937 0.1889 0.1886 0.0019  0.0069  -0.0021 227 GLU A CB  
226 C CG  . GLU A 29 ? 0.2439 0.2410 0.2410 0.0026  0.0063  -0.0009 227 GLU A CG  
227 C CD  . GLU A 29 ? 0.3449 0.3432 0.3426 0.0031  0.0071  -0.0008 227 GLU A CD  
228 O OE1 . GLU A 29 ? 0.3323 0.3291 0.3284 0.0027  0.0081  -0.0016 227 GLU A OE1 
229 O OE2 . GLU A 29 ? 0.4006 0.4010 0.4002 0.0038  0.0069  -0.0001 227 GLU A OE2 
230 N N   . VAL A 30 ? 0.1626 0.1609 0.1605 0.0023  0.0045  -0.0010 228 VAL A N   
231 C CA  . VAL A 30 ? 0.1695 0.1713 0.1700 0.0028  0.0042  -0.0006 228 VAL A CA  
232 C C   . VAL A 30 ? 0.1974 0.2027 0.2003 0.0037  0.0044  0.0000  228 VAL A C   
233 O O   . VAL A 30 ? 0.2150 0.2192 0.2180 0.0039  0.0040  0.0008  228 VAL A O   
234 C CB  . VAL A 30 ? 0.2035 0.2041 0.2039 0.0027  0.0027  0.0001  228 VAL A CB  
235 C CG1 . VAL A 30 ? 0.1622 0.1665 0.1652 0.0034  0.0023  0.0006  228 VAL A CG1 
236 C CG2 . VAL A 30 ? 0.2005 0.1980 0.1986 0.0018  0.0024  -0.0005 228 VAL A CG2 
237 N N   . THR A 31 ? 0.1535 0.1624 0.1583 0.0043  0.0051  -0.0003 229 THR A N   
238 C CA  . THR A 31 ? 0.1939 0.2061 0.2011 0.0052  0.0054  0.0002  229 THR A CA  
239 C C   . THR A 31 ? 0.2056 0.2208 0.2152 0.0057  0.0046  0.0010  229 THR A C   
240 O O   . THR A 31 ? 0.1768 0.1944 0.1883 0.0065  0.0045  0.0016  229 THR A O   
241 C CB  . THR A 31 ? 0.2200 0.2347 0.2279 0.0055  0.0068  -0.0005 229 THR A CB  
242 O OG1 . THR A 31 ? 0.2135 0.2296 0.2218 0.0054  0.0072  -0.0013 229 THR A OG1 
243 C CG2 . THR A 31 ? 0.2328 0.2447 0.2385 0.0050  0.0076  -0.0012 229 THR A CG2 
244 N N   . PHE A 32 ? 0.1668 0.1814 0.1761 0.0054  0.0041  0.0007  230 PHE A N   
245 C CA  . PHE A 32 ? 0.1496 0.1669 0.1609 0.0058  0.0033  0.0013  230 PHE A CA  
246 C C   . PHE A 32 ? 0.1713 0.1864 0.1814 0.0052  0.0024  0.0012  230 PHE A C   
247 O O   . PHE A 32 ? 0.1510 0.1642 0.1594 0.0046  0.0028  0.0004  230 PHE A O   
248 C CB  . PHE A 32 ? 0.1495 0.1707 0.1627 0.0064  0.0043  0.0007  230 PHE A CB  
249 C CG  . PHE A 32 ? 0.1663 0.1903 0.1816 0.0068  0.0037  0.0012  230 PHE A CG  
250 C CD1 . PHE A 32 ? 0.1843 0.2082 0.1993 0.0065  0.0033  0.0008  230 PHE A CD1 
251 C CD2 . PHE A 32 ? 0.1817 0.2088 0.1995 0.0077  0.0034  0.0020  230 PHE A CD2 
252 C CE1 . PHE A 32 ? 0.2196 0.2460 0.2366 0.0070  0.0026  0.0012  230 PHE A CE1 
253 C CE2 . PHE A 32 ? 0.1802 0.2099 0.1999 0.0081  0.0029  0.0024  230 PHE A CE2 
254 C CZ  . PHE A 32 ? 0.1850 0.2143 0.2044 0.0077  0.0025  0.0020  230 PHE A CZ  
255 N N   . CYS A 33 ? 0.1367 0.1522 0.1480 0.0055  0.0012  0.0021  231 CYS A N   
256 C CA  . CYS A 33 ? 0.1423 0.1561 0.1527 0.0050  0.0003  0.0021  231 CYS A CA  
257 C C   . CYS A 33 ? 0.1680 0.1845 0.1808 0.0055  -0.0006 0.0030  231 CYS A C   
258 O O   . CYS A 33 ? 0.1527 0.1699 0.1665 0.0060  -0.0012 0.0039  231 CYS A O   
259 C CB  . CYS A 33 ? 0.1228 0.1324 0.1309 0.0043  -0.0005 0.0025  231 CYS A CB  
260 S SG  . CYS A 33 ? 0.2127 0.2200 0.2195 0.0037  -0.0017 0.0025  231 CYS A SG  
261 N N   . LYS A 34 ? 0.1344 0.1522 0.1477 0.0056  -0.0007 0.0026  232 LYS A N   
262 C CA  . LYS A 34 ? 0.1214 0.1417 0.1368 0.0061  -0.0015 0.0033  232 LYS A CA  
263 C C   . LYS A 34 ? 0.1561 0.1747 0.1707 0.0055  -0.0024 0.0032  232 LYS A C   
264 O O   . LYS A 34 ? 0.1460 0.1640 0.1595 0.0052  -0.0019 0.0023  232 LYS A O   
265 C CB  . LYS A 34 ? 0.1178 0.1423 0.1355 0.0068  -0.0007 0.0030  232 LYS A CB  
266 C CG  . LYS A 34 ? 0.1409 0.1685 0.1612 0.0073  -0.0014 0.0037  232 LYS A CG  
267 C CD  . LYS A 34 ? 0.1513 0.1831 0.1738 0.0080  -0.0005 0.0035  232 LYS A CD  
268 C CE  . LYS A 34 ? 0.1910 0.2257 0.2159 0.0086  -0.0012 0.0042  232 LYS A CE  
269 N NZ  . LYS A 34 ? 0.1791 0.2177 0.2058 0.0092  -0.0003 0.0037  232 LYS A NZ  
270 N N   . VAL A 35 ? 0.1533 0.1711 0.1682 0.0056  -0.0036 0.0041  233 VAL A N   
271 C CA  . VAL A 35 ? 0.1280 0.1438 0.1418 0.0051  -0.0046 0.0041  233 VAL A CA  
272 C C   . VAL A 35 ? 0.1489 0.1677 0.1650 0.0056  -0.0051 0.0046  233 VAL A C   
273 O O   . VAL A 35 ? 0.1631 0.1840 0.1812 0.0062  -0.0056 0.0054  233 VAL A O   
274 C CB  . VAL A 35 ? 0.1462 0.1585 0.1586 0.0047  -0.0057 0.0048  233 VAL A CB  
275 C CG1 . VAL A 35 ? 0.1490 0.1597 0.1607 0.0043  -0.0067 0.0049  233 VAL A CG1 
276 C CG2 . VAL A 35 ? 0.1372 0.1463 0.1471 0.0040  -0.0052 0.0043  233 VAL A CG2 
277 N N   . PHE A 36 ? 0.1187 0.1376 0.1345 0.0054  -0.0051 0.0039  234 PHE A N   
278 C CA  . PHE A 36 ? 0.1687 0.1902 0.1864 0.0057  -0.0056 0.0042  234 PHE A CA  
279 C C   . PHE A 36 ? 0.1684 0.1876 0.1852 0.0053  -0.0069 0.0045  234 PHE A C   
280 O O   . PHE A 36 ? 0.1647 0.1802 0.1790 0.0046  -0.0072 0.0044  234 PHE A O   
281 C CB  . PHE A 36 ? 0.1698 0.1936 0.1881 0.0059  -0.0046 0.0033  234 PHE A CB  
282 C CG  . PHE A 36 ? 0.1781 0.2044 0.1974 0.0064  -0.0034 0.0028  234 PHE A CG  
283 C CD1 . PHE A 36 ? 0.2221 0.2522 0.2440 0.0071  -0.0032 0.0033  234 PHE A CD1 
284 C CD2 . PHE A 36 ? 0.1793 0.2040 0.1969 0.0059  -0.0024 0.0021  234 PHE A CD2 
285 C CE1 . PHE A 36 ? 0.2259 0.2583 0.2486 0.0075  -0.0020 0.0029  234 PHE A CE1 
286 C CE2 . PHE A 36 ? 0.1782 0.2051 0.1967 0.0063  -0.0013 0.0016  234 PHE A CE2 
287 C CZ  . PHE A 36 ? 0.2037 0.2346 0.2248 0.0071  -0.0011 0.0021  234 PHE A CZ  
288 N N   . SER A 37 ? 0.1400 0.1611 0.1584 0.0057  -0.0076 0.0051  235 SER A N   
289 C CA  . SER A 37 ? 0.1592 0.1784 0.1769 0.0053  -0.0088 0.0053  235 SER A CA  
290 C C   . SER A 37 ? 0.1561 0.1732 0.1718 0.0047  -0.0085 0.0044  235 SER A C   
291 O O   . SER A 37 ? 0.1891 0.2072 0.2047 0.0046  -0.0074 0.0035  235 SER A O   
292 C CB  . SER A 37 ? 0.1912 0.2133 0.2113 0.0060  -0.0094 0.0060  235 SER A CB  
293 O OG  . SER A 37 ? 0.1979 0.2227 0.2191 0.0062  -0.0086 0.0053  235 SER A OG  
294 N N   . GLY A 38 ? 0.1652 0.1792 0.1793 0.0042  -0.0094 0.0046  236 GLY A N   
295 C CA  . GLY A 38 ? 0.2114 0.2233 0.2235 0.0036  -0.0094 0.0037  236 GLY A CA  
296 C C   . GLY A 38 ? 0.1697 0.1789 0.1794 0.0030  -0.0085 0.0029  236 GLY A C   
297 O O   . GLY A 38 ? 0.1870 0.1951 0.1953 0.0025  -0.0079 0.0020  236 GLY A O   
298 N N   . GLY A 39 ? 0.1544 0.1623 0.1635 0.0029  -0.0084 0.0033  237 GLY A N   
299 C CA  . GLY A 39 ? 0.1345 0.1393 0.1409 0.0023  -0.0077 0.0025  237 GLY A CA  
300 C C   . GLY A 39 ? 0.1518 0.1581 0.1584 0.0024  -0.0062 0.0016  237 GLY A C   
301 O O   . GLY A 39 ? 0.1735 0.1777 0.1780 0.0018  -0.0056 0.0008  237 GLY A O   
302 N N   . ARG A 40 ? 0.1431 0.1534 0.1522 0.0031  -0.0057 0.0018  238 ARG A N   
303 C CA  . ARG A 40 ? 0.1535 0.1656 0.1628 0.0033  -0.0043 0.0009  238 ARG A CA  
304 C C   . ARG A 40 ? 0.1570 0.1696 0.1668 0.0035  -0.0037 0.0013  238 ARG A C   
305 O O   . ARG A 40 ? 0.1546 0.1678 0.1655 0.0040  -0.0044 0.0022  238 ARG A O   
306 C CB  . ARG A 40 ? 0.1385 0.1547 0.1502 0.0039  -0.0039 0.0008  238 ARG A CB  
307 C CG  . ARG A 40 ? 0.1484 0.1646 0.1599 0.0037  -0.0042 0.0003  238 ARG A CG  
308 C CD  . ARG A 40 ? 0.1388 0.1593 0.1530 0.0044  -0.0039 0.0004  238 ARG A CD  
309 N NE  . ARG A 40 ? 0.1574 0.1795 0.1736 0.0049  -0.0049 0.0015  238 ARG A NE  
310 C CZ  . ARG A 40 ? 0.1877 0.2135 0.2065 0.0057  -0.0047 0.0019  238 ARG A CZ  
311 N NH1 . ARG A 40 ? 0.1977 0.2264 0.2175 0.0059  -0.0037 0.0012  238 ARG A NH1 
312 N NH2 . ARG A 40 ? 0.1997 0.2267 0.2201 0.0061  -0.0057 0.0029  238 ARG A NH2 
313 N N   . ALA A 41 ? 0.1362 0.1487 0.1452 0.0034  -0.0025 0.0005  239 ALA A N   
314 C CA  . ALA A 41 ? 0.1365 0.1498 0.1460 0.0037  -0.0019 0.0006  239 ALA A CA  
315 C C   . ALA A 41 ? 0.1379 0.1528 0.1475 0.0038  -0.0004 -0.0003 239 ALA A C   
316 O O   . ALA A 41 ? 0.1260 0.1403 0.1345 0.0034  0.0002  -0.0013 239 ALA A O   
317 C CB  . ALA A 41 ? 0.1225 0.1322 0.1300 0.0033  -0.0024 0.0010  239 ALA A CB  
318 N N   . VAL A 42 ? 0.1066 0.1237 0.1175 0.0043  0.0002  -0.0001 240 VAL A N   
319 C CA  . VAL A 42 ? 0.1347 0.1529 0.1454 0.0044  0.0015  -0.0010 240 VAL A CA  
320 C C   . VAL A 42 ? 0.1426 0.1589 0.1524 0.0043  0.0018  -0.0007 240 VAL A C   
321 O O   . VAL A 42 ? 0.1537 0.1704 0.1643 0.0047  0.0013  0.0002  240 VAL A O   
322 C CB  . VAL A 42 ? 0.1505 0.1731 0.1638 0.0052  0.0022  -0.0010 240 VAL A CB  
323 C CG1 . VAL A 42 ? 0.2066 0.2304 0.2199 0.0053  0.0036  -0.0018 240 VAL A CG1 
324 C CG2 . VAL A 42 ? 0.1775 0.2019 0.1919 0.0053  0.0019  -0.0012 240 VAL A CG2 
325 N N   . VAL A 43 ? 0.1196 0.1339 0.1274 0.0038  0.0027  -0.0016 241 VAL A N   
326 C CA  . VAL A 43 ? 0.1418 0.1541 0.1484 0.0036  0.0030  -0.0015 241 VAL A CA  
327 C C   . VAL A 43 ? 0.1670 0.1806 0.1735 0.0038  0.0045  -0.0023 241 VAL A C   
328 O O   . VAL A 43 ? 0.1971 0.2113 0.2033 0.0036  0.0052  -0.0033 241 VAL A O   
329 C CB  . VAL A 43 ? 0.1936 0.2012 0.1972 0.0028  0.0025  -0.0016 241 VAL A CB  
330 C CG1 . VAL A 43 ? 0.1806 0.1860 0.1829 0.0026  0.0028  -0.0015 241 VAL A CG1 
331 C CG2 . VAL A 43 ? 0.2395 0.2458 0.2432 0.0027  0.0011  -0.0008 241 VAL A CG2 
332 N N   . GLU A 44 ? 0.1427 0.1568 0.1497 0.0041  0.0048  -0.0019 242 GLU A N   
333 C CA  . GLU A 44 ? 0.1650 0.1798 0.1717 0.0042  0.0062  -0.0027 242 GLU A CA  
334 C C   . GLU A 44 ? 0.1725 0.1841 0.1772 0.0037  0.0064  -0.0027 242 GLU A C   
335 O O   . GLU A 44 ? 0.1788 0.1889 0.1832 0.0038  0.0056  -0.0018 242 GLU A O   
336 C CB  . GLU A 44 ? 0.2411 0.2601 0.2505 0.0051  0.0067  -0.0024 242 GLU A CB  
337 C CG  . GLU A 44 ? 0.3619 0.3824 0.3714 0.0052  0.0082  -0.0032 242 GLU A CG  
338 C CD  . GLU A 44 ? 0.4658 0.4908 0.4781 0.0061  0.0086  -0.0030 242 GLU A CD  
339 O OE1 . GLU A 44 ? 0.5014 0.5280 0.5141 0.0064  0.0097  -0.0035 242 GLU A OE1 
340 O OE2 . GLU A 44 ? 0.4939 0.5210 0.5079 0.0066  0.0079  -0.0025 242 GLU A OE2 
341 N N   . PHE A 45 ? 0.1264 0.1367 0.1295 0.0033  0.0074  -0.0037 243 PHE A N   
342 C CA  . PHE A 45 ? 0.1403 0.1476 0.1413 0.0029  0.0077  -0.0038 243 PHE A CA  
343 C C   . PHE A 45 ? 0.1437 0.1529 0.1456 0.0034  0.0089  -0.0041 243 PHE A C   
344 O O   . PHE A 45 ? 0.1671 0.1799 0.1709 0.0039  0.0096  -0.0045 243 PHE A O   
345 C CB  . PHE A 45 ? 0.1303 0.1341 0.1286 0.0020  0.0079  -0.0047 243 PHE A CB  
346 C CG  . PHE A 45 ? 0.1225 0.1240 0.1197 0.0015  0.0067  -0.0044 243 PHE A CG  
347 C CD1 . PHE A 45 ? 0.1402 0.1429 0.1380 0.0014  0.0065  -0.0047 243 PHE A CD1 
348 C CD2 . PHE A 45 ? 0.1577 0.1556 0.1532 0.0011  0.0059  -0.0039 243 PHE A CD2 
349 C CE1 . PHE A 45 ? 0.1616 0.1620 0.1584 0.0010  0.0055  -0.0044 243 PHE A CE1 
350 C CE2 . PHE A 45 ? 0.1643 0.1599 0.1587 0.0006  0.0048  -0.0036 243 PHE A CE2 
351 C CZ  . PHE A 45 ? 0.1497 0.1467 0.1448 0.0005  0.0046  -0.0039 243 PHE A CZ  
352 N N   . VAL A 46 ? 0.1548 0.1618 0.1554 0.0031  0.0092  -0.0041 244 VAL A N   
353 C CA  . VAL A 46 ? 0.1774 0.1858 0.1784 0.0036  0.0103  -0.0044 244 VAL A CA  
354 C C   . VAL A 46 ? 0.1982 0.2077 0.1988 0.0033  0.0116  -0.0056 244 VAL A C   
355 O O   . VAL A 46 ? 0.1940 0.2067 0.1963 0.0039  0.0125  -0.0059 244 VAL A O   
356 C CB  . VAL A 46 ? 0.1971 0.2025 0.1963 0.0033  0.0104  -0.0042 244 VAL A CB  
357 C CG1 . VAL A 46 ? 0.2545 0.2613 0.2541 0.0036  0.0117  -0.0046 244 VAL A CG1 
358 C CG2 . VAL A 46 ? 0.2375 0.2423 0.2374 0.0036  0.0094  -0.0029 244 VAL A CG2 
359 N N   . THR A 47 ? 0.1801 0.1868 0.1786 0.0025  0.0117  -0.0064 245 THR A N   
360 C CA  . THR A 47 ? 0.1820 0.1891 0.1797 0.0023  0.0129  -0.0076 245 THR A CA  
361 C C   . THR A 47 ? 0.1728 0.1799 0.1702 0.0018  0.0126  -0.0081 245 THR A C   
362 O O   . THR A 47 ? 0.1251 0.1307 0.1220 0.0015  0.0116  -0.0076 245 THR A O   
363 C CB  . THR A 47 ? 0.1703 0.1740 0.1653 0.0016  0.0135  -0.0083 245 THR A CB  
364 O OG1 . THR A 47 ? 0.1846 0.1845 0.1776 0.0008  0.0127  -0.0083 245 THR A OG1 
365 C CG2 . THR A 47 ? 0.1999 0.2030 0.1951 0.0018  0.0136  -0.0076 245 THR A CG2 
366 N N   . PRO A 48 ? 0.1434 0.1525 0.1412 0.0018  0.0137  -0.0091 246 PRO A N   
367 C CA  . PRO A 48 ? 0.1261 0.1349 0.1232 0.0014  0.0135  -0.0098 246 PRO A CA  
368 C C   . PRO A 48 ? 0.1122 0.1165 0.1064 0.0005  0.0132  -0.0102 246 PRO A C   
369 O O   . PRO A 48 ? 0.1478 0.1510 0.1412 0.0000  0.0127  -0.0103 246 PRO A O   
370 C CB  . PRO A 48 ? 0.1547 0.1658 0.1525 0.0015  0.0150  -0.0108 246 PRO A CB  
371 C CG  . PRO A 48 ? 0.1775 0.1916 0.1772 0.0023  0.0154  -0.0105 246 PRO A CG  
372 C CD  . PRO A 48 ? 0.1478 0.1595 0.1467 0.0023  0.0150  -0.0096 246 PRO A CD  
373 N N   . GLU A 49 ? 0.1344 0.1361 0.1268 0.0001  0.0137  -0.0103 247 GLU A N   
374 C CA  . GLU A 49 ? 0.1718 0.1691 0.1613 -0.0008 0.0135  -0.0107 247 GLU A CA  
375 C C   . GLU A 49 ? 0.1524 0.1475 0.1414 -0.0011 0.0120  -0.0097 247 GLU A C   
376 O O   . GLU A 49 ? 0.1464 0.1387 0.1335 -0.0017 0.0114  -0.0100 247 GLU A O   
377 C CB  . GLU A 49 ? 0.2000 0.1953 0.1880 -0.0012 0.0143  -0.0110 247 GLU A CB  
378 C CG  . GLU A 49 ? 0.2613 0.2580 0.2491 -0.0011 0.0158  -0.0122 247 GLU A CG  
379 C CD  . GLU A 49 ? 0.2863 0.2876 0.2770 -0.0003 0.0163  -0.0122 247 GLU A CD  
380 O OE1 . GLU A 49 ? 0.2105 0.2134 0.2026 0.0004  0.0162  -0.0114 247 GLU A OE1 
381 O OE2 . GLU A 49 ? 0.3442 0.3477 0.3355 -0.0003 0.0170  -0.0129 247 GLU A OE2 
382 N N   . ASP A 50 ? 0.1674 0.1636 0.1579 -0.0004 0.0112  -0.0087 248 ASP A N   
383 C CA  . ASP A 50 ? 0.1895 0.1841 0.1798 -0.0005 0.0099  -0.0077 248 ASP A CA  
384 C C   . ASP A 50 ? 0.1631 0.1588 0.1543 -0.0005 0.0091  -0.0076 248 ASP A C   
385 O O   . ASP A 50 ? 0.1551 0.1484 0.1450 -0.0010 0.0081  -0.0075 248 ASP A O   
386 C CB  . ASP A 50 ? 0.1783 0.1742 0.1703 0.0002  0.0093  -0.0066 248 ASP A CB  
387 C CG  . ASP A 50 ? 0.2849 0.2790 0.2759 0.0001  0.0097  -0.0065 248 ASP A CG  
388 O OD1 . ASP A 50 ? 0.2575 0.2488 0.2461 -0.0006 0.0101  -0.0071 248 ASP A OD1 
389 O OD2 . ASP A 50 ? 0.3342 0.3298 0.3266 0.0007  0.0094  -0.0057 248 ASP A OD2 
390 N N   . ALA A 51 ? 0.1430 0.1427 0.1365 0.0001  0.0097  -0.0079 249 ALA A N   
391 C CA  . ALA A 51 ? 0.1469 0.1481 0.1413 0.0002  0.0090  -0.0078 249 ALA A CA  
392 C C   . ALA A 51 ? 0.1654 0.1643 0.1578 -0.0006 0.0093  -0.0088 249 ALA A C   
393 O O   . ALA A 51 ? 0.1727 0.1706 0.1647 -0.0009 0.0084  -0.0086 249 ALA A O   
394 C CB  . ALA A 51 ? 0.1789 0.1848 0.1761 0.0010  0.0097  -0.0080 249 ALA A CB  
395 N N   . ALA A 52 ? 0.1403 0.1387 0.1315 -0.0010 0.0105  -0.0098 250 ALA A N   
396 C CA  . ALA A 52 ? 0.1583 0.1544 0.1473 -0.0017 0.0108  -0.0108 250 ALA A CA  
397 C C   . ALA A 52 ? 0.1666 0.1583 0.1532 -0.0025 0.0099  -0.0105 250 ALA A C   
398 O O   . ALA A 52 ? 0.1777 0.1677 0.1631 -0.0029 0.0095  -0.0108 250 ALA A O   
399 C CB  . ALA A 52 ? 0.2245 0.2209 0.2128 -0.0020 0.0123  -0.0118 250 ALA A CB  
400 N N   . ARG A 53 ? 0.1585 0.1484 0.1445 -0.0024 0.0097  -0.0099 251 ARG A N   
401 C CA  . ARG A 53 ? 0.1297 0.1154 0.1134 -0.0031 0.0088  -0.0096 251 ARG A CA  
402 C C   . ARG A 53 ? 0.1665 0.1519 0.1506 -0.0030 0.0074  -0.0088 251 ARG A C   
403 O O   . ARG A 53 ? 0.1641 0.1466 0.1464 -0.0036 0.0068  -0.0089 251 ARG A O   
404 C CB  . ARG A 53 ? 0.1536 0.1378 0.1366 -0.0030 0.0088  -0.0090 251 ARG A CB  
405 C CG  . ARG A 53 ? 0.1645 0.1442 0.1449 -0.0038 0.0081  -0.0088 251 ARG A CG  
406 C CD  . ARG A 53 ? 0.1792 0.1573 0.1590 -0.0037 0.0082  -0.0084 251 ARG A CD  
407 N NE  . ARG A 53 ? 0.2237 0.2022 0.2030 -0.0038 0.0096  -0.0093 251 ARG A NE  
408 C CZ  . ARG A 53 ? 0.2646 0.2459 0.2455 -0.0031 0.0103  -0.0092 251 ARG A CZ  
409 N NH1 . ARG A 53 ? 0.2648 0.2489 0.2483 -0.0024 0.0098  -0.0083 251 ARG A NH1 
410 N NH2 . ARG A 53 ? 0.2732 0.2545 0.2535 -0.0033 0.0116  -0.0100 251 ARG A NH2 
411 N N   . ALA A 54 ? 0.1501 0.1386 0.1369 -0.0023 0.0068  -0.0080 252 ALA A N   
412 C CA  . ALA A 54 ? 0.1744 0.1631 0.1620 -0.0021 0.0056  -0.0072 252 ALA A CA  
413 C C   . ALA A 54 ? 0.1734 0.1621 0.1606 -0.0024 0.0054  -0.0078 252 ALA A C   
414 O O   . ALA A 54 ? 0.1686 0.1549 0.1545 -0.0029 0.0045  -0.0076 252 ALA A O   
415 C CB  . ALA A 54 ? 0.1848 0.1773 0.1754 -0.0012 0.0052  -0.0064 252 ALA A CB  
416 N N   . ILE A 55 ? 0.1952 0.1867 0.1835 -0.0022 0.0065  -0.0085 253 ILE A N   
417 C CA  . ILE A 55 ? 0.1797 0.1716 0.1678 -0.0024 0.0065  -0.0091 253 ILE A CA  
418 C C   . ILE A 55 ? 0.1863 0.1743 0.1714 -0.0034 0.0067  -0.0099 253 ILE A C   
419 O O   . ILE A 55 ? 0.2066 0.1932 0.1909 -0.0037 0.0060  -0.0099 253 ILE A O   
420 C CB  . ILE A 55 ? 0.1866 0.1824 0.1765 -0.0019 0.0076  -0.0098 253 ILE A CB  
421 C CG1 . ILE A 55 ? 0.1971 0.1967 0.1901 -0.0010 0.0072  -0.0090 253 ILE A CG1 
422 C CG2 . ILE A 55 ? 0.2077 0.2035 0.1972 -0.0023 0.0078  -0.0106 253 ILE A CG2 
423 C CD1 . ILE A 55 ? 0.2276 0.2311 0.2225 -0.0005 0.0083  -0.0094 253 ILE A CD1 
424 N N   . THR A 56 ? 0.1880 0.1744 0.1716 -0.0037 0.0076  -0.0105 254 THR A N   
425 C CA  . THR A 56 ? 0.2080 0.1909 0.1887 -0.0046 0.0079  -0.0114 254 THR A CA  
426 C C   . THR A 56 ? 0.2445 0.2233 0.2231 -0.0051 0.0068  -0.0109 254 THR A C   
427 O O   . THR A 56 ? 0.3012 0.2773 0.2778 -0.0058 0.0066  -0.0112 254 THR A O   
428 C CB  . THR A 56 ? 0.2620 0.2447 0.2418 -0.0049 0.0094  -0.0123 254 THR A CB  
429 O OG1 . THR A 56 ? 0.2780 0.2603 0.2578 -0.0046 0.0095  -0.0119 254 THR A OG1 
430 C CG2 . THR A 56 ? 0.2490 0.2357 0.2308 -0.0044 0.0104  -0.0130 254 THR A CG2 
431 N N   . GLU A 57 ? 0.1810 0.1591 0.1598 -0.0048 0.0063  -0.0100 255 GLU A N   
432 C CA  . GLU A 57 ? 0.1680 0.1422 0.1448 -0.0054 0.0054  -0.0095 255 GLU A CA  
433 C C   . GLU A 57 ? 0.1926 0.1667 0.1702 -0.0052 0.0039  -0.0084 255 GLU A C   
434 O O   . GLU A 57 ? 0.2025 0.1734 0.1784 -0.0058 0.0030  -0.0082 255 GLU A O   
435 C CB  . GLU A 57 ? 0.1607 0.1337 0.1368 -0.0055 0.0057  -0.0092 255 GLU A CB  
436 C CG  . GLU A 57 ? 0.2067 0.1797 0.1821 -0.0057 0.0072  -0.0102 255 GLU A CG  
437 C CD  . GLU A 57 ? 0.2956 0.2653 0.2681 -0.0065 0.0076  -0.0111 255 GLU A CD  
438 O OE1 . GLU A 57 ? 0.2955 0.2624 0.2666 -0.0070 0.0066  -0.0109 255 GLU A OE1 
439 O OE2 . GLU A 57 ? 0.3011 0.2707 0.2728 -0.0067 0.0088  -0.0120 255 GLU A OE2 
440 N N   . LEU A 58 ? 0.1891 0.1666 0.1695 -0.0045 0.0035  -0.0077 256 LEU A N   
441 C CA  . LEU A 58 ? 0.1708 0.1482 0.1519 -0.0042 0.0021  -0.0067 256 LEU A CA  
442 C C   . LEU A 58 ? 0.2175 0.1967 0.1999 -0.0040 0.0016  -0.0067 256 LEU A C   
443 O O   . LEU A 58 ? 0.1984 0.1784 0.1819 -0.0038 0.0005  -0.0059 256 LEU A O   
444 C CB  . LEU A 58 ? 0.1727 0.1525 0.1560 -0.0035 0.0019  -0.0058 256 LEU A CB  
445 C CG  . LEU A 58 ? 0.1693 0.1474 0.1517 -0.0036 0.0021  -0.0056 256 LEU A CG  
446 C CD1 . LEU A 58 ? 0.1758 0.1561 0.1605 -0.0028 0.0017  -0.0045 256 LEU A CD1 
447 C CD2 . LEU A 58 ? 0.2306 0.2042 0.2102 -0.0043 0.0015  -0.0055 256 LEU A CD2 
448 N N   . GLN A 59 ? 0.1954 0.1751 0.1774 -0.0043 0.0025  -0.0077 257 GLN A N   
449 C CA  . GLN A 59 ? 0.1835 0.1645 0.1663 -0.0042 0.0021  -0.0079 257 GLN A CA  
450 C C   . GLN A 59 ? 0.1778 0.1557 0.1590 -0.0047 0.0009  -0.0075 257 GLN A C   
451 O O   . GLN A 59 ? 0.1675 0.1418 0.1461 -0.0054 0.0008  -0.0078 257 GLN A O   
452 C CB  . GLN A 59 ? 0.1435 0.1252 0.1257 -0.0044 0.0033  -0.0090 257 GLN A CB  
453 C CG  . GLN A 59 ? 0.1670 0.1503 0.1501 -0.0043 0.0030  -0.0093 257 GLN A CG  
454 C CD  . GLN A 59 ? 0.2102 0.1979 0.1965 -0.0035 0.0028  -0.0087 257 GLN A CD  
455 O OE1 . GLN A 59 ? 0.2154 0.2036 0.2029 -0.0030 0.0018  -0.0077 257 GLN A OE1 
456 N NE2 . GLN A 59 ? 0.2399 0.2306 0.2275 -0.0031 0.0039  -0.0094 257 GLN A NE2 
457 N N   . ALA A 60 ? 0.1524 0.1315 0.1349 -0.0043 -0.0002 -0.0068 258 ALA A N   
458 C CA  . ALA A 60 ? 0.1718 0.1482 0.1532 -0.0047 -0.0014 -0.0064 258 ALA A CA  
459 C C   . ALA A 60 ? 0.1897 0.1632 0.1697 -0.0050 -0.0022 -0.0057 258 ALA A C   
460 O O   . ALA A 60 ? 0.2189 0.1892 0.1970 -0.0055 -0.0031 -0.0055 258 ALA A O   
461 C CB  . ALA A 60 ? 0.2092 0.1835 0.1884 -0.0053 -0.0012 -0.0073 258 ALA A CB  
462 N N   . SER A 61 ? 0.1629 0.1371 0.1436 -0.0047 -0.0020 -0.0053 259 SER A N   
463 C CA  . SER A 61 ? 0.1659 0.1376 0.1455 -0.0049 -0.0028 -0.0045 259 SER A CA  
464 C C   . SER A 61 ? 0.1740 0.1462 0.1550 -0.0046 -0.0042 -0.0034 259 SER A C   
465 O O   . SER A 61 ? 0.1913 0.1667 0.1745 -0.0040 -0.0044 -0.0032 259 SER A O   
466 C CB  . SER A 61 ? 0.1829 0.1556 0.1632 -0.0046 -0.0021 -0.0043 259 SER A CB  
467 O OG  . SER A 61 ? 0.1982 0.1748 0.1814 -0.0037 -0.0019 -0.0038 259 SER A OG  
468 N N   . GLU A 62 ? 0.1985 0.1676 0.1780 -0.0049 -0.0053 -0.0028 260 GLU A N   
469 C CA  . GLU A 62 ? 0.2172 0.1864 0.1977 -0.0046 -0.0067 -0.0018 260 GLU A CA  
470 C C   . GLU A 62 ? 0.2180 0.1884 0.2000 -0.0042 -0.0070 -0.0009 260 GLU A C   
471 O O   . GLU A 62 ? 0.2436 0.2124 0.2246 -0.0043 -0.0068 -0.0008 260 GLU A O   
472 C CB  . GLU A 62 ? 0.2794 0.2445 0.2574 -0.0054 -0.0077 -0.0018 260 GLU A CB  
473 C CG  . GLU A 62 ? 0.4009 0.3659 0.3797 -0.0052 -0.0091 -0.0009 260 GLU A CG  
474 C CD  . GLU A 62 ? 0.5130 0.4740 0.4892 -0.0059 -0.0100 -0.0009 260 GLU A CD  
475 O OE1 . GLU A 62 ? 0.5077 0.4674 0.4824 -0.0065 -0.0095 -0.0017 260 GLU A OE1 
476 O OE2 . GLU A 62 ? 0.5669 0.5263 0.5428 -0.0060 -0.0112 -0.0001 260 GLU A OE2 
477 N N   . LEU A 63 ? 0.1985 0.1718 0.1830 -0.0035 -0.0076 -0.0001 261 LEU A N   
478 C CA  . LEU A 63 ? 0.1943 0.1691 0.1805 -0.0031 -0.0081 0.0008  261 LEU A CA  
479 C C   . LEU A 63 ? 0.1944 0.1695 0.1816 -0.0028 -0.0096 0.0018  261 LEU A C   
480 O O   . LEU A 63 ? 0.1897 0.1674 0.1787 -0.0025 -0.0097 0.0019  261 LEU A O   
481 C CB  . LEU A 63 ? 0.1766 0.1554 0.1652 -0.0023 -0.0071 0.0007  261 LEU A CB  
482 C CG  . LEU A 63 ? 0.1732 0.1537 0.1635 -0.0018 -0.0073 0.0016  261 LEU A CG  
483 C CD1 . LEU A 63 ? 0.1932 0.1706 0.1817 -0.0022 -0.0074 0.0019  261 LEU A CD1 
484 C CD2 . LEU A 63 ? 0.1484 0.1328 0.1409 -0.0010 -0.0062 0.0014  261 LEU A CD2 
485 N N   . GLU A 64 ? 0.1952 0.1678 0.1815 -0.0031 -0.0105 0.0025  262 GLU A N   
486 C CA  . GLU A 64 ? 0.2143 0.1867 0.2013 -0.0030 -0.0120 0.0034  262 GLU A CA  
487 C C   . GLU A 64 ? 0.2468 0.2189 0.2335 -0.0032 -0.0125 0.0031  262 GLU A C   
488 O O   . GLU A 64 ? 0.2672 0.2415 0.2557 -0.0027 -0.0131 0.0037  262 GLU A O   
489 C CB  . GLU A 64 ? 0.2702 0.2462 0.2603 -0.0022 -0.0123 0.0043  262 GLU A CB  
490 C CG  . GLU A 64 ? 0.3132 0.2896 0.3036 -0.0019 -0.0117 0.0046  262 GLU A CG  
491 C CD  . GLU A 64 ? 0.3425 0.3216 0.3355 -0.0012 -0.0123 0.0057  262 GLU A CD  
492 O OE1 . GLU A 64 ? 0.3581 0.3405 0.3533 -0.0007 -0.0123 0.0057  262 GLU A OE1 
493 O OE2 . GLU A 64 ? 0.3552 0.3334 0.3483 -0.0012 -0.0128 0.0063  262 GLU A OE2 
494 N N   . GLY A 65 ? 0.2494 0.2190 0.2339 -0.0038 -0.0121 0.0023  263 GLY A N   
495 C CA  . GLY A 65 ? 0.2560 0.2248 0.2399 -0.0041 -0.0125 0.0019  263 GLY A CA  
496 C C   . GLY A 65 ? 0.2741 0.2457 0.2590 -0.0038 -0.0117 0.0012  263 GLY A C   
497 O O   . GLY A 65 ? 0.2973 0.2681 0.2813 -0.0040 -0.0118 0.0007  263 GLY A O   
498 N N   . ALA A 66 ? 0.2272 0.2020 0.2140 -0.0032 -0.0106 0.0011  264 ALA A N   
499 C CA  . ALA A 66 ? 0.2216 0.1992 0.2096 -0.0029 -0.0099 0.0004  264 ALA A CA  
500 C C   . ALA A 66 ? 0.2343 0.2117 0.2210 -0.0032 -0.0084 -0.0007 264 ALA A C   
501 O O   . ALA A 66 ? 0.2258 0.2023 0.2120 -0.0033 -0.0078 -0.0008 264 ALA A O   
502 C CB  . ALA A 66 ? 0.2571 0.2390 0.2483 -0.0021 -0.0098 0.0010  264 ALA A CB  
503 N N   . THR A 67 ? 0.2077 0.1857 0.1943 -0.0033 -0.0078 -0.0015 265 THR A N   
504 C CA  . THR A 67 ? 0.2050 0.1829 0.1905 -0.0036 -0.0064 -0.0026 265 THR A CA  
505 C C   . THR A 67 ? 0.1878 0.1699 0.1757 -0.0029 -0.0054 -0.0029 265 THR A C   
506 O O   . THR A 67 ? 0.1960 0.1810 0.1859 -0.0025 -0.0055 -0.0027 265 THR A O   
507 C CB  . THR A 67 ? 0.2443 0.2207 0.2282 -0.0041 -0.0062 -0.0035 265 THR A CB  
508 O OG1 . THR A 67 ? 0.2911 0.2634 0.2726 -0.0048 -0.0072 -0.0033 265 THR A OG1 
509 C CG2 . THR A 67 ? 0.2253 0.2016 0.2081 -0.0044 -0.0047 -0.0046 265 THR A CG2 
510 N N   . LEU A 68 ? 0.1616 0.1440 0.1493 -0.0029 -0.0045 -0.0032 266 LEU A N   
511 C CA  . LEU A 68 ? 0.1393 0.1257 0.1293 -0.0022 -0.0035 -0.0033 266 LEU A CA  
512 C C   . LEU A 68 ? 0.1709 0.1586 0.1608 -0.0023 -0.0023 -0.0044 266 LEU A C   
513 O O   . LEU A 68 ? 0.1892 0.1746 0.1771 -0.0029 -0.0018 -0.0053 266 LEU A O   
514 C CB  . LEU A 68 ? 0.1791 0.1654 0.1692 -0.0021 -0.0029 -0.0031 266 LEU A CB  
515 C CG  . LEU A 68 ? 0.2036 0.1887 0.1938 -0.0020 -0.0040 -0.0020 266 LEU A CG  
516 C CD1 . LEU A 68 ? 0.2170 0.2024 0.2075 -0.0018 -0.0033 -0.0018 266 LEU A CD1 
517 C CD2 . LEU A 68 ? 0.2287 0.2163 0.2214 -0.0014 -0.0049 -0.0011 266 LEU A CD2 
518 N N   . PHE A 69 ? 0.1698 0.1615 0.1621 -0.0016 -0.0018 -0.0045 267 PHE A N   
519 C CA  . PHE A 69 ? 0.1576 0.1512 0.1504 -0.0017 -0.0006 -0.0055 267 PHE A CA  
520 C C   . PHE A 69 ? 0.1851 0.1815 0.1795 -0.0011 0.0004  -0.0055 267 PHE A C   
521 O O   . PHE A 69 ? 0.1746 0.1739 0.1713 -0.0004 0.0001  -0.0048 267 PHE A O   
522 C CB  . PHE A 69 ? 0.1464 0.1421 0.1404 -0.0014 -0.0008 -0.0057 267 PHE A CB  
523 C CG  . PHE A 69 ? 0.1623 0.1601 0.1568 -0.0013 0.0005  -0.0067 267 PHE A CG  
524 C CD1 . PHE A 69 ? 0.1949 0.1906 0.1872 -0.0020 0.0013  -0.0077 267 PHE A CD1 
525 C CD2 . PHE A 69 ? 0.1560 0.1581 0.1531 -0.0006 0.0010  -0.0066 267 PHE A CD2 
526 C CE1 . PHE A 69 ? 0.1939 0.1916 0.1866 -0.0020 0.0025  -0.0087 267 PHE A CE1 
527 C CE2 . PHE A 69 ? 0.1565 0.1607 0.1541 -0.0006 0.0021  -0.0076 267 PHE A CE2 
528 C CZ  . PHE A 69 ? 0.1886 0.1906 0.1841 -0.0012 0.0030  -0.0086 267 PHE A CZ  
529 N N   . LEU A 70 ? 0.1498 0.1455 0.1429 -0.0014 0.0016  -0.0064 268 LEU A N   
530 C CA  . LEU A 70 ? 0.0445 0.0426 0.0390 -0.0009 0.0026  -0.0064 268 LEU A CA  
531 C C   . LEU A 70 ? 0.1628 0.1632 0.1577 -0.0009 0.0039  -0.0075 268 LEU A C   
532 O O   . LEU A 70 ? 0.1436 0.1423 0.1369 -0.0015 0.0043  -0.0084 268 LEU A O   
533 C CB  . LEU A 70 ? 0.0465 0.0419 0.0391 -0.0013 0.0029  -0.0065 268 LEU A CB  
534 C CG  . LEU A 70 ? 0.0926 0.0863 0.0851 -0.0012 0.0018  -0.0054 268 LEU A CG  
535 C CD1 . LEU A 70 ? 0.1493 0.1390 0.1395 -0.0019 0.0008  -0.0053 268 LEU A CD1 
536 C CD2 . LEU A 70 ? 0.1384 0.1314 0.1303 -0.0012 0.0025  -0.0054 268 LEU A CD2 
537 N N   . ARG A 71 ? 0.1689 0.1731 0.1662 -0.0002 0.0044  -0.0075 269 ARG A N   
538 C CA  . ARG A 71 ? 0.1903 0.1966 0.1880 -0.0001 0.0058  -0.0085 269 ARG A CA  
539 C C   . ARG A 71 ? 0.1961 0.2059 0.1960 0.0006  0.0065  -0.0083 269 ARG A C   
540 O O   . ARG A 71 ? 0.1804 0.1910 0.1815 0.0011  0.0060  -0.0074 269 ARG A O   
541 C CB  . ARG A 71 ? 0.2532 0.2612 0.2518 0.0000  0.0057  -0.0088 269 ARG A CB  
542 C CG  . ARG A 71 ? 0.2270 0.2381 0.2282 0.0007  0.0049  -0.0079 269 ARG A CG  
543 C CD  . ARG A 71 ? 0.2076 0.2210 0.2099 0.0008  0.0051  -0.0085 269 ARG A CD  
544 N NE  . ARG A 71 ? 0.2003 0.2157 0.2047 0.0013  0.0041  -0.0076 269 ARG A NE  
545 C CZ  . ARG A 71 ? 0.1901 0.2081 0.1958 0.0017  0.0042  -0.0078 269 ARG A CZ  
546 N NH1 . ARG A 71 ? 0.1323 0.1514 0.1380 0.0015  0.0052  -0.0089 269 ARG A NH1 
547 N NH2 . ARG A 71 ? 0.1755 0.1951 0.1832 0.0022  0.0032  -0.0069 269 ARG A NH2 
548 O OXT . ARG A 71 ? 0.2108 0.2224 0.2111 0.0007  0.0077  -0.0091 269 ARG A OXT 
# 
loop_
_pdbx_poly_seq_scheme.asym_id 
_pdbx_poly_seq_scheme.entity_id 
_pdbx_poly_seq_scheme.seq_id 
_pdbx_poly_seq_scheme.mon_id 
_pdbx_poly_seq_scheme.ndb_seq_num 
_pdbx_poly_seq_scheme.pdb_seq_num 
_pdbx_poly_seq_scheme.auth_seq_num 
_pdbx_poly_seq_scheme.pdb_mon_id 
_pdbx_poly_seq_scheme.auth_mon_id 
_pdbx_poly_seq_scheme.pdb_strand_id 
_pdbx_poly_seq_scheme.pdb_ins_code 
_pdbx_poly_seq_scheme.hetero 
A 1 1  GLY 1  199 199 GLY GLY A . n 
A 1 2  SER 2  200 200 SER SER A . n 
A 1 3  HIS 3  201 201 HIS HIS A . n 
A 1 4  MET 4  202 202 MET MET A . n 
A 1 5  ARG 5  203 203 ARG ARG A . n 
A 1 6  VAL 6  204 204 VAL VAL A . n 
A 1 7  GLN 7  205 205 GLN GLN A . n 
A 1 8  VAL 8  206 206 VAL VAL A . n 
A 1 9  SER 9  207 207 SER SER A . n 
A 1 10 GLY 10 208 208 GLY GLY A . n 
A 1 11 MET 11 209 209 MET MET A . n 
A 1 12 SER 12 210 210 SER SER A . n 
A 1 13 ASP 13 211 211 ASP ASP A . n 
A 1 14 GLU 14 212 212 GLU GLU A . n 
A 1 15 THR 15 213 213 THR THR A . n 
A 1 16 THR 16 214 214 THR THR A . n 
A 1 17 TRP 17 215 215 TRP TRP A . n 
A 1 18 HIS 18 216 216 HIS HIS A . n 
A 1 19 THR 19 217 217 THR THR A . n 
A 1 20 LEU 20 218 218 LEU LEU A . n 
A 1 21 LYS 21 219 219 LYS LYS A . n 
A 1 22 ASP 22 220 220 ASP ASP A . n 
A 1 23 HIS 23 221 221 HIS HIS A . n 
A 1 24 LEU 24 222 222 LEU LEU A . n 
A 1 25 ARG 25 223 223 ARG ARG A . n 
A 1 26 GLN 26 224 224 GLN GLN A . n 
A 1 27 ALA 27 225 225 ALA ALA A . n 
A 1 28 GLY 28 226 226 GLY GLY A . n 
A 1 29 GLU 29 227 227 GLU GLU A . n 
A 1 30 VAL 30 228 228 VAL VAL A . n 
A 1 31 THR 31 229 229 THR THR A . n 
A 1 32 PHE 32 230 230 PHE PHE A . n 
A 1 33 CYS 33 231 231 CYS CYS A . n 
A 1 34 LYS 34 232 232 LYS LYS A . n 
A 1 35 VAL 35 233 233 VAL VAL A . n 
A 1 36 PHE 36 234 234 PHE PHE A . n 
A 1 37 SER 37 235 235 SER SER A . n 
A 1 38 GLY 38 236 236 GLY GLY A . n 
A 1 39 GLY 39 237 237 GLY GLY A . n 
A 1 40 ARG 40 238 238 ARG ARG A . n 
A 1 41 ALA 41 239 239 ALA ALA A . n 
A 1 42 VAL 42 240 240 VAL VAL A . n 
A 1 43 VAL 43 241 241 VAL VAL A . n 
A 1 44 GLU 44 242 242 GLU GLU A . n 
A 1 45 PHE 45 243 243 PHE PHE A . n 
A 1 46 VAL 46 244 244 VAL VAL A . n 
A 1 47 THR 47 245 245 THR THR A . n 
A 1 48 PRO 48 246 246 PRO PRO A . n 
A 1 49 GLU 49 247 247 GLU GLU A . n 
A 1 50 ASP 50 248 248 ASP ASP A . n 
A 1 51 ALA 51 249 249 ALA ALA A . n 
A 1 52 ALA 52 250 250 ALA ALA A . n 
A 1 53 ARG 53 251 251 ARG ARG A . n 
A 1 54 ALA 54 252 252 ALA ALA A . n 
A 1 55 ILE 55 253 253 ILE ILE A . n 
A 1 56 THR 56 254 254 THR THR A . n 
A 1 57 GLU 57 255 255 GLU GLU A . n 
A 1 58 LEU 58 256 256 LEU LEU A . n 
A 1 59 GLN 59 257 257 GLN GLN A . n 
A 1 60 ALA 60 258 258 ALA ALA A . n 
A 1 61 SER 61 259 259 SER SER A . n 
A 1 62 GLU 62 260 260 GLU GLU A . n 
A 1 63 LEU 63 261 261 LEU LEU A . n 
A 1 64 GLU 64 262 262 GLU GLU A . n 
A 1 65 GLY 65 263 263 GLY GLY A . n 
A 1 66 ALA 66 264 264 ALA ALA A . n 
A 1 67 THR 67 265 265 THR THR A . n 
A 1 68 LEU 68 266 266 LEU LEU A . n 
A 1 69 PHE 69 267 267 PHE PHE A . n 
A 1 70 LEU 70 268 268 LEU LEU A . n 
A 1 71 ARG 71 269 269 ARG ARG A . n 
# 
loop_
_pdbx_nonpoly_scheme.asym_id 
_pdbx_nonpoly_scheme.entity_id 
_pdbx_nonpoly_scheme.mon_id 
_pdbx_nonpoly_scheme.ndb_seq_num 
_pdbx_nonpoly_scheme.pdb_seq_num 
_pdbx_nonpoly_scheme.auth_seq_num 
_pdbx_nonpoly_scheme.pdb_mon_id 
_pdbx_nonpoly_scheme.auth_mon_id 
_pdbx_nonpoly_scheme.pdb_strand_id 
_pdbx_nonpoly_scheme.pdb_ins_code 
B 2 HOH 1  301 3  HOH HOH A . 
B 2 HOH 2  302 57 HOH HOH A . 
B 2 HOH 3  303 73 HOH HOH A . 
B 2 HOH 4  304 76 HOH HOH A . 
B 2 HOH 5  305 22 HOH HOH A . 
B 2 HOH 6  306 44 HOH HOH A . 
B 2 HOH 7  307 2  HOH HOH A . 
B 2 HOH 8  308 39 HOH HOH A . 
B 2 HOH 9  309 46 HOH HOH A . 
B 2 HOH 10 310 47 HOH HOH A . 
B 2 HOH 11 311 32 HOH HOH A . 
B 2 HOH 12 312 55 HOH HOH A . 
B 2 HOH 13 313 15 HOH HOH A . 
B 2 HOH 14 314 38 HOH HOH A . 
B 2 HOH 15 315 42 HOH HOH A . 
B 2 HOH 16 316 23 HOH HOH A . 
B 2 HOH 17 317 35 HOH HOH A . 
B 2 HOH 18 318 16 HOH HOH A . 
B 2 HOH 19 319 53 HOH HOH A . 
B 2 HOH 20 320 17 HOH HOH A . 
B 2 HOH 21 321 1  HOH HOH A . 
B 2 HOH 22 322 18 HOH HOH A . 
B 2 HOH 23 323 10 HOH HOH A . 
B 2 HOH 24 324 6  HOH HOH A . 
B 2 HOH 25 325 72 HOH HOH A . 
B 2 HOH 26 326 5  HOH HOH A . 
B 2 HOH 27 327 50 HOH HOH A . 
B 2 HOH 28 328 8  HOH HOH A . 
B 2 HOH 29 329 27 HOH HOH A . 
B 2 HOH 30 330 80 HOH HOH A . 
B 2 HOH 31 331 28 HOH HOH A . 
B 2 HOH 32 332 51 HOH HOH A . 
B 2 HOH 33 333 25 HOH HOH A . 
B 2 HOH 34 334 19 HOH HOH A . 
B 2 HOH 35 335 11 HOH HOH A . 
B 2 HOH 36 336 59 HOH HOH A . 
B 2 HOH 37 337 13 HOH HOH A . 
B 2 HOH 38 338 33 HOH HOH A . 
B 2 HOH 39 339 54 HOH HOH A . 
B 2 HOH 40 340 45 HOH HOH A . 
B 2 HOH 41 341 49 HOH HOH A . 
B 2 HOH 42 342 7  HOH HOH A . 
B 2 HOH 43 343 20 HOH HOH A . 
B 2 HOH 44 344 12 HOH HOH A . 
B 2 HOH 45 345 29 HOH HOH A . 
B 2 HOH 46 346 40 HOH HOH A . 
B 2 HOH 47 347 34 HOH HOH A . 
B 2 HOH 48 348 26 HOH HOH A . 
B 2 HOH 49 349 61 HOH HOH A . 
B 2 HOH 50 350 43 HOH HOH A . 
B 2 HOH 51 351 58 HOH HOH A . 
B 2 HOH 52 352 37 HOH HOH A . 
B 2 HOH 53 353 9  HOH HOH A . 
B 2 HOH 54 354 48 HOH HOH A . 
B 2 HOH 55 355 24 HOH HOH A . 
B 2 HOH 56 356 21 HOH HOH A . 
B 2 HOH 57 357 82 HOH HOH A . 
B 2 HOH 58 358 4  HOH HOH A . 
B 2 HOH 59 359 41 HOH HOH A . 
B 2 HOH 60 360 56 HOH HOH A . 
B 2 HOH 61 361 93 HOH HOH A . 
B 2 HOH 62 362 52 HOH HOH A . 
B 2 HOH 63 363 77 HOH HOH A . 
B 2 HOH 64 364 31 HOH HOH A . 
B 2 HOH 65 365 14 HOH HOH A . 
B 2 HOH 66 366 70 HOH HOH A . 
B 2 HOH 67 367 30 HOH HOH A . 
B 2 HOH 68 368 86 HOH HOH A . 
B 2 HOH 69 369 36 HOH HOH A . 
B 2 HOH 70 370 89 HOH HOH A . 
B 2 HOH 71 371 68 HOH HOH A . 
B 2 HOH 72 372 71 HOH HOH A . 
B 2 HOH 73 373 67 HOH HOH A . 
B 2 HOH 74 374 79 HOH HOH A . 
B 2 HOH 75 375 63 HOH HOH A . 
B 2 HOH 76 376 75 HOH HOH A . 
B 2 HOH 77 377 64 HOH HOH A . 
B 2 HOH 78 378 60 HOH HOH A . 
B 2 HOH 79 379 65 HOH HOH A . 
B 2 HOH 80 380 69 HOH HOH A . 
B 2 HOH 81 381 78 HOH HOH A . 
B 2 HOH 82 382 87 HOH HOH A . 
B 2 HOH 83 383 90 HOH HOH A . 
B 2 HOH 84 384 84 HOH HOH A . 
B 2 HOH 85 385 62 HOH HOH A . 
B 2 HOH 86 386 91 HOH HOH A . 
B 2 HOH 87 387 83 HOH HOH A . 
B 2 HOH 88 388 88 HOH HOH A . 
B 2 HOH 89 389 81 HOH HOH A . 
B 2 HOH 90 390 74 HOH HOH A . 
B 2 HOH 91 391 85 HOH HOH A . 
B 2 HOH 92 392 92 HOH HOH A . 
B 2 HOH 93 393 66 HOH HOH A . 
# 
_pdbx_struct_assembly.id                   1 
_pdbx_struct_assembly.details              author_and_software_defined_assembly 
_pdbx_struct_assembly.method_details       PISA 
_pdbx_struct_assembly.oligomeric_details   monomeric 
_pdbx_struct_assembly.oligomeric_count     1 
# 
_pdbx_struct_assembly_gen.assembly_id       1 
_pdbx_struct_assembly_gen.oper_expression   1 
_pdbx_struct_assembly_gen.asym_id_list      A,B 
# 
_pdbx_struct_oper_list.id                   1 
_pdbx_struct_oper_list.type                 'identity operation' 
_pdbx_struct_oper_list.name                 1_555 
_pdbx_struct_oper_list.symmetry_operation   x,y,z 
_pdbx_struct_oper_list.matrix[1][1]         1.0000000000 
_pdbx_struct_oper_list.matrix[1][2]         0.0000000000 
_pdbx_struct_oper_list.matrix[1][3]         0.0000000000 
_pdbx_struct_oper_list.vector[1]            0.0000000000 
_pdbx_struct_oper_list.matrix[2][1]         0.0000000000 
_pdbx_struct_oper_list.matrix[2][2]         1.0000000000 
_pdbx_struct_oper_list.matrix[2][3]         0.0000000000 
_pdbx_struct_oper_list.vector[2]            0.0000000000 
_pdbx_struct_oper_list.matrix[3][1]         0.0000000000 
_pdbx_struct_oper_list.matrix[3][2]         0.0000000000 
_pdbx_struct_oper_list.matrix[3][3]         1.0000000000 
_pdbx_struct_oper_list.vector[3]            0.0000000000 
# 
_pdbx_struct_special_symmetry.id              1 
_pdbx_struct_special_symmetry.PDB_model_num   1 
_pdbx_struct_special_symmetry.auth_asym_id    A 
_pdbx_struct_special_symmetry.auth_comp_id    HOH 
_pdbx_struct_special_symmetry.auth_seq_id     381 
_pdbx_struct_special_symmetry.PDB_ins_code    ? 
_pdbx_struct_special_symmetry.label_asym_id   B 
_pdbx_struct_special_symmetry.label_comp_id   HOH 
_pdbx_struct_special_symmetry.label_seq_id    . 
# 
loop_
_pdbx_audit_revision_history.ordinal 
_pdbx_audit_revision_history.data_content_type 
_pdbx_audit_revision_history.major_revision 
_pdbx_audit_revision_history.minor_revision 
_pdbx_audit_revision_history.revision_date 
1 'Structure model' 1 0 2018-12-12 
2 'Structure model' 1 1 2018-12-26 
3 'Structure model' 1 2 2019-03-13 
4 'Structure model' 1 3 2023-10-11 
# 
_pdbx_audit_revision_details.ordinal             1 
_pdbx_audit_revision_details.revision_ordinal    1 
_pdbx_audit_revision_details.data_content_type   'Structure model' 
_pdbx_audit_revision_details.provider            repository 
_pdbx_audit_revision_details.type                'Initial release' 
_pdbx_audit_revision_details.description         ? 
_pdbx_audit_revision_details.details             ? 
# 
loop_
_pdbx_audit_revision_group.ordinal 
_pdbx_audit_revision_group.revision_ordinal 
_pdbx_audit_revision_group.data_content_type 
_pdbx_audit_revision_group.group 
1 2 'Structure model' 'Data collection'        
2 2 'Structure model' 'Database references'    
3 3 'Structure model' 'Data collection'        
4 3 'Structure model' 'Database references'    
5 4 'Structure model' 'Data collection'        
6 4 'Structure model' 'Database references'    
7 4 'Structure model' 'Refinement description' 
# 
loop_
_pdbx_audit_revision_category.ordinal 
_pdbx_audit_revision_category.revision_ordinal 
_pdbx_audit_revision_category.data_content_type 
_pdbx_audit_revision_category.category 
1 2 'Structure model' citation                      
2 3 'Structure model' citation                      
3 3 'Structure model' pdbx_database_proc            
4 4 'Structure model' chem_comp_atom                
5 4 'Structure model' chem_comp_bond                
6 4 'Structure model' database_2                    
7 4 'Structure model' pdbx_initial_refinement_model 
# 
loop_
_pdbx_audit_revision_item.ordinal 
_pdbx_audit_revision_item.revision_ordinal 
_pdbx_audit_revision_item.data_content_type 
_pdbx_audit_revision_item.item 
1 2 'Structure model' '_citation.pdbx_database_id_DOI'      
2 2 'Structure model' '_citation.pdbx_database_id_PubMed'   
3 2 'Structure model' '_citation.title'                     
4 3 'Structure model' '_citation.journal_volume'            
5 3 'Structure model' '_citation.page_first'                
6 3 'Structure model' '_citation.page_last'                 
7 3 'Structure model' '_citation.year'                      
8 4 'Structure model' '_database_2.pdbx_DOI'                
9 4 'Structure model' '_database_2.pdbx_database_accession' 
# 
_pdbx_refine_tls.pdbx_refine_id   'X-RAY DIFFRACTION' 
_pdbx_refine_tls.id               1 
_pdbx_refine_tls.details          ? 
_pdbx_refine_tls.method           refined 
_pdbx_refine_tls.origin_x         0.2307 
_pdbx_refine_tls.origin_y         -0.3490 
_pdbx_refine_tls.origin_z         0.2667 
_pdbx_refine_tls.T[1][1]          0.0437 
_pdbx_refine_tls.T[2][2]          0.0421 
_pdbx_refine_tls.T[3][3]          0.0416 
_pdbx_refine_tls.T[1][2]          0.0008 
_pdbx_refine_tls.T[1][3]          0.0006 
_pdbx_refine_tls.T[2][3]          -0.0019 
_pdbx_refine_tls.L[1][1]          0.0068 
_pdbx_refine_tls.L[2][2]          0.0116 
_pdbx_refine_tls.L[3][3]          0.0169 
_pdbx_refine_tls.L[1][2]          0.0009 
_pdbx_refine_tls.L[1][3]          -0.0053 
_pdbx_refine_tls.L[2][3]          0.0029 
_pdbx_refine_tls.S[1][1]          -0.0090 
_pdbx_refine_tls.S[2][2]          0.0250 
_pdbx_refine_tls.S[3][3]          0.0001 
_pdbx_refine_tls.S[1][2]          -0.0291 
_pdbx_refine_tls.S[1][3]          -0.0099 
_pdbx_refine_tls.S[2][3]          0.0028 
_pdbx_refine_tls.S[2][1]          -0.0562 
_pdbx_refine_tls.S[3][1]          -0.0016 
_pdbx_refine_tls.S[3][2]          0.0073 
# 
loop_
_pdbx_refine_tls_group.pdbx_refine_id 
_pdbx_refine_tls_group.id 
_pdbx_refine_tls_group.refine_tls_id 
_pdbx_refine_tls_group.beg_auth_asym_id 
_pdbx_refine_tls_group.beg_auth_seq_id 
_pdbx_refine_tls_group.end_auth_asym_id 
_pdbx_refine_tls_group.end_auth_seq_id 
_pdbx_refine_tls_group.selection_details 
_pdbx_refine_tls_group.beg_label_asym_id 
_pdbx_refine_tls_group.beg_label_seq_id 
_pdbx_refine_tls_group.end_label_asym_id 
_pdbx_refine_tls_group.end_label_seq_id 
_pdbx_refine_tls_group.selection 
'X-RAY DIFFRACTION' 1 1 A 199 A 269 all ? ? ? ? ? 
'X-RAY DIFFRACTION' 2 1 S 1   S 93  all ? ? ? ? ? 
# 
_phasing.method   MR 
# 
loop_
_software.citation_id 
_software.classification 
_software.compiler_name 
_software.compiler_version 
_software.contact_author 
_software.contact_author_email 
_software.date 
_software.description 
_software.dependencies 
_software.hardware 
_software.language 
_software.location 
_software.mods 
_software.name 
_software.os 
_software.os_version 
_software.type 
_software.version 
_software.pdbx_ordinal 
? 'data scaling'    ? ? ? ? ? ? ? ? ? ? ? SCALA       ? ? ? .          1 
? phasing           ? ? ? ? ? ? ? ? ? ? ? MOLREP      ? ? ? .          2 
? refinement        ? ? ? ? ? ? ? ? ? ? ? PHENIX      ? ? ? 1.8.4_1496 3 
? 'data extraction' ? ? ? ? ? ? ? ? ? ? ? PDB_EXTRACT ? ? ? 3.22       4 
? 'data reduction'  ? ? ? ? ? ? ? ? ? ? ? MOSFLM      ? ? ? .          5 
# 
_pdbx_validate_close_contact.id               1 
_pdbx_validate_close_contact.PDB_model_num    1 
_pdbx_validate_close_contact.auth_atom_id_1   O 
_pdbx_validate_close_contact.auth_asym_id_1   A 
_pdbx_validate_close_contact.auth_comp_id_1   HOH 
_pdbx_validate_close_contact.auth_seq_id_1    383 
_pdbx_validate_close_contact.PDB_ins_code_1   ? 
_pdbx_validate_close_contact.label_alt_id_1   ? 
_pdbx_validate_close_contact.auth_atom_id_2   O 
_pdbx_validate_close_contact.auth_asym_id_2   A 
_pdbx_validate_close_contact.auth_comp_id_2   HOH 
_pdbx_validate_close_contact.auth_seq_id_2    387 
_pdbx_validate_close_contact.PDB_ins_code_2   ? 
_pdbx_validate_close_contact.label_alt_id_2   ? 
_pdbx_validate_close_contact.dist             2.10 
# 
_pdbx_validate_symm_contact.id                1 
_pdbx_validate_symm_contact.PDB_model_num     1 
_pdbx_validate_symm_contact.auth_atom_id_1    O 
_pdbx_validate_symm_contact.auth_asym_id_1    A 
_pdbx_validate_symm_contact.auth_comp_id_1    HOH 
_pdbx_validate_symm_contact.auth_seq_id_1     371 
_pdbx_validate_symm_contact.PDB_ins_code_1    ? 
_pdbx_validate_symm_contact.label_alt_id_1    ? 
_pdbx_validate_symm_contact.site_symmetry_1   1_555 
_pdbx_validate_symm_contact.auth_atom_id_2    O 
_pdbx_validate_symm_contact.auth_asym_id_2    A 
_pdbx_validate_symm_contact.auth_comp_id_2    HOH 
_pdbx_validate_symm_contact.auth_seq_id_2     384 
_pdbx_validate_symm_contact.PDB_ins_code_2    ? 
_pdbx_validate_symm_contact.label_alt_id_2    ? 
_pdbx_validate_symm_contact.site_symmetry_2   2_555 
_pdbx_validate_symm_contact.dist              2.05 
# 
loop_
_chem_comp_atom.comp_id 
_chem_comp_atom.atom_id 
_chem_comp_atom.type_symbol 
_chem_comp_atom.pdbx_aromatic_flag 
_chem_comp_atom.pdbx_stereo_config 
_chem_comp_atom.pdbx_ordinal 
ALA N    N N N 1   
ALA CA   C N S 2   
ALA C    C N N 3   
ALA O    O N N 4   
ALA CB   C N N 5   
ALA OXT  O N N 6   
ALA H    H N N 7   
ALA H2   H N N 8   
ALA HA   H N N 9   
ALA HB1  H N N 10  
ALA HB2  H N N 11  
ALA HB3  H N N 12  
ALA HXT  H N N 13  
ARG N    N N N 14  
ARG CA   C N S 15  
ARG C    C N N 16  
ARG O    O N N 17  
ARG CB   C N N 18  
ARG CG   C N N 19  
ARG CD   C N N 20  
ARG NE   N N N 21  
ARG CZ   C N N 22  
ARG NH1  N N N 23  
ARG NH2  N N N 24  
ARG OXT  O N N 25  
ARG H    H N N 26  
ARG H2   H N N 27  
ARG HA   H N N 28  
ARG HB2  H N N 29  
ARG HB3  H N N 30  
ARG HG2  H N N 31  
ARG HG3  H N N 32  
ARG HD2  H N N 33  
ARG HD3  H N N 34  
ARG HE   H N N 35  
ARG HH11 H N N 36  
ARG HH12 H N N 37  
ARG HH21 H N N 38  
ARG HH22 H N N 39  
ARG HXT  H N N 40  
ASP N    N N N 41  
ASP CA   C N S 42  
ASP C    C N N 43  
ASP O    O N N 44  
ASP CB   C N N 45  
ASP CG   C N N 46  
ASP OD1  O N N 47  
ASP OD2  O N N 48  
ASP OXT  O N N 49  
ASP H    H N N 50  
ASP H2   H N N 51  
ASP HA   H N N 52  
ASP HB2  H N N 53  
ASP HB3  H N N 54  
ASP HD2  H N N 55  
ASP HXT  H N N 56  
CYS N    N N N 57  
CYS CA   C N R 58  
CYS C    C N N 59  
CYS O    O N N 60  
CYS CB   C N N 61  
CYS SG   S N N 62  
CYS OXT  O N N 63  
CYS H    H N N 64  
CYS H2   H N N 65  
CYS HA   H N N 66  
CYS HB2  H N N 67  
CYS HB3  H N N 68  
CYS HG   H N N 69  
CYS HXT  H N N 70  
GLN N    N N N 71  
GLN CA   C N S 72  
GLN C    C N N 73  
GLN O    O N N 74  
GLN CB   C N N 75  
GLN CG   C N N 76  
GLN CD   C N N 77  
GLN OE1  O N N 78  
GLN NE2  N N N 79  
GLN OXT  O N N 80  
GLN H    H N N 81  
GLN H2   H N N 82  
GLN HA   H N N 83  
GLN HB2  H N N 84  
GLN HB3  H N N 85  
GLN HG2  H N N 86  
GLN HG3  H N N 87  
GLN HE21 H N N 88  
GLN HE22 H N N 89  
GLN HXT  H N N 90  
GLU N    N N N 91  
GLU CA   C N S 92  
GLU C    C N N 93  
GLU O    O N N 94  
GLU CB   C N N 95  
GLU CG   C N N 96  
GLU CD   C N N 97  
GLU OE1  O N N 98  
GLU OE2  O N N 99  
GLU OXT  O N N 100 
GLU H    H N N 101 
GLU H2   H N N 102 
GLU HA   H N N 103 
GLU HB2  H N N 104 
GLU HB3  H N N 105 
GLU HG2  H N N 106 
GLU HG3  H N N 107 
GLU HE2  H N N 108 
GLU HXT  H N N 109 
GLY N    N N N 110 
GLY CA   C N N 111 
GLY C    C N N 112 
GLY O    O N N 113 
GLY OXT  O N N 114 
GLY H    H N N 115 
GLY H2   H N N 116 
GLY HA2  H N N 117 
GLY HA3  H N N 118 
GLY HXT  H N N 119 
HIS N    N N N 120 
HIS CA   C N S 121 
HIS C    C N N 122 
HIS O    O N N 123 
HIS CB   C N N 124 
HIS CG   C Y N 125 
HIS ND1  N Y N 126 
HIS CD2  C Y N 127 
HIS CE1  C Y N 128 
HIS NE2  N Y N 129 
HIS OXT  O N N 130 
HIS H    H N N 131 
HIS H2   H N N 132 
HIS HA   H N N 133 
HIS HB2  H N N 134 
HIS HB3  H N N 135 
HIS HD1  H N N 136 
HIS HD2  H N N 137 
HIS HE1  H N N 138 
HIS HE2  H N N 139 
HIS HXT  H N N 140 
HOH O    O N N 141 
HOH H1   H N N 142 
HOH H2   H N N 143 
ILE N    N N N 144 
ILE CA   C N S 145 
ILE C    C N N 146 
ILE O    O N N 147 
ILE CB   C N S 148 
ILE CG1  C N N 149 
ILE CG2  C N N 150 
ILE CD1  C N N 151 
ILE OXT  O N N 152 
ILE H    H N N 153 
ILE H2   H N N 154 
ILE HA   H N N 155 
ILE HB   H N N 156 
ILE HG12 H N N 157 
ILE HG13 H N N 158 
ILE HG21 H N N 159 
ILE HG22 H N N 160 
ILE HG23 H N N 161 
ILE HD11 H N N 162 
ILE HD12 H N N 163 
ILE HD13 H N N 164 
ILE HXT  H N N 165 
LEU N    N N N 166 
LEU CA   C N S 167 
LEU C    C N N 168 
LEU O    O N N 169 
LEU CB   C N N 170 
LEU CG   C N N 171 
LEU CD1  C N N 172 
LEU CD2  C N N 173 
LEU OXT  O N N 174 
LEU H    H N N 175 
LEU H2   H N N 176 
LEU HA   H N N 177 
LEU HB2  H N N 178 
LEU HB3  H N N 179 
LEU HG   H N N 180 
LEU HD11 H N N 181 
LEU HD12 H N N 182 
LEU HD13 H N N 183 
LEU HD21 H N N 184 
LEU HD22 H N N 185 
LEU HD23 H N N 186 
LEU HXT  H N N 187 
LYS N    N N N 188 
LYS CA   C N S 189 
LYS C    C N N 190 
LYS O    O N N 191 
LYS CB   C N N 192 
LYS CG   C N N 193 
LYS CD   C N N 194 
LYS CE   C N N 195 
LYS NZ   N N N 196 
LYS OXT  O N N 197 
LYS H    H N N 198 
LYS H2   H N N 199 
LYS HA   H N N 200 
LYS HB2  H N N 201 
LYS HB3  H N N 202 
LYS HG2  H N N 203 
LYS HG3  H N N 204 
LYS HD2  H N N 205 
LYS HD3  H N N 206 
LYS HE2  H N N 207 
LYS HE3  H N N 208 
LYS HZ1  H N N 209 
LYS HZ2  H N N 210 
LYS HZ3  H N N 211 
LYS HXT  H N N 212 
MET N    N N N 213 
MET CA   C N S 214 
MET C    C N N 215 
MET O    O N N 216 
MET CB   C N N 217 
MET CG   C N N 218 
MET SD   S N N 219 
MET CE   C N N 220 
MET OXT  O N N 221 
MET H    H N N 222 
MET H2   H N N 223 
MET HA   H N N 224 
MET HB2  H N N 225 
MET HB3  H N N 226 
MET HG2  H N N 227 
MET HG3  H N N 228 
MET HE1  H N N 229 
MET HE2  H N N 230 
MET HE3  H N N 231 
MET HXT  H N N 232 
PHE N    N N N 233 
PHE CA   C N S 234 
PHE C    C N N 235 
PHE O    O N N 236 
PHE CB   C N N 237 
PHE CG   C Y N 238 
PHE CD1  C Y N 239 
PHE CD2  C Y N 240 
PHE CE1  C Y N 241 
PHE CE2  C Y N 242 
PHE CZ   C Y N 243 
PHE OXT  O N N 244 
PHE H    H N N 245 
PHE H2   H N N 246 
PHE HA   H N N 247 
PHE HB2  H N N 248 
PHE HB3  H N N 249 
PHE HD1  H N N 250 
PHE HD2  H N N 251 
PHE HE1  H N N 252 
PHE HE2  H N N 253 
PHE HZ   H N N 254 
PHE HXT  H N N 255 
PRO N    N N N 256 
PRO CA   C N S 257 
PRO C    C N N 258 
PRO O    O N N 259 
PRO CB   C N N 260 
PRO CG   C N N 261 
PRO CD   C N N 262 
PRO OXT  O N N 263 
PRO H    H N N 264 
PRO HA   H N N 265 
PRO HB2  H N N 266 
PRO HB3  H N N 267 
PRO HG2  H N N 268 
PRO HG3  H N N 269 
PRO HD2  H N N 270 
PRO HD3  H N N 271 
PRO HXT  H N N 272 
SER N    N N N 273 
SER CA   C N S 274 
SER C    C N N 275 
SER O    O N N 276 
SER CB   C N N 277 
SER OG   O N N 278 
SER OXT  O N N 279 
SER H    H N N 280 
SER H2   H N N 281 
SER HA   H N N 282 
SER HB2  H N N 283 
SER HB3  H N N 284 
SER HG   H N N 285 
SER HXT  H N N 286 
THR N    N N N 287 
THR CA   C N S 288 
THR C    C N N 289 
THR O    O N N 290 
THR CB   C N R 291 
THR OG1  O N N 292 
THR CG2  C N N 293 
THR OXT  O N N 294 
THR H    H N N 295 
THR H2   H N N 296 
THR HA   H N N 297 
THR HB   H N N 298 
THR HG1  H N N 299 
THR HG21 H N N 300 
THR HG22 H N N 301 
THR HG23 H N N 302 
THR HXT  H N N 303 
TRP N    N N N 304 
TRP CA   C N S 305 
TRP C    C N N 306 
TRP O    O N N 307 
TRP CB   C N N 308 
TRP CG   C Y N 309 
TRP CD1  C Y N 310 
TRP CD2  C Y N 311 
TRP NE1  N Y N 312 
TRP CE2  C Y N 313 
TRP CE3  C Y N 314 
TRP CZ2  C Y N 315 
TRP CZ3  C Y N 316 
TRP CH2  C Y N 317 
TRP OXT  O N N 318 
TRP H    H N N 319 
TRP H2   H N N 320 
TRP HA   H N N 321 
TRP HB2  H N N 322 
TRP HB3  H N N 323 
TRP HD1  H N N 324 
TRP HE1  H N N 325 
TRP HE3  H N N 326 
TRP HZ2  H N N 327 
TRP HZ3  H N N 328 
TRP HH2  H N N 329 
TRP HXT  H N N 330 
VAL N    N N N 331 
VAL CA   C N S 332 
VAL C    C N N 333 
VAL O    O N N 334 
VAL CB   C N N 335 
VAL CG1  C N N 336 
VAL CG2  C N N 337 
VAL OXT  O N N 338 
VAL H    H N N 339 
VAL H2   H N N 340 
VAL HA   H N N 341 
VAL HB   H N N 342 
VAL HG11 H N N 343 
VAL HG12 H N N 344 
VAL HG13 H N N 345 
VAL HG21 H N N 346 
VAL HG22 H N N 347 
VAL HG23 H N N 348 
VAL HXT  H N N 349 
# 
loop_
_chem_comp_bond.comp_id 
_chem_comp_bond.atom_id_1 
_chem_comp_bond.atom_id_2 
_chem_comp_bond.value_order 
_chem_comp_bond.pdbx_aromatic_flag 
_chem_comp_bond.pdbx_stereo_config 
_chem_comp_bond.pdbx_ordinal 
ALA N   CA   sing N N 1   
ALA N   H    sing N N 2   
ALA N   H2   sing N N 3   
ALA CA  C    sing N N 4   
ALA CA  CB   sing N N 5   
ALA CA  HA   sing N N 6   
ALA C   O    doub N N 7   
ALA C   OXT  sing N N 8   
ALA CB  HB1  sing N N 9   
ALA CB  HB2  sing N N 10  
ALA CB  HB3  sing N N 11  
ALA OXT HXT  sing N N 12  
ARG N   CA   sing N N 13  
ARG N   H    sing N N 14  
ARG N   H2   sing N N 15  
ARG CA  C    sing N N 16  
ARG CA  CB   sing N N 17  
ARG CA  HA   sing N N 18  
ARG C   O    doub N N 19  
ARG C   OXT  sing N N 20  
ARG CB  CG   sing N N 21  
ARG CB  HB2  sing N N 22  
ARG CB  HB3  sing N N 23  
ARG CG  CD   sing N N 24  
ARG CG  HG2  sing N N 25  
ARG CG  HG3  sing N N 26  
ARG CD  NE   sing N N 27  
ARG CD  HD2  sing N N 28  
ARG CD  HD3  sing N N 29  
ARG NE  CZ   sing N N 30  
ARG NE  HE   sing N N 31  
ARG CZ  NH1  sing N N 32  
ARG CZ  NH2  doub N N 33  
ARG NH1 HH11 sing N N 34  
ARG NH1 HH12 sing N N 35  
ARG NH2 HH21 sing N N 36  
ARG NH2 HH22 sing N N 37  
ARG OXT HXT  sing N N 38  
ASP N   CA   sing N N 39  
ASP N   H    sing N N 40  
ASP N   H2   sing N N 41  
ASP CA  C    sing N N 42  
ASP CA  CB   sing N N 43  
ASP CA  HA   sing N N 44  
ASP C   O    doub N N 45  
ASP C   OXT  sing N N 46  
ASP CB  CG   sing N N 47  
ASP CB  HB2  sing N N 48  
ASP CB  HB3  sing N N 49  
ASP CG  OD1  doub N N 50  
ASP CG  OD2  sing N N 51  
ASP OD2 HD2  sing N N 52  
ASP OXT HXT  sing N N 53  
CYS N   CA   sing N N 54  
CYS N   H    sing N N 55  
CYS N   H2   sing N N 56  
CYS CA  C    sing N N 57  
CYS CA  CB   sing N N 58  
CYS CA  HA   sing N N 59  
CYS C   O    doub N N 60  
CYS C   OXT  sing N N 61  
CYS CB  SG   sing N N 62  
CYS CB  HB2  sing N N 63  
CYS CB  HB3  sing N N 64  
CYS SG  HG   sing N N 65  
CYS OXT HXT  sing N N 66  
GLN N   CA   sing N N 67  
GLN N   H    sing N N 68  
GLN N   H2   sing N N 69  
GLN CA  C    sing N N 70  
GLN CA  CB   sing N N 71  
GLN CA  HA   sing N N 72  
GLN C   O    doub N N 73  
GLN C   OXT  sing N N 74  
GLN CB  CG   sing N N 75  
GLN CB  HB2  sing N N 76  
GLN CB  HB3  sing N N 77  
GLN CG  CD   sing N N 78  
GLN CG  HG2  sing N N 79  
GLN CG  HG3  sing N N 80  
GLN CD  OE1  doub N N 81  
GLN CD  NE2  sing N N 82  
GLN NE2 HE21 sing N N 83  
GLN NE2 HE22 sing N N 84  
GLN OXT HXT  sing N N 85  
GLU N   CA   sing N N 86  
GLU N   H    sing N N 87  
GLU N   H2   sing N N 88  
GLU CA  C    sing N N 89  
GLU CA  CB   sing N N 90  
GLU CA  HA   sing N N 91  
GLU C   O    doub N N 92  
GLU C   OXT  sing N N 93  
GLU CB  CG   sing N N 94  
GLU CB  HB2  sing N N 95  
GLU CB  HB3  sing N N 96  
GLU CG  CD   sing N N 97  
GLU CG  HG2  sing N N 98  
GLU CG  HG3  sing N N 99  
GLU CD  OE1  doub N N 100 
GLU CD  OE2  sing N N 101 
GLU OE2 HE2  sing N N 102 
GLU OXT HXT  sing N N 103 
GLY N   CA   sing N N 104 
GLY N   H    sing N N 105 
GLY N   H2   sing N N 106 
GLY CA  C    sing N N 107 
GLY CA  HA2  sing N N 108 
GLY CA  HA3  sing N N 109 
GLY C   O    doub N N 110 
GLY C   OXT  sing N N 111 
GLY OXT HXT  sing N N 112 
HIS N   CA   sing N N 113 
HIS N   H    sing N N 114 
HIS N   H2   sing N N 115 
HIS CA  C    sing N N 116 
HIS CA  CB   sing N N 117 
HIS CA  HA   sing N N 118 
HIS C   O    doub N N 119 
HIS C   OXT  sing N N 120 
HIS CB  CG   sing N N 121 
HIS CB  HB2  sing N N 122 
HIS CB  HB3  sing N N 123 
HIS CG  ND1  sing Y N 124 
HIS CG  CD2  doub Y N 125 
HIS ND1 CE1  doub Y N 126 
HIS ND1 HD1  sing N N 127 
HIS CD2 NE2  sing Y N 128 
HIS CD2 HD2  sing N N 129 
HIS CE1 NE2  sing Y N 130 
HIS CE1 HE1  sing N N 131 
HIS NE2 HE2  sing N N 132 
HIS OXT HXT  sing N N 133 
HOH O   H1   sing N N 134 
HOH O   H2   sing N N 135 
ILE N   CA   sing N N 136 
ILE N   H    sing N N 137 
ILE N   H2   sing N N 138 
ILE CA  C    sing N N 139 
ILE CA  CB   sing N N 140 
ILE CA  HA   sing N N 141 
ILE C   O    doub N N 142 
ILE C   OXT  sing N N 143 
ILE CB  CG1  sing N N 144 
ILE CB  CG2  sing N N 145 
ILE CB  HB   sing N N 146 
ILE CG1 CD1  sing N N 147 
ILE CG1 HG12 sing N N 148 
ILE CG1 HG13 sing N N 149 
ILE CG2 HG21 sing N N 150 
ILE CG2 HG22 sing N N 151 
ILE CG2 HG23 sing N N 152 
ILE CD1 HD11 sing N N 153 
ILE CD1 HD12 sing N N 154 
ILE CD1 HD13 sing N N 155 
ILE OXT HXT  sing N N 156 
LEU N   CA   sing N N 157 
LEU N   H    sing N N 158 
LEU N   H2   sing N N 159 
LEU CA  C    sing N N 160 
LEU CA  CB   sing N N 161 
LEU CA  HA   sing N N 162 
LEU C   O    doub N N 163 
LEU C   OXT  sing N N 164 
LEU CB  CG   sing N N 165 
LEU CB  HB2  sing N N 166 
LEU CB  HB3  sing N N 167 
LEU CG  CD1  sing N N 168 
LEU CG  CD2  sing N N 169 
LEU CG  HG   sing N N 170 
LEU CD1 HD11 sing N N 171 
LEU CD1 HD12 sing N N 172 
LEU CD1 HD13 sing N N 173 
LEU CD2 HD21 sing N N 174 
LEU CD2 HD22 sing N N 175 
LEU CD2 HD23 sing N N 176 
LEU OXT HXT  sing N N 177 
LYS N   CA   sing N N 178 
LYS N   H    sing N N 179 
LYS N   H2   sing N N 180 
LYS CA  C    sing N N 181 
LYS CA  CB   sing N N 182 
LYS CA  HA   sing N N 183 
LYS C   O    doub N N 184 
LYS C   OXT  sing N N 185 
LYS CB  CG   sing N N 186 
LYS CB  HB2  sing N N 187 
LYS CB  HB3  sing N N 188 
LYS CG  CD   sing N N 189 
LYS CG  HG2  sing N N 190 
LYS CG  HG3  sing N N 191 
LYS CD  CE   sing N N 192 
LYS CD  HD2  sing N N 193 
LYS CD  HD3  sing N N 194 
LYS CE  NZ   sing N N 195 
LYS CE  HE2  sing N N 196 
LYS CE  HE3  sing N N 197 
LYS NZ  HZ1  sing N N 198 
LYS NZ  HZ2  sing N N 199 
LYS NZ  HZ3  sing N N 200 
LYS OXT HXT  sing N N 201 
MET N   CA   sing N N 202 
MET N   H    sing N N 203 
MET N   H2   sing N N 204 
MET CA  C    sing N N 205 
MET CA  CB   sing N N 206 
MET CA  HA   sing N N 207 
MET C   O    doub N N 208 
MET C   OXT  sing N N 209 
MET CB  CG   sing N N 210 
MET CB  HB2  sing N N 211 
MET CB  HB3  sing N N 212 
MET CG  SD   sing N N 213 
MET CG  HG2  sing N N 214 
MET CG  HG3  sing N N 215 
MET SD  CE   sing N N 216 
MET CE  HE1  sing N N 217 
MET CE  HE2  sing N N 218 
MET CE  HE3  sing N N 219 
MET OXT HXT  sing N N 220 
PHE N   CA   sing N N 221 
PHE N   H    sing N N 222 
PHE N   H2   sing N N 223 
PHE CA  C    sing N N 224 
PHE CA  CB   sing N N 225 
PHE CA  HA   sing N N 226 
PHE C   O    doub N N 227 
PHE C   OXT  sing N N 228 
PHE CB  CG   sing N N 229 
PHE CB  HB2  sing N N 230 
PHE CB  HB3  sing N N 231 
PHE CG  CD1  doub Y N 232 
PHE CG  CD2  sing Y N 233 
PHE CD1 CE1  sing Y N 234 
PHE CD1 HD1  sing N N 235 
PHE CD2 CE2  doub Y N 236 
PHE CD2 HD2  sing N N 237 
PHE CE1 CZ   doub Y N 238 
PHE CE1 HE1  sing N N 239 
PHE CE2 CZ   sing Y N 240 
PHE CE2 HE2  sing N N 241 
PHE CZ  HZ   sing N N 242 
PHE OXT HXT  sing N N 243 
PRO N   CA   sing N N 244 
PRO N   CD   sing N N 245 
PRO N   H    sing N N 246 
PRO CA  C    sing N N 247 
PRO CA  CB   sing N N 248 
PRO CA  HA   sing N N 249 
PRO C   O    doub N N 250 
PRO C   OXT  sing N N 251 
PRO CB  CG   sing N N 252 
PRO CB  HB2  sing N N 253 
PRO CB  HB3  sing N N 254 
PRO CG  CD   sing N N 255 
PRO CG  HG2  sing N N 256 
PRO CG  HG3  sing N N 257 
PRO CD  HD2  sing N N 258 
PRO CD  HD3  sing N N 259 
PRO OXT HXT  sing N N 260 
SER N   CA   sing N N 261 
SER N   H    sing N N 262 
SER N   H2   sing N N 263 
SER CA  C    sing N N 264 
SER CA  CB   sing N N 265 
SER CA  HA   sing N N 266 
SER C   O    doub N N 267 
SER C   OXT  sing N N 268 
SER CB  OG   sing N N 269 
SER CB  HB2  sing N N 270 
SER CB  HB3  sing N N 271 
SER OG  HG   sing N N 272 
SER OXT HXT  sing N N 273 
THR N   CA   sing N N 274 
THR N   H    sing N N 275 
THR N   H2   sing N N 276 
THR CA  C    sing N N 277 
THR CA  CB   sing N N 278 
THR CA  HA   sing N N 279 
THR C   O    doub N N 280 
THR C   OXT  sing N N 281 
THR CB  OG1  sing N N 282 
THR CB  CG2  sing N N 283 
THR CB  HB   sing N N 284 
THR OG1 HG1  sing N N 285 
THR CG2 HG21 sing N N 286 
THR CG2 HG22 sing N N 287 
THR CG2 HG23 sing N N 288 
THR OXT HXT  sing N N 289 
TRP N   CA   sing N N 290 
TRP N   H    sing N N 291 
TRP N   H2   sing N N 292 
TRP CA  C    sing N N 293 
TRP CA  CB   sing N N 294 
TRP CA  HA   sing N N 295 
TRP C   O    doub N N 296 
TRP C   OXT  sing N N 297 
TRP CB  CG   sing N N 298 
TRP CB  HB2  sing N N 299 
TRP CB  HB3  sing N N 300 
TRP CG  CD1  doub Y N 301 
TRP CG  CD2  sing Y N 302 
TRP CD1 NE1  sing Y N 303 
TRP CD1 HD1  sing N N 304 
TRP CD2 CE2  doub Y N 305 
TRP CD2 CE3  sing Y N 306 
TRP NE1 CE2  sing Y N 307 
TRP NE1 HE1  sing N N 308 
TRP CE2 CZ2  sing Y N 309 
TRP CE3 CZ3  doub Y N 310 
TRP CE3 HE3  sing N N 311 
TRP CZ2 CH2  doub Y N 312 
TRP CZ2 HZ2  sing N N 313 
TRP CZ3 CH2  sing Y N 314 
TRP CZ3 HZ3  sing N N 315 
TRP CH2 HH2  sing N N 316 
TRP OXT HXT  sing N N 317 
VAL N   CA   sing N N 318 
VAL N   H    sing N N 319 
VAL N   H2   sing N N 320 
VAL CA  C    sing N N 321 
VAL CA  CB   sing N N 322 
VAL CA  HA   sing N N 323 
VAL C   O    doub N N 324 
VAL C   OXT  sing N N 325 
VAL CB  CG1  sing N N 326 
VAL CB  CG2  sing N N 327 
VAL CB  HB   sing N N 328 
VAL CG1 HG11 sing N N 329 
VAL CG1 HG12 sing N N 330 
VAL CG1 HG13 sing N N 331 
VAL CG2 HG21 sing N N 332 
VAL CG2 HG22 sing N N 333 
VAL CG2 HG23 sing N N 334 
VAL OXT HXT  sing N N 335 
# 
_pdbx_entity_nonpoly.entity_id   2 
_pdbx_entity_nonpoly.name        water 
_pdbx_entity_nonpoly.comp_id     HOH 
# 
_pdbx_initial_refinement_model.id               1 
_pdbx_initial_refinement_model.entity_id_list   ? 
_pdbx_initial_refinement_model.type             'experimental model' 
_pdbx_initial_refinement_model.source_name      PDB 
_pdbx_initial_refinement_model.accession_code   2M8D 
_pdbx_initial_refinement_model.details          ? 
# 
_pdbx_struct_assembly_auth_evidence.id                     1 
_pdbx_struct_assembly_auth_evidence.assembly_id            1 
_pdbx_struct_assembly_auth_evidence.experimental_support   'gel filtration' 
_pdbx_struct_assembly_auth_evidence.details                ? 
# 
